data_2I3A
#
_entry.id   2I3A
#
_cell.length_a   89.695
_cell.length_b   104.031
_cell.length_c   138.435
_cell.angle_alpha   90.00
_cell.angle_beta   90.00
_cell.angle_gamma   90.00
#
_symmetry.space_group_name_H-M   'P 21 21 21'
#
loop_
_entity.id
_entity.type
_entity.pdbx_description
1 polymer 'N-acetyl-gamma-glutamyl-phosphate reductase'
2 non-polymer 2-[BIS-(2-HYDROXY-ETHYL)-AMINO]-2-HYDROXYMETHYL-PROPANE-1,3-DIOL
3 water water
#
_entity_poly.entity_id   1
_entity_poly.type   'polypeptide(L)'
_entity_poly.pdbx_seq_one_letter_code
;MQNRQVANATKVAVAGASGYAGGEILRLLLGHPAYADGRLRIGALTAATSAGSTLGEHHPHLTPLAHRVVEPTEAAVLGG
HDAVFLALPHGHSAVLAQQLSPETLIIDCGADFRLTDAAVWERFYGSSHAGSWPYGLPELPGARDQLRGTRRIAVPGCYP
TAALLALFPALAADLIEPAVTVVAVSGTSGAGRAATTDLLGAEVIGSARAYNIAGVHRHTPEIAQGLRAVTDRDVSVSFT
PVLIPASRGILATCTARTRSPLSQLRAAYEKAYHAEPFIYLMPEGQLPRTGAVIGSNAAHIAVAVDEDAQTFVAIAAIDN
LVKGTAGAAVQSMNLALGWPETDGLSVVGVAP
;
_entity_poly.pdbx_strand_id   A,B,C,D
#
loop_
_chem_comp.id
_chem_comp.type
_chem_comp.name
_chem_comp.formula
BTB non-polymer 2-[BIS-(2-HYDROXY-ETHYL)-AMINO]-2-HYDROXYMETHYL-PROPANE-1,3-DIOL 'C8 H19 N O5'
#
# COMPACT_ATOMS: atom_id res chain seq x y z
N ALA A 9 22.86 -11.63 -35.88
CA ALA A 9 22.32 -12.37 -34.66
C ALA A 9 22.97 -11.93 -33.30
N THR A 10 22.32 -10.99 -32.60
CA THR A 10 22.91 -10.45 -31.37
C THR A 10 22.60 -11.39 -30.20
N LYS A 11 23.62 -11.95 -29.55
CA LYS A 11 23.36 -12.79 -28.39
C LYS A 11 23.72 -12.01 -27.13
N VAL A 12 22.78 -12.02 -26.19
CA VAL A 12 22.86 -11.17 -24.99
C VAL A 12 23.00 -11.99 -23.72
N ALA A 13 23.99 -11.70 -22.88
CA ALA A 13 24.02 -12.31 -21.54
C ALA A 13 23.51 -11.28 -20.53
N VAL A 14 22.87 -11.76 -19.46
CA VAL A 14 22.49 -10.89 -18.36
C VAL A 14 23.21 -11.37 -17.09
N ALA A 15 24.16 -10.61 -16.58
CA ALA A 15 24.77 -10.95 -15.27
C ALA A 15 23.97 -10.29 -14.15
N GLY A 16 23.65 -11.06 -13.10
CA GLY A 16 22.84 -10.55 -12.02
C GLY A 16 21.40 -10.68 -12.46
N ALA A 17 21.08 -11.78 -13.13
CA ALA A 17 19.77 -11.99 -13.71
C ALA A 17 18.66 -12.11 -12.68
N SER A 18 19.05 -12.39 -11.43
CA SER A 18 18.07 -12.67 -10.40
C SER A 18 17.66 -11.44 -9.56
N GLY A 19 18.35 -10.31 -9.72
CA GLY A 19 17.91 -9.06 -9.07
C GLY A 19 16.76 -8.40 -9.82
N TYR A 20 16.23 -7.30 -9.25
CA TYR A 20 15.15 -6.56 -9.91
C TYR A 20 15.59 -5.93 -11.23
N ALA A 21 16.79 -5.37 -11.32
CA ALA A 21 17.27 -4.72 -12.59
C ALA A 21 17.46 -5.72 -13.74
N GLY A 22 18.03 -6.88 -13.44
CA GLY A 22 18.23 -7.93 -14.45
C GLY A 22 16.92 -8.55 -14.92
N GLY A 23 15.99 -8.73 -14.00
CA GLY A 23 14.62 -9.16 -14.38
C GLY A 23 13.90 -8.16 -15.24
N GLU A 24 14.18 -6.88 -15.06
CA GLU A 24 13.51 -5.86 -15.87
C GLU A 24 14.15 -5.76 -17.25
N ILE A 25 15.47 -5.88 -17.31
CA ILE A 25 16.15 -6.02 -18.55
C ILE A 25 15.49 -7.17 -19.33
N LEU A 26 15.35 -8.32 -18.68
CA LEU A 26 14.75 -9.48 -19.29
C LEU A 26 13.31 -9.23 -19.78
N ARG A 27 12.47 -8.62 -18.93
CA ARG A 27 11.15 -8.21 -19.43
C ARG A 27 11.18 -7.40 -20.74
N LEU A 28 12.08 -6.43 -20.81
CA LEU A 28 12.13 -5.53 -21.95
C LEU A 28 12.75 -6.25 -23.17
N LEU A 29 13.71 -7.15 -22.93
CA LEU A 29 14.26 -8.00 -23.98
C LEU A 29 13.17 -8.89 -24.59
N LEU A 30 12.34 -9.54 -23.78
CA LEU A 30 11.18 -10.30 -24.32
C LEU A 30 10.13 -9.55 -25.17
N GLY A 31 9.86 -8.26 -24.90
CA GLY A 31 8.92 -7.46 -25.74
C GLY A 31 9.60 -6.65 -26.85
N HIS A 32 10.92 -6.79 -26.98
CA HIS A 32 11.69 -6.00 -27.96
C HIS A 32 11.38 -6.57 -29.37
N PRO A 33 11.23 -5.69 -30.41
CA PRO A 33 10.99 -6.22 -31.78
C PRO A 33 12.09 -7.12 -32.39
N ALA A 34 13.34 -6.96 -31.95
CA ALA A 34 14.47 -7.77 -32.36
C ALA A 34 14.47 -9.14 -31.74
N TYR A 35 13.80 -9.26 -30.61
CA TYR A 35 13.64 -10.56 -30.04
C TYR A 35 12.55 -11.25 -30.86
N ALA A 36 11.46 -10.54 -31.15
CA ALA A 36 10.36 -11.04 -32.02
C ALA A 36 10.79 -11.61 -33.40
N ASP A 37 11.71 -10.94 -34.09
CA ASP A 37 12.04 -11.35 -35.45
C ASP A 37 13.40 -12.07 -35.51
N GLY A 38 13.94 -12.36 -34.34
CA GLY A 38 15.10 -13.23 -34.21
C GLY A 38 16.42 -12.53 -34.30
N ARG A 39 16.39 -11.21 -34.46
CA ARG A 39 17.63 -10.48 -34.44
C ARG A 39 18.31 -10.52 -33.08
N LEU A 40 17.55 -10.78 -32.03
CA LEU A 40 18.11 -10.79 -30.67
C LEU A 40 17.73 -12.07 -29.96
N ARG A 41 18.74 -12.74 -29.40
CA ARG A 41 18.55 -13.97 -28.63
C ARG A 41 19.08 -13.73 -27.26
N ILE A 42 18.46 -14.36 -26.27
CA ILE A 42 18.85 -14.20 -24.87
C ILE A 42 19.68 -15.40 -24.49
N GLY A 43 20.89 -15.15 -24.05
CA GLY A 43 21.87 -16.20 -23.79
C GLY A 43 22.00 -16.47 -22.32
N ALA A 44 23.23 -16.52 -21.83
CA ALA A 44 23.47 -16.89 -20.44
C ALA A 44 22.83 -15.90 -19.44
N LEU A 45 22.29 -16.46 -18.37
CA LEU A 45 21.69 -15.71 -17.25
C LEU A 45 22.47 -16.11 -16.02
N THR A 46 23.11 -15.15 -15.37
CA THR A 46 23.99 -15.46 -14.29
C THR A 46 23.70 -14.76 -12.96
N ALA A 47 23.91 -15.48 -11.85
CA ALA A 47 23.92 -14.87 -10.52
C ALA A 47 24.99 -15.50 -9.62
N ALA A 48 25.22 -14.88 -8.44
CA ALA A 48 26.35 -15.20 -7.56
C ALA A 48 26.01 -16.36 -6.66
N THR A 49 24.84 -16.29 -6.02
CA THR A 49 24.36 -17.46 -5.30
C THR A 49 23.33 -18.18 -6.17
N SER A 50 22.89 -19.36 -5.73
CA SER A 50 21.76 -20.10 -6.34
C SER A 50 21.95 -20.44 -7.85
N ALA A 51 23.21 -20.60 -8.26
CA ALA A 51 23.46 -21.26 -9.55
C ALA A 51 22.83 -22.65 -9.44
N GLY A 52 22.19 -23.07 -10.53
CA GLY A 52 21.40 -24.31 -10.56
C GLY A 52 19.89 -24.15 -10.50
N SER A 53 19.42 -23.10 -9.81
CA SER A 53 17.99 -22.77 -9.81
C SER A 53 17.54 -22.40 -11.21
N THR A 54 16.24 -22.45 -11.43
CA THR A 54 15.65 -21.95 -12.67
C THR A 54 15.21 -20.47 -12.47
N LEU A 55 15.02 -19.73 -13.56
CA LEU A 55 14.75 -18.31 -13.47
C LEU A 55 13.33 -18.09 -12.89
N GLY A 56 12.45 -19.03 -13.14
CA GLY A 56 11.08 -19.07 -12.59
C GLY A 56 10.99 -18.87 -11.10
N GLU A 57 12.03 -19.30 -10.37
CA GLU A 57 12.08 -19.20 -8.92
C GLU A 57 12.45 -17.78 -8.46
N HIS A 58 13.16 -17.01 -9.29
CA HIS A 58 13.48 -15.63 -8.99
C HIS A 58 12.48 -14.67 -9.57
N HIS A 59 12.01 -14.99 -10.76
CA HIS A 59 11.17 -14.05 -11.48
C HIS A 59 9.97 -14.76 -12.04
N PRO A 60 8.92 -14.96 -11.22
CA PRO A 60 7.73 -15.64 -11.76
C PRO A 60 6.89 -14.92 -12.79
N HIS A 61 7.13 -13.62 -12.99
CA HIS A 61 6.49 -12.91 -14.12
C HIS A 61 7.06 -13.29 -15.48
N LEU A 62 8.33 -13.71 -15.52
CA LEU A 62 9.02 -13.95 -16.81
C LEU A 62 8.80 -15.41 -17.26
N THR A 63 7.53 -15.80 -17.38
CA THR A 63 7.19 -17.17 -17.71
C THR A 63 7.82 -17.72 -18.99
N PRO A 64 8.01 -16.90 -20.07
CA PRO A 64 8.70 -17.50 -21.24
C PRO A 64 10.13 -18.01 -20.95
N LEU A 65 10.75 -17.53 -19.89
CA LEU A 65 12.11 -17.85 -19.51
C LEU A 65 12.18 -18.67 -18.23
N ALA A 66 11.04 -19.17 -17.75
CA ALA A 66 10.94 -19.73 -16.39
C ALA A 66 11.83 -20.97 -16.20
N HIS A 67 12.06 -21.68 -17.31
CA HIS A 67 12.87 -22.91 -17.38
C HIS A 67 14.38 -22.68 -17.50
N ARG A 68 14.83 -21.48 -17.86
CA ARG A 68 16.26 -21.18 -17.93
C ARG A 68 16.98 -21.44 -16.62
N VAL A 69 18.18 -21.99 -16.69
CA VAL A 69 18.98 -22.27 -15.49
C VAL A 69 19.90 -21.08 -15.28
N VAL A 70 19.93 -20.58 -14.06
CA VAL A 70 20.82 -19.49 -13.64
C VAL A 70 22.23 -20.11 -13.45
N GLU A 71 23.18 -19.59 -14.20
CA GLU A 71 24.58 -20.04 -14.18
C GLU A 71 25.37 -19.16 -13.22
N PRO A 72 26.53 -19.65 -12.74
CA PRO A 72 27.31 -18.72 -11.90
C PRO A 72 27.89 -17.63 -12.74
N THR A 73 28.04 -16.44 -12.18
CA THR A 73 28.63 -15.31 -12.91
C THR A 73 30.16 -15.50 -13.00
N GLU A 74 30.64 -15.82 -14.20
CA GLU A 74 32.08 -15.97 -14.49
C GLU A 74 32.34 -15.32 -15.81
N ALA A 75 33.52 -14.70 -15.93
CA ALA A 75 33.97 -14.07 -17.18
C ALA A 75 33.80 -14.94 -18.42
N ALA A 76 34.03 -16.25 -18.30
CA ALA A 76 33.99 -17.16 -19.47
C ALA A 76 32.57 -17.42 -19.90
N VAL A 77 31.67 -17.53 -18.92
CA VAL A 77 30.25 -17.79 -19.19
C VAL A 77 29.54 -16.59 -19.82
N LEU A 78 30.01 -15.39 -19.45
CA LEU A 78 29.58 -14.13 -20.07
C LEU A 78 30.27 -13.90 -21.41
N GLY A 79 31.43 -14.56 -21.58
CA GLY A 79 32.14 -14.58 -22.85
C GLY A 79 31.22 -15.21 -23.88
N GLY A 80 31.52 -15.00 -25.15
CA GLY A 80 30.75 -15.63 -26.22
C GLY A 80 29.41 -15.02 -26.56
N HIS A 81 29.16 -13.81 -26.05
CA HIS A 81 27.95 -12.99 -26.40
C HIS A 81 28.33 -11.64 -26.97
N ASP A 82 27.45 -11.08 -27.76
CA ASP A 82 27.65 -9.81 -28.39
C ASP A 82 27.31 -8.55 -27.54
N ALA A 83 26.44 -8.71 -26.54
CA ALA A 83 26.11 -7.64 -25.59
C ALA A 83 26.07 -8.34 -24.24
N VAL A 84 26.60 -7.71 -23.20
CA VAL A 84 26.51 -8.24 -21.83
C VAL A 84 26.01 -7.14 -20.90
N PHE A 85 24.87 -7.39 -20.29
CA PHE A 85 24.32 -6.49 -19.27
C PHE A 85 24.86 -6.99 -17.97
N LEU A 86 25.52 -6.11 -17.21
CA LEU A 86 25.94 -6.46 -15.86
C LEU A 86 25.00 -5.67 -14.93
N ALA A 87 24.07 -6.36 -14.27
CA ALA A 87 23.02 -5.68 -13.47
C ALA A 87 23.37 -5.95 -12.06
N LEU A 88 24.51 -5.43 -11.68
CA LEU A 88 24.84 -5.27 -10.29
C LEU A 88 24.85 -3.72 -10.06
N PRO A 89 23.63 -3.08 -9.88
CA PRO A 89 23.51 -1.63 -9.57
C PRO A 89 24.06 -1.23 -8.18
N HIS A 90 24.07 -2.21 -7.25
CA HIS A 90 24.84 -2.09 -5.99
C HIS A 90 26.07 -3.00 -5.97
N GLY A 91 26.39 -3.62 -7.13
CA GLY A 91 27.58 -4.48 -7.37
C GLY A 91 28.84 -3.72 -7.74
N HIS A 92 29.89 -4.44 -8.13
CA HIS A 92 31.19 -3.84 -8.54
C HIS A 92 31.94 -4.70 -9.59
N SER A 93 31.50 -4.52 -10.83
CA SER A 93 31.78 -5.31 -12.03
C SER A 93 33.02 -4.93 -12.84
N ALA A 94 33.86 -4.06 -12.29
CA ALA A 94 35.06 -3.59 -12.98
C ALA A 94 35.96 -4.80 -13.37
N VAL A 95 35.96 -5.81 -12.50
CA VAL A 95 36.75 -7.06 -12.70
C VAL A 95 36.29 -7.84 -13.93
N LEU A 96 35.00 -8.17 -13.97
CA LEU A 96 34.41 -8.92 -15.11
C LEU A 96 34.67 -8.21 -16.40
N ALA A 97 34.50 -6.90 -16.36
CA ALA A 97 34.47 -6.05 -17.54
C ALA A 97 35.81 -5.92 -18.20
N GLN A 98 36.89 -5.94 -17.39
CA GLN A 98 38.25 -5.89 -17.99
C GLN A 98 38.66 -7.19 -18.76
N GLN A 99 37.96 -8.31 -18.46
CA GLN A 99 38.16 -9.55 -19.20
C GLN A 99 37.10 -9.88 -20.27
N LEU A 100 36.76 -8.90 -21.12
CA LEU A 100 35.82 -9.14 -22.24
C LEU A 100 36.20 -8.35 -23.49
N SER A 101 35.99 -8.94 -24.66
CA SER A 101 36.39 -8.35 -25.94
C SER A 101 35.97 -6.87 -26.06
N PRO A 102 36.92 -5.97 -26.39
CA PRO A 102 36.55 -4.56 -26.54
C PRO A 102 35.51 -4.37 -27.63
N GLU A 103 35.12 -5.48 -28.29
CA GLU A 103 34.11 -5.43 -29.34
C GLU A 103 32.80 -6.01 -28.79
N THR A 104 32.84 -6.64 -27.62
CA THR A 104 31.58 -6.97 -26.89
C THR A 104 30.99 -5.64 -26.39
N LEU A 105 29.71 -5.39 -26.67
CA LEU A 105 28.96 -4.27 -26.06
C LEU A 105 28.76 -4.62 -24.59
N ILE A 106 29.37 -3.85 -23.70
CA ILE A 106 29.10 -3.97 -22.28
C ILE A 106 28.23 -2.78 -21.80
N ILE A 107 27.07 -3.11 -21.25
CA ILE A 107 26.14 -2.15 -20.59
C ILE A 107 26.15 -2.47 -19.08
N ASP A 108 26.86 -1.63 -18.34
CA ASP A 108 26.98 -1.82 -16.91
C ASP A 108 25.91 -0.95 -16.22
N CYS A 109 25.03 -1.60 -15.47
CA CYS A 109 24.02 -0.94 -14.61
C CYS A 109 24.61 -0.40 -13.31
N GLY A 110 25.75 -0.99 -12.91
CA GLY A 110 26.51 -0.53 -11.75
C GLY A 110 27.12 0.87 -11.92
N ALA A 111 27.75 1.31 -10.83
CA ALA A 111 28.38 2.62 -10.76
C ALA A 111 29.84 2.65 -11.20
N ASP A 112 30.44 1.48 -11.42
CA ASP A 112 31.94 1.40 -11.59
C ASP A 112 32.45 2.36 -12.64
N PHE A 113 31.71 2.56 -13.73
CA PHE A 113 32.18 3.41 -14.83
C PHE A 113 31.40 4.72 -15.05
N ARG A 114 30.65 5.14 -14.04
CA ARG A 114 29.86 6.37 -14.11
C ARG A 114 30.60 7.69 -13.94
N LEU A 115 31.49 7.74 -12.95
CA LEU A 115 32.11 8.96 -12.47
C LEU A 115 33.42 9.22 -13.18
N THR A 116 33.65 10.49 -13.51
CA THR A 116 34.80 10.91 -14.25
C THR A 116 35.93 11.41 -13.36
N ASP A 117 35.69 11.51 -12.06
CA ASP A 117 36.70 12.02 -11.17
C ASP A 117 37.05 11.00 -10.14
N ALA A 118 38.35 10.65 -10.12
CA ALA A 118 38.89 9.55 -9.34
C ALA A 118 38.94 9.88 -7.89
N ALA A 119 39.31 11.12 -7.57
CA ALA A 119 39.25 11.61 -6.19
C ALA A 119 37.82 11.46 -5.61
N VAL A 120 36.80 11.93 -6.34
CA VAL A 120 35.36 11.72 -5.95
C VAL A 120 34.98 10.23 -5.79
N TRP A 121 35.32 9.40 -6.82
CA TRP A 121 35.05 7.98 -6.78
C TRP A 121 35.59 7.39 -5.48
N GLU A 122 36.87 7.63 -5.19
CA GLU A 122 37.50 6.97 -4.04
C GLU A 122 36.85 7.35 -2.74
N ARG A 123 36.55 8.63 -2.62
CA ARG A 123 35.91 9.18 -1.46
C ARG A 123 34.55 8.53 -1.13
N PHE A 124 33.73 8.29 -2.15
CA PHE A 124 32.34 7.87 -2.00
C PHE A 124 32.20 6.37 -2.05
N TYR A 125 33.16 5.71 -2.69
CA TYR A 125 33.07 4.28 -2.89
C TYR A 125 34.19 3.48 -2.19
N GLY A 126 35.23 4.16 -1.74
CA GLY A 126 36.30 3.52 -0.95
C GLY A 126 37.01 2.37 -1.66
N SER A 127 37.37 2.60 -2.92
CA SER A 127 38.04 1.62 -3.75
C SER A 127 38.77 2.39 -4.82
N SER A 128 39.38 1.68 -5.75
CA SER A 128 40.15 2.26 -6.82
C SER A 128 39.23 2.54 -7.97
N HIS A 129 39.35 3.77 -8.53
CA HIS A 129 38.60 4.23 -9.70
C HIS A 129 38.88 3.33 -10.91
N ALA A 130 37.83 2.78 -11.51
CA ALA A 130 38.01 1.92 -12.67
C ALA A 130 38.11 2.71 -13.96
N GLY A 131 37.66 3.96 -13.93
CA GLY A 131 37.54 4.71 -15.17
C GLY A 131 36.10 5.14 -15.44
N SER A 132 35.87 5.69 -16.63
CA SER A 132 34.55 6.12 -16.99
C SER A 132 34.18 5.71 -18.42
N TRP A 133 32.89 5.37 -18.64
CA TRP A 133 32.36 5.04 -19.96
C TRP A 133 31.26 6.01 -20.37
N PRO A 134 30.92 6.08 -21.67
CA PRO A 134 29.68 6.78 -22.07
C PRO A 134 28.47 6.57 -21.13
N TYR A 135 27.99 7.69 -20.57
CA TYR A 135 26.87 7.72 -19.66
C TYR A 135 25.56 7.48 -20.42
N GLY A 136 24.87 6.41 -20.03
CA GLY A 136 23.67 6.04 -20.75
C GLY A 136 22.46 6.90 -20.41
N LEU A 137 22.60 8.21 -20.53
CA LEU A 137 21.41 9.09 -20.49
C LEU A 137 21.30 9.91 -21.80
N PRO A 138 20.67 9.34 -22.84
CA PRO A 138 20.82 9.96 -24.17
C PRO A 138 20.32 11.36 -24.25
N GLU A 139 19.52 11.80 -23.27
CA GLU A 139 18.87 13.10 -23.35
C GLU A 139 19.74 14.24 -22.85
N LEU A 140 20.80 13.94 -22.10
CA LEU A 140 21.75 14.94 -21.72
C LEU A 140 22.53 15.48 -22.93
N PRO A 141 22.89 16.79 -22.88
CA PRO A 141 23.58 17.44 -24.02
C PRO A 141 24.81 16.63 -24.41
N GLY A 142 24.91 16.23 -25.68
CA GLY A 142 26.11 15.54 -26.14
C GLY A 142 26.24 14.06 -25.75
N ALA A 143 25.27 13.51 -25.00
CA ALA A 143 25.39 12.12 -24.51
C ALA A 143 25.10 11.16 -25.61
N ARG A 144 24.11 11.50 -26.44
CA ARG A 144 23.63 10.63 -27.51
C ARG A 144 24.64 10.35 -28.59
N ASP A 145 25.55 11.29 -28.82
CA ASP A 145 26.62 11.13 -29.80
C ASP A 145 27.72 10.24 -29.28
N GLN A 146 28.00 10.32 -27.98
CA GLN A 146 28.91 9.35 -27.32
C GLN A 146 28.46 7.89 -27.39
N LEU A 147 27.15 7.67 -27.53
CA LEU A 147 26.49 6.38 -27.35
C LEU A 147 26.33 5.61 -28.67
N ARG A 148 26.18 6.36 -29.77
CA ARG A 148 26.08 5.78 -31.11
C ARG A 148 27.31 4.96 -31.51
N GLY A 149 27.09 3.67 -31.75
CA GLY A 149 28.20 2.74 -32.03
C GLY A 149 29.18 2.45 -30.90
N THR A 150 28.91 2.92 -29.68
CA THR A 150 29.79 2.62 -28.55
C THR A 150 29.76 1.11 -28.20
N ARG A 151 30.84 0.57 -27.64
CA ARG A 151 30.77 -0.77 -27.06
C ARG A 151 30.82 -0.74 -25.51
N ARG A 152 30.66 0.45 -24.94
CA ARG A 152 30.73 0.59 -23.46
C ARG A 152 29.68 1.61 -22.94
N ILE A 153 28.83 1.18 -22.01
CA ILE A 153 27.80 2.06 -21.42
C ILE A 153 27.81 1.92 -19.93
N ALA A 154 27.99 3.02 -19.22
CA ALA A 154 27.66 3.16 -17.79
C ALA A 154 26.22 3.69 -17.72
N VAL A 155 25.30 2.83 -17.30
CA VAL A 155 23.91 3.28 -17.05
C VAL A 155 23.87 4.19 -15.82
N PRO A 156 23.15 5.35 -15.90
CA PRO A 156 23.02 6.26 -14.73
C PRO A 156 22.23 5.65 -13.53
N GLY A 157 22.50 6.14 -12.33
CA GLY A 157 21.65 5.90 -11.17
C GLY A 157 20.20 6.32 -11.46
N CYS A 158 19.25 5.73 -10.73
CA CYS A 158 17.80 6.07 -10.88
C CYS A 158 17.57 7.50 -10.48
N TYR A 159 18.11 7.91 -9.32
CA TYR A 159 17.92 9.26 -8.82
C TYR A 159 18.58 10.36 -9.70
N PRO A 160 19.88 10.22 -10.09
CA PRO A 160 20.50 11.12 -11.10
C PRO A 160 19.72 11.27 -12.38
N THR A 161 19.09 10.19 -12.86
CA THR A 161 18.25 10.29 -14.01
C THR A 161 17.09 11.26 -13.78
N ALA A 162 16.34 11.05 -12.70
CA ALA A 162 15.20 11.93 -12.49
C ALA A 162 15.67 13.40 -12.28
N ALA A 163 16.74 13.61 -11.47
CA ALA A 163 17.16 14.98 -11.09
C ALA A 163 17.76 15.73 -12.24
N LEU A 164 18.63 15.06 -12.99
CA LEU A 164 19.23 15.59 -14.23
C LEU A 164 18.22 16.03 -15.27
N LEU A 165 17.26 15.18 -15.60
CA LEU A 165 16.14 15.54 -16.45
C LEU A 165 15.29 16.69 -15.90
N ALA A 166 15.09 16.77 -14.58
CA ALA A 166 14.34 17.91 -13.99
C ALA A 166 15.12 19.27 -14.12
N LEU A 167 16.43 19.22 -14.00
CA LEU A 167 17.19 20.40 -13.74
C LEU A 167 18.05 20.88 -14.91
N PHE A 168 18.47 19.98 -15.81
CA PHE A 168 19.61 20.38 -16.66
C PHE A 168 19.22 21.47 -17.66
N PRO A 169 17.97 21.47 -18.18
CA PRO A 169 17.72 22.54 -19.13
C PRO A 169 17.72 23.92 -18.52
N ALA A 170 17.23 24.07 -17.28
CA ALA A 170 17.29 25.37 -16.59
C ALA A 170 18.73 25.78 -16.36
N LEU A 171 19.57 24.85 -15.93
CA LEU A 171 20.94 25.20 -15.52
C LEU A 171 21.79 25.49 -16.75
N ALA A 172 21.66 24.67 -17.80
CA ALA A 172 22.30 24.90 -19.08
C ALA A 172 22.00 26.30 -19.67
N ALA A 173 20.76 26.78 -19.52
CA ALA A 173 20.34 28.07 -20.04
C ALA A 173 20.76 29.19 -19.11
N ASP A 174 21.43 28.82 -18.01
CA ASP A 174 21.84 29.76 -16.97
C ASP A 174 20.64 30.53 -16.37
N LEU A 175 19.52 29.84 -16.19
CA LEU A 175 18.28 30.46 -15.73
C LEU A 175 18.02 30.19 -14.25
N ILE A 176 18.87 29.42 -13.61
CA ILE A 176 18.80 29.22 -12.18
C ILE A 176 20.22 29.20 -11.62
N GLU A 177 20.33 29.43 -10.31
CA GLU A 177 21.60 29.30 -9.62
C GLU A 177 22.06 27.84 -9.45
N PRO A 178 23.38 27.65 -9.44
CA PRO A 178 23.91 26.29 -9.52
C PRO A 178 23.96 25.54 -8.16
N ALA A 179 23.28 26.08 -7.16
CA ALA A 179 23.09 25.37 -5.89
C ALA A 179 21.69 24.78 -5.90
N VAL A 180 21.60 23.45 -6.02
CA VAL A 180 20.29 22.80 -6.21
C VAL A 180 19.92 21.99 -5.00
N THR A 181 18.63 21.81 -4.81
CA THR A 181 18.13 20.92 -3.79
C THR A 181 17.24 19.88 -4.48
N VAL A 182 17.44 18.62 -4.10
CA VAL A 182 16.61 17.55 -4.60
C VAL A 182 16.12 16.71 -3.42
N VAL A 183 14.80 16.51 -3.37
CA VAL A 183 14.21 15.55 -2.46
C VAL A 183 13.43 14.58 -3.31
N ALA A 184 13.85 13.32 -3.36
CA ALA A 184 13.18 12.42 -4.28
C ALA A 184 12.58 11.23 -3.56
N VAL A 185 11.28 11.03 -3.71
CA VAL A 185 10.59 9.84 -3.21
C VAL A 185 10.71 8.69 -4.19
N SER A 186 10.91 7.50 -3.64
CA SER A 186 11.15 6.30 -4.41
C SER A 186 10.43 5.08 -3.84
N GLY A 187 9.94 4.23 -4.74
CA GLY A 187 9.53 2.89 -4.37
C GLY A 187 10.63 1.98 -3.85
N THR A 188 10.27 0.86 -3.23
CA THR A 188 11.33 0.12 -2.57
C THR A 188 12.14 -0.77 -3.48
N SER A 189 11.70 -1.07 -4.71
CA SER A 189 12.55 -1.88 -5.60
C SER A 189 13.93 -1.24 -5.89
N GLY A 190 14.01 0.08 -5.69
CA GLY A 190 15.24 0.85 -5.88
C GLY A 190 16.32 0.54 -4.87
N ALA A 191 15.94 -0.05 -3.74
CA ALA A 191 16.87 -0.46 -2.69
C ALA A 191 17.43 -1.85 -2.99
N GLY A 192 16.88 -2.53 -4.00
CA GLY A 192 17.35 -3.86 -4.35
C GLY A 192 16.70 -5.01 -3.63
N ARG A 193 17.17 -6.21 -3.91
CA ARG A 193 16.49 -7.44 -3.48
C ARG A 193 17.11 -8.14 -2.24
N ALA A 194 17.89 -7.40 -1.48
CA ALA A 194 18.53 -7.95 -0.28
C ALA A 194 17.50 -8.08 0.86
N ALA A 195 17.43 -9.28 1.44
CA ALA A 195 16.56 -9.55 2.59
C ALA A 195 17.05 -8.82 3.84
N THR A 196 16.76 -7.51 3.90
CA THR A 196 16.98 -6.75 5.15
C THR A 196 15.66 -6.51 5.92
N THR A 197 15.80 -6.36 7.24
CA THR A 197 14.64 -6.01 8.07
C THR A 197 14.03 -4.67 7.63
N ASP A 198 14.87 -3.66 7.40
CA ASP A 198 14.38 -2.33 6.95
C ASP A 198 13.68 -2.28 5.57
N LEU A 199 13.71 -3.41 4.87
CA LEU A 199 13.04 -3.55 3.58
C LEU A 199 11.86 -4.54 3.58
N LEU A 200 11.63 -5.23 4.70
CA LEU A 200 10.44 -6.06 4.85
C LEU A 200 9.12 -5.29 4.64
N GLY A 201 8.18 -5.88 3.91
CA GLY A 201 6.90 -5.28 3.73
C GLY A 201 6.19 -4.77 4.98
N ALA A 202 6.27 -5.52 6.08
CA ALA A 202 5.59 -5.10 7.34
C ALA A 202 6.23 -3.79 7.87
N GLU A 203 7.56 -3.65 7.67
CA GLU A 203 8.29 -2.44 7.98
C GLU A 203 8.01 -1.27 7.02
N VAL A 204 7.91 -1.52 5.70
CA VAL A 204 7.84 -0.43 4.75
C VAL A 204 6.41 0.03 4.46
N ILE A 205 5.46 -0.92 4.46
CA ILE A 205 4.07 -0.61 4.14
C ILE A 205 3.53 0.38 5.17
N GLY A 206 2.89 1.43 4.67
CA GLY A 206 2.26 2.38 5.58
C GLY A 206 3.26 3.40 6.11
N SER A 207 4.53 3.33 5.70
CA SER A 207 5.58 4.14 6.35
C SER A 207 6.46 4.82 5.31
N ALA A 208 7.08 5.95 5.68
CA ALA A 208 7.99 6.70 4.82
C ALA A 208 9.22 7.09 5.63
N ARG A 209 10.40 7.05 5.02
CA ARG A 209 11.59 7.50 5.71
C ARG A 209 12.70 8.01 4.76
N ALA A 210 13.31 9.12 5.13
CA ALA A 210 14.50 9.56 4.45
C ALA A 210 15.63 8.63 4.90
N TYR A 211 16.62 8.42 4.07
CA TYR A 211 17.82 7.65 4.41
C TYR A 211 19.02 8.25 3.70
N ASN A 212 20.23 8.01 4.21
CA ASN A 212 21.48 8.44 3.58
C ASN A 212 21.46 9.93 3.28
N ILE A 213 21.21 10.73 4.32
CA ILE A 213 20.85 12.14 4.10
C ILE A 213 22.11 12.94 4.24
N ALA A 214 22.02 14.21 3.87
CA ALA A 214 23.04 15.21 4.10
C ALA A 214 24.34 14.86 3.35
N GLY A 215 24.27 14.21 2.23
CA GLY A 215 25.45 14.16 1.45
C GLY A 215 26.11 12.83 1.33
N VAL A 216 25.73 11.91 2.21
CA VAL A 216 26.31 10.59 2.20
C VAL A 216 25.82 9.68 1.06
N HIS A 217 24.64 9.91 0.48
CA HIS A 217 24.16 9.08 -0.65
C HIS A 217 25.06 9.21 -1.85
N ARG A 218 25.49 8.08 -2.40
CA ARG A 218 26.53 8.10 -3.49
C ARG A 218 25.99 8.67 -4.83
N HIS A 219 24.68 8.90 -4.90
CA HIS A 219 24.12 9.54 -6.09
C HIS A 219 24.33 11.05 -6.03
N THR A 220 24.63 11.59 -4.85
CA THR A 220 24.88 13.06 -4.76
C THR A 220 25.95 13.50 -5.80
N PRO A 221 27.18 12.90 -5.72
CA PRO A 221 28.23 13.29 -6.68
C PRO A 221 27.87 12.97 -8.11
N GLU A 222 26.96 12.00 -8.34
CA GLU A 222 26.55 11.72 -9.72
C GLU A 222 25.72 12.88 -10.32
N ILE A 223 24.77 13.40 -9.52
CA ILE A 223 23.96 14.57 -9.91
C ILE A 223 24.85 15.79 -10.16
N ALA A 224 25.79 16.07 -9.23
CA ALA A 224 26.75 17.16 -9.39
C ALA A 224 27.47 17.04 -10.70
N GLN A 225 27.99 15.85 -10.99
CA GLN A 225 28.68 15.60 -12.24
C GLN A 225 27.93 15.92 -13.51
N GLY A 226 26.69 15.40 -13.59
CA GLY A 226 25.77 15.70 -14.67
C GLY A 226 25.47 17.18 -14.84
N LEU A 227 25.31 17.89 -13.74
CA LEU A 227 25.03 19.32 -13.86
C LEU A 227 26.28 20.12 -14.21
N ARG A 228 27.43 19.76 -13.63
CA ARG A 228 28.71 20.38 -14.03
C ARG A 228 29.07 20.26 -15.52
N ALA A 229 28.46 19.29 -16.22
CA ALA A 229 28.68 19.14 -17.64
C ALA A 229 27.89 20.17 -18.45
N VAL A 230 26.92 20.85 -17.83
CA VAL A 230 26.15 21.87 -18.56
C VAL A 230 26.38 23.29 -18.06
N THR A 231 27.34 23.47 -17.15
CA THR A 231 27.69 24.78 -16.63
C THR A 231 29.16 24.93 -16.20
N ASP A 232 29.66 26.16 -16.29
CA ASP A 232 30.98 26.55 -15.78
C ASP A 232 30.96 26.92 -14.32
N ARG A 233 29.77 27.14 -13.76
CA ARG A 233 29.68 27.50 -12.34
C ARG A 233 29.98 26.31 -11.41
N ASP A 234 30.39 26.64 -10.18
CA ASP A 234 30.49 25.64 -9.12
C ASP A 234 29.06 25.18 -8.82
N VAL A 235 28.86 23.86 -8.86
CA VAL A 235 27.56 23.27 -8.63
C VAL A 235 27.58 22.67 -7.24
N SER A 236 26.53 22.92 -6.48
CA SER A 236 26.37 22.23 -5.21
C SER A 236 24.99 21.53 -5.23
N VAL A 237 24.92 20.38 -4.54
CA VAL A 237 23.71 19.53 -4.60
C VAL A 237 23.36 19.07 -3.21
N SER A 238 22.18 19.47 -2.75
CA SER A 238 21.59 18.86 -1.57
C SER A 238 20.62 17.76 -2.02
N PHE A 239 20.91 16.51 -1.72
CA PHE A 239 20.12 15.38 -2.24
C PHE A 239 19.54 14.57 -1.06
N THR A 240 18.21 14.42 -1.01
CA THR A 240 17.60 13.63 0.06
C THR A 240 16.68 12.60 -0.58
N PRO A 241 17.01 11.31 -0.40
CA PRO A 241 16.12 10.25 -0.88
C PRO A 241 15.12 9.80 0.18
N VAL A 242 13.89 9.51 -0.22
CA VAL A 242 12.84 9.12 0.76
C VAL A 242 12.17 7.85 0.23
N LEU A 243 12.24 6.74 0.99
CA LEU A 243 11.53 5.49 0.68
C LEU A 243 10.04 5.56 1.06
N ILE A 244 9.19 5.16 0.13
CA ILE A 244 7.78 5.28 0.32
C ILE A 244 7.20 3.93 -0.01
N PRO A 245 5.96 3.66 0.48
CA PRO A 245 5.27 2.36 0.36
C PRO A 245 4.75 2.02 -1.04
N ALA A 246 5.63 2.00 -2.04
CA ALA A 246 5.26 1.63 -3.41
C ALA A 246 6.39 0.71 -3.83
N SER A 247 6.15 -0.21 -4.75
CA SER A 247 7.29 -1.00 -5.26
C SER A 247 8.15 -0.28 -6.27
N ARG A 248 7.54 0.55 -7.12
CA ARG A 248 8.25 1.24 -8.21
C ARG A 248 7.98 2.74 -8.20
N GLY A 249 8.86 3.49 -8.86
CA GLY A 249 8.63 4.93 -9.15
C GLY A 249 9.46 5.86 -8.28
N ILE A 250 9.94 6.93 -8.90
CA ILE A 250 10.68 8.00 -8.23
C ILE A 250 9.95 9.32 -8.61
N LEU A 251 9.67 10.15 -7.60
CA LEU A 251 9.16 11.48 -7.89
C LEU A 251 10.14 12.45 -7.34
N ALA A 252 10.80 13.19 -8.25
CA ALA A 252 11.87 14.07 -7.80
C ALA A 252 11.39 15.51 -7.79
N THR A 253 11.51 16.16 -6.64
CA THR A 253 11.21 17.58 -6.48
C THR A 253 12.54 18.28 -6.38
N CYS A 254 12.81 19.13 -7.36
CA CYS A 254 14.12 19.73 -7.54
C CYS A 254 13.98 21.22 -7.55
N THR A 255 14.83 21.95 -6.80
CA THR A 255 14.61 23.38 -6.60
C THR A 255 15.94 24.08 -6.63
N ALA A 256 15.90 25.34 -7.04
CA ALA A 256 17.06 26.20 -7.04
C ALA A 256 16.53 27.61 -7.17
N ARG A 257 17.33 28.55 -6.67
CA ARG A 257 17.01 29.96 -6.74
C ARG A 257 17.00 30.43 -8.19
N THR A 258 16.07 31.29 -8.52
CA THR A 258 16.00 31.83 -9.85
C THR A 258 15.47 33.23 -9.78
N ARG A 259 15.87 34.05 -10.76
CA ARG A 259 15.23 35.36 -10.98
C ARG A 259 14.65 35.45 -12.39
N SER A 260 14.47 34.29 -13.04
CA SER A 260 14.03 34.26 -14.42
C SER A 260 12.52 34.09 -14.40
N PRO A 261 11.79 34.68 -15.40
CA PRO A 261 10.35 34.49 -15.53
C PRO A 261 10.01 33.07 -15.89
N LEU A 262 8.82 32.60 -15.46
CA LEU A 262 8.32 31.30 -15.80
C LEU A 262 8.34 31.05 -17.30
N SER A 263 7.97 32.06 -18.12
CA SER A 263 7.87 31.89 -19.58
C SER A 263 9.24 31.60 -20.23
N GLN A 264 10.30 32.18 -19.73
CA GLN A 264 11.64 31.85 -20.18
C GLN A 264 12.10 30.44 -19.75
N LEU A 265 11.71 30.02 -18.55
CA LEU A 265 12.15 28.72 -18.07
C LEU A 265 11.40 27.64 -18.86
N ARG A 266 10.09 27.86 -19.04
CA ARG A 266 9.26 26.99 -19.88
C ARG A 266 9.81 26.82 -21.29
N ALA A 267 10.19 27.91 -21.95
CA ALA A 267 10.85 27.81 -23.28
C ALA A 267 12.16 27.01 -23.29
N ALA A 268 12.92 27.02 -22.19
CA ALA A 268 14.19 26.28 -22.15
C ALA A 268 13.93 24.77 -22.12
N TYR A 269 12.82 24.39 -21.46
CA TYR A 269 12.30 23.01 -21.39
C TYR A 269 11.69 22.54 -22.72
N GLU A 270 10.87 23.36 -23.36
CA GLU A 270 10.32 23.01 -24.70
C GLU A 270 11.46 22.79 -25.66
N LYS A 271 12.44 23.69 -25.64
CA LYS A 271 13.61 23.60 -26.45
C LYS A 271 14.43 22.32 -26.29
N ALA A 272 14.70 21.96 -25.03
CA ALA A 272 15.53 20.80 -24.77
C ALA A 272 14.78 19.53 -25.12
N TYR A 273 13.47 19.52 -24.89
CA TYR A 273 12.70 18.30 -24.89
C TYR A 273 11.72 18.10 -26.03
N HIS A 274 11.56 19.11 -26.89
CA HIS A 274 10.49 19.08 -27.88
C HIS A 274 10.56 17.80 -28.74
N ALA A 275 11.78 17.36 -29.07
CA ALA A 275 11.93 16.17 -29.93
C ALA A 275 12.41 14.92 -29.14
N GLU A 276 12.27 14.93 -27.83
CA GLU A 276 12.69 13.79 -27.04
C GLU A 276 11.47 12.91 -26.91
N PRO A 277 11.52 11.69 -27.51
CA PRO A 277 10.42 10.71 -27.54
C PRO A 277 10.02 10.25 -26.13
N PHE A 278 10.97 10.17 -25.21
CA PHE A 278 10.66 9.73 -23.83
C PHE A 278 10.31 10.82 -22.79
N ILE A 279 10.52 12.10 -23.12
CA ILE A 279 10.25 13.22 -22.16
C ILE A 279 8.87 13.76 -22.46
N TYR A 280 8.00 13.78 -21.45
CA TYR A 280 6.74 14.44 -21.65
C TYR A 280 6.71 15.62 -20.70
N LEU A 281 6.65 16.83 -21.26
CA LEU A 281 6.33 18.04 -20.50
C LEU A 281 4.84 18.14 -20.16
N MET A 282 4.50 18.25 -18.88
CA MET A 282 3.07 18.25 -18.54
C MET A 282 2.39 19.47 -19.24
N PRO A 283 1.13 19.29 -19.70
CA PRO A 283 0.33 20.44 -20.10
C PRO A 283 0.11 21.33 -18.89
N GLU A 284 0.20 22.62 -19.17
CA GLU A 284 -0.32 23.73 -18.39
C GLU A 284 -1.32 23.32 -17.29
N GLY A 285 -0.93 23.46 -16.01
CA GLY A 285 -1.80 23.03 -14.91
C GLY A 285 -1.89 21.52 -14.58
N GLN A 286 -1.09 20.68 -15.25
CA GLN A 286 -0.96 19.27 -14.86
C GLN A 286 0.41 19.05 -14.18
N LEU A 287 0.47 18.09 -13.28
CA LEU A 287 1.71 17.73 -12.58
C LEU A 287 1.99 16.23 -12.73
N PRO A 288 3.28 15.83 -12.76
CA PRO A 288 3.65 14.43 -12.88
C PRO A 288 3.12 13.59 -11.71
N ARG A 289 2.87 12.30 -11.98
CA ARG A 289 2.62 11.34 -10.91
C ARG A 289 3.31 10.06 -11.32
N THR A 290 3.86 9.34 -10.36
CA THR A 290 4.66 8.15 -10.73
C THR A 290 3.73 7.02 -11.27
N GLY A 291 2.48 6.93 -10.83
CA GLY A 291 1.61 5.90 -11.39
C GLY A 291 1.39 6.00 -12.90
N ALA A 292 1.48 7.20 -13.47
CA ALA A 292 1.36 7.39 -14.93
C ALA A 292 2.56 6.88 -15.75
N VAL A 293 3.75 6.75 -15.18
CA VAL A 293 4.91 6.29 -15.92
C VAL A 293 5.32 4.85 -15.58
N ILE A 294 4.66 4.21 -14.62
CA ILE A 294 5.07 2.84 -14.22
C ILE A 294 5.05 1.91 -15.42
N GLY A 295 6.19 1.27 -15.65
CA GLY A 295 6.26 0.24 -16.64
C GLY A 295 6.51 0.83 -18.01
N SER A 296 6.89 2.12 -18.08
CA SER A 296 7.16 2.83 -19.36
C SER A 296 8.52 3.42 -19.24
N ASN A 297 9.12 3.79 -20.35
CA ASN A 297 10.48 4.40 -20.33
C ASN A 297 10.41 5.92 -20.31
N ALA A 298 9.27 6.45 -19.95
CA ALA A 298 9.03 7.88 -20.01
C ALA A 298 9.41 8.65 -18.74
N ALA A 299 9.74 9.92 -18.90
CA ALA A 299 9.89 10.89 -17.78
C ALA A 299 8.84 11.99 -17.97
N HIS A 300 8.00 12.23 -16.95
CA HIS A 300 6.98 13.29 -16.95
C HIS A 300 7.50 14.39 -16.07
N ILE A 301 7.58 15.59 -16.66
CA ILE A 301 8.25 16.77 -16.02
C ILE A 301 7.31 17.96 -16.09
N ALA A 302 7.18 18.63 -14.94
CA ALA A 302 6.46 19.93 -14.85
C ALA A 302 7.43 20.88 -14.20
N VAL A 303 7.38 22.16 -14.62
CA VAL A 303 8.22 23.24 -14.02
C VAL A 303 7.34 24.37 -13.52
N ALA A 304 7.82 25.13 -12.51
CA ALA A 304 7.06 26.21 -11.94
C ALA A 304 8.01 27.20 -11.28
N VAL A 305 7.53 28.42 -11.00
CA VAL A 305 8.30 29.43 -10.27
C VAL A 305 7.51 29.84 -9.02
N ASP A 306 8.18 29.76 -7.87
CA ASP A 306 7.62 30.25 -6.64
C ASP A 306 8.17 31.67 -6.50
N GLU A 307 7.33 32.64 -6.87
CA GLU A 307 7.76 34.03 -6.86
C GLU A 307 8.13 34.53 -5.47
N ASP A 308 7.26 34.38 -4.46
CA ASP A 308 7.58 34.78 -3.08
C ASP A 308 8.86 34.21 -2.54
N ALA A 309 9.25 33.02 -2.98
CA ALA A 309 10.46 32.34 -2.46
C ALA A 309 11.64 32.44 -3.39
N GLN A 310 11.46 33.18 -4.48
CA GLN A 310 12.39 33.22 -5.63
C GLN A 310 12.92 31.84 -6.02
N THR A 311 12.04 30.86 -6.15
CA THR A 311 12.50 29.46 -6.27
C THR A 311 11.93 28.83 -7.50
N PHE A 312 12.81 28.23 -8.26
CA PHE A 312 12.40 27.40 -9.34
C PHE A 312 12.10 25.97 -8.84
N VAL A 313 10.97 25.40 -9.27
CA VAL A 313 10.59 24.02 -8.90
C VAL A 313 10.44 23.18 -10.17
N ALA A 314 11.19 22.07 -10.26
CA ALA A 314 10.94 21.10 -11.31
C ALA A 314 10.54 19.78 -10.67
N ILE A 315 9.47 19.18 -11.19
CA ILE A 315 9.04 17.90 -10.73
C ILE A 315 9.24 16.89 -11.87
N ALA A 316 9.95 15.77 -11.61
CA ALA A 316 10.05 14.67 -12.60
C ALA A 316 9.61 13.36 -11.99
N ALA A 317 8.71 12.65 -12.67
CA ALA A 317 8.35 11.26 -12.37
C ALA A 317 9.00 10.30 -13.37
N ILE A 318 9.59 9.19 -12.87
CA ILE A 318 10.06 8.08 -13.73
C ILE A 318 9.73 6.78 -13.00
N ASP A 319 9.68 5.67 -13.74
CA ASP A 319 9.75 4.33 -13.14
C ASP A 319 11.22 4.10 -12.89
N ASN A 320 11.63 4.00 -11.61
CA ASN A 320 13.00 3.75 -11.27
C ASN A 320 13.66 2.51 -11.96
N LEU A 321 12.85 1.51 -12.27
CA LEU A 321 13.34 0.29 -12.88
C LEU A 321 13.31 0.38 -14.40
N VAL A 322 12.56 1.32 -14.97
CA VAL A 322 12.65 1.48 -16.47
C VAL A 322 13.55 2.64 -16.83
N LYS A 323 13.00 3.84 -16.96
CA LYS A 323 13.90 5.01 -17.30
C LYS A 323 15.08 5.17 -16.35
N GLY A 324 14.89 4.76 -15.08
CA GLY A 324 15.95 4.89 -14.08
C GLY A 324 16.94 3.76 -14.07
N THR A 325 16.69 2.71 -14.84
CA THR A 325 17.57 1.55 -14.83
C THR A 325 17.63 0.75 -16.15
N ALA A 326 16.77 -0.26 -16.25
CA ALA A 326 16.83 -1.17 -17.38
C ALA A 326 16.31 -0.55 -18.70
N GLY A 327 15.40 0.43 -18.66
CA GLY A 327 14.95 1.03 -19.92
C GLY A 327 16.03 1.94 -20.48
N ALA A 328 16.68 2.70 -19.61
CA ALA A 328 17.88 3.39 -19.97
C ALA A 328 18.95 2.38 -20.56
N ALA A 329 19.21 1.23 -19.90
CA ALA A 329 20.17 0.24 -20.48
C ALA A 329 19.81 -0.21 -21.88
N VAL A 330 18.56 -0.54 -22.09
CA VAL A 330 18.05 -0.95 -23.37
C VAL A 330 18.00 0.20 -24.40
N GLN A 331 17.53 1.38 -24.00
CA GLN A 331 17.63 2.57 -24.87
C GLN A 331 19.05 2.80 -25.41
N SER A 332 20.04 2.75 -24.50
CA SER A 332 21.43 3.01 -24.86
C SER A 332 21.94 1.83 -25.72
N MET A 333 21.46 0.62 -25.45
CA MET A 333 21.79 -0.56 -26.28
C MET A 333 21.32 -0.38 -27.74
N ASN A 334 20.08 0.08 -27.93
CA ASN A 334 19.56 0.43 -29.22
C ASN A 334 20.53 1.35 -29.98
N LEU A 335 20.93 2.43 -29.31
CA LEU A 335 21.92 3.34 -29.84
C LEU A 335 23.27 2.71 -30.18
N ALA A 336 23.83 1.94 -29.27
CA ALA A 336 25.11 1.33 -29.50
C ALA A 336 25.12 0.39 -30.76
N LEU A 337 23.93 -0.05 -31.18
CA LEU A 337 23.80 -1.12 -32.16
C LEU A 337 23.24 -0.61 -33.47
N GLY A 338 22.90 0.67 -33.53
CA GLY A 338 22.28 1.23 -34.71
C GLY A 338 20.81 0.91 -34.91
N TRP A 339 20.09 0.57 -33.83
CA TRP A 339 18.66 0.25 -33.97
C TRP A 339 17.78 1.44 -33.58
N PRO A 340 16.51 1.50 -34.04
CA PRO A 340 15.71 2.64 -33.54
C PRO A 340 15.73 2.76 -32.01
N GLU A 341 15.99 3.97 -31.51
CA GLU A 341 16.19 4.22 -30.08
C GLU A 341 15.02 3.79 -29.23
N THR A 342 13.80 3.90 -29.75
CA THR A 342 12.57 3.60 -29.01
C THR A 342 12.10 2.14 -29.08
N ASP A 343 12.96 1.28 -29.61
CA ASP A 343 12.58 -0.11 -29.92
C ASP A 343 12.53 -0.85 -28.58
N GLY A 344 11.40 -1.52 -28.33
CA GLY A 344 11.17 -2.24 -27.07
C GLY A 344 10.77 -1.36 -25.87
N LEU A 345 10.66 -0.05 -26.11
CA LEU A 345 10.47 0.91 -24.99
C LEU A 345 9.26 1.76 -25.16
N SER A 346 8.18 1.46 -24.46
CA SER A 346 6.95 2.20 -24.60
C SER A 346 6.98 3.51 -23.79
N VAL A 347 6.19 4.50 -24.18
CA VAL A 347 6.02 5.71 -23.36
C VAL A 347 4.72 5.65 -22.55
N VAL A 348 4.00 4.55 -22.66
CA VAL A 348 2.67 4.47 -22.06
C VAL A 348 2.80 3.73 -20.71
N GLY A 349 2.33 4.37 -19.61
CA GLY A 349 2.33 3.72 -18.28
C GLY A 349 1.24 2.71 -18.05
N VAL A 350 1.51 1.74 -17.19
CA VAL A 350 0.53 0.73 -16.81
C VAL A 350 -0.17 1.24 -15.53
N ALA A 351 -1.29 1.91 -15.71
CA ALA A 351 -1.96 2.63 -14.62
C ALA A 351 -3.41 2.26 -14.80
N PRO A 352 -4.23 2.27 -13.73
CA PRO A 352 -3.83 2.44 -12.33
C PRO A 352 -3.10 1.21 -11.80
N ALA B 7 -5.59 -0.89 -46.42
CA ALA B 7 -6.70 -1.53 -47.23
C ALA B 7 -8.00 -1.47 -46.43
N ASN B 8 -8.49 -2.64 -45.97
CA ASN B 8 -9.70 -2.73 -45.14
C ASN B 8 -9.35 -2.58 -43.65
N ALA B 9 -9.35 -1.32 -43.19
CA ALA B 9 -8.86 -0.91 -41.89
C ALA B 9 -9.99 -0.89 -40.87
N THR B 10 -9.65 -1.04 -39.60
CA THR B 10 -10.67 -1.10 -38.55
C THR B 10 -10.59 0.14 -37.69
N LYS B 11 -11.66 0.91 -37.66
CA LYS B 11 -11.68 2.15 -36.92
C LYS B 11 -12.49 1.83 -35.72
N VAL B 12 -11.92 2.06 -34.54
CA VAL B 12 -12.48 1.59 -33.27
C VAL B 12 -12.99 2.76 -32.42
N ALA B 13 -14.22 2.69 -31.87
CA ALA B 13 -14.60 3.67 -30.85
C ALA B 13 -14.54 3.08 -29.43
N VAL B 14 -14.27 3.94 -28.44
CA VAL B 14 -14.45 3.50 -27.01
C VAL B 14 -15.44 4.40 -26.32
N ALA B 15 -16.56 3.82 -25.89
CA ALA B 15 -17.55 4.58 -25.14
C ALA B 15 -17.34 4.30 -23.66
N GLY B 16 -17.19 5.36 -22.85
CA GLY B 16 -16.78 5.21 -21.46
C GLY B 16 -15.26 5.24 -21.41
N ALA B 17 -14.67 6.03 -22.31
CA ALA B 17 -13.22 6.09 -22.44
C ALA B 17 -12.55 6.64 -21.20
N SER B 18 -13.32 7.35 -20.34
CA SER B 18 -12.74 7.99 -19.13
C SER B 18 -12.68 7.06 -17.90
N GLY B 19 -13.34 5.91 -17.96
CA GLY B 19 -13.33 4.91 -16.87
C GLY B 19 -12.05 4.08 -16.92
N TYR B 20 -11.83 3.21 -15.92
CA TYR B 20 -10.65 2.35 -15.89
C TYR B 20 -10.60 1.35 -17.03
N ALA B 21 -11.75 0.76 -17.31
CA ALA B 21 -11.83 -0.26 -18.35
C ALA B 21 -11.58 0.37 -19.71
N GLY B 22 -12.18 1.55 -19.98
CA GLY B 22 -11.91 2.33 -21.20
C GLY B 22 -10.42 2.69 -21.32
N GLY B 23 -9.79 3.07 -20.22
CA GLY B 23 -8.37 3.47 -20.26
C GLY B 23 -7.46 2.32 -20.55
N GLU B 24 -7.79 1.15 -20.02
CA GLU B 24 -7.02 -0.05 -20.22
C GLU B 24 -7.22 -0.59 -21.65
N ILE B 25 -8.44 -0.54 -22.17
CA ILE B 25 -8.62 -0.88 -23.60
C ILE B 25 -7.70 -0.04 -24.47
N LEU B 26 -7.69 1.27 -24.23
CA LEU B 26 -6.83 2.17 -24.99
C LEU B 26 -5.35 1.89 -24.87
N ARG B 27 -4.87 1.57 -23.66
CA ARG B 27 -3.46 1.25 -23.43
C ARG B 27 -3.05 0.05 -24.32
N LEU B 28 -3.95 -0.93 -24.41
CA LEU B 28 -3.75 -2.12 -25.23
C LEU B 28 -3.81 -1.86 -26.72
N LEU B 29 -4.81 -1.10 -27.17
CA LEU B 29 -4.92 -0.70 -28.59
C LEU B 29 -3.68 0.03 -29.01
N LEU B 30 -3.09 0.86 -28.14
CA LEU B 30 -1.86 1.58 -28.48
C LEU B 30 -0.65 0.71 -28.60
N GLY B 31 -0.64 -0.45 -27.93
CA GLY B 31 0.49 -1.36 -28.06
C GLY B 31 0.28 -2.51 -29.06
N HIS B 32 -0.93 -2.61 -29.62
CA HIS B 32 -1.33 -3.62 -30.59
C HIS B 32 -0.58 -3.40 -31.93
N PRO B 33 -0.13 -4.52 -32.54
CA PRO B 33 0.59 -4.46 -33.82
C PRO B 33 -0.22 -3.84 -34.99
N ALA B 34 -1.54 -3.95 -34.95
CA ALA B 34 -2.40 -3.41 -35.97
C ALA B 34 -2.51 -1.89 -35.88
N TYR B 35 -2.35 -1.35 -34.66
CA TYR B 35 -2.28 0.11 -34.47
C TYR B 35 -0.98 0.60 -35.08
N ALA B 36 0.11 -0.14 -34.84
CA ALA B 36 1.43 0.22 -35.29
C ALA B 36 1.60 0.20 -36.83
N ASP B 37 0.87 -0.69 -37.50
CA ASP B 37 0.96 -0.77 -38.94
C ASP B 37 -0.24 -0.15 -39.69
N GLY B 38 -1.23 0.36 -38.96
CA GLY B 38 -2.29 1.13 -39.56
C GLY B 38 -3.59 0.43 -39.84
N ARG B 39 -3.74 -0.88 -39.54
CA ARG B 39 -5.04 -1.54 -39.76
C ARG B 39 -5.99 -1.20 -38.68
N LEU B 40 -5.47 -0.73 -37.53
CA LEU B 40 -6.32 -0.31 -36.45
C LEU B 40 -6.17 1.19 -36.22
N ARG B 41 -7.32 1.83 -36.19
CA ARG B 41 -7.36 3.28 -35.95
C ARG B 41 -8.20 3.55 -34.70
N ILE B 42 -7.75 4.49 -33.89
CA ILE B 42 -8.50 4.86 -32.72
C ILE B 42 -9.34 6.06 -33.03
N GLY B 43 -10.63 5.85 -33.01
CA GLY B 43 -11.56 6.86 -33.37
C GLY B 43 -12.09 7.60 -32.17
N ALA B 44 -13.42 7.63 -32.05
CA ALA B 44 -14.12 8.48 -31.09
C ALA B 44 -13.97 7.93 -29.67
N LEU B 45 -13.60 8.83 -28.74
CA LEU B 45 -13.48 8.51 -27.30
C LEU B 45 -14.59 9.28 -26.53
N THR B 46 -15.56 8.56 -25.98
CA THR B 46 -16.76 9.21 -25.46
C THR B 46 -16.97 9.03 -23.96
N ALA B 47 -17.62 10.00 -23.31
CA ALA B 47 -18.04 9.82 -21.90
C ALA B 47 -19.36 10.51 -21.59
N ALA B 48 -20.11 9.97 -20.63
CA ALA B 48 -21.34 10.61 -20.20
C ALA B 48 -21.14 12.10 -19.93
N THR B 49 -20.31 12.45 -18.95
CA THR B 49 -20.23 13.88 -18.63
C THR B 49 -18.89 14.51 -18.47
N SER B 50 -18.14 14.61 -19.56
CA SER B 50 -16.92 15.42 -19.61
C SER B 50 -16.55 15.80 -21.03
N ALA B 51 -17.52 15.83 -21.93
CA ALA B 51 -17.22 16.32 -23.29
C ALA B 51 -16.58 17.70 -23.16
N GLY B 52 -15.54 17.94 -23.96
CA GLY B 52 -14.76 19.14 -23.86
C GLY B 52 -13.38 18.89 -23.30
N SER B 53 -13.28 18.04 -22.28
CA SER B 53 -11.99 17.68 -21.64
C SER B 53 -11.08 16.85 -22.56
N THR B 54 -9.77 16.99 -22.37
CA THR B 54 -8.82 16.14 -23.07
C THR B 54 -8.62 14.81 -22.33
N LEU B 55 -8.29 13.77 -23.08
CA LEU B 55 -8.10 12.44 -22.47
C LEU B 55 -6.97 12.43 -21.40
N GLY B 56 -5.95 13.26 -21.55
CA GLY B 56 -4.88 13.37 -20.55
C GLY B 56 -5.31 13.82 -19.17
N GLU B 57 -6.43 14.56 -19.11
CA GLU B 57 -7.07 14.87 -17.84
C GLU B 57 -7.63 13.66 -17.09
N HIS B 58 -7.91 12.58 -17.82
CA HIS B 58 -8.46 11.39 -17.19
C HIS B 58 -7.44 10.28 -17.15
N HIS B 59 -6.59 10.20 -18.20
CA HIS B 59 -5.62 9.09 -18.32
C HIS B 59 -4.24 9.58 -18.62
N PRO B 60 -3.57 10.23 -17.63
CA PRO B 60 -2.25 10.84 -17.87
C PRO B 60 -1.16 9.83 -18.22
N HIS B 61 -1.40 8.54 -18.01
CA HIS B 61 -0.51 7.49 -18.60
C HIS B 61 -0.60 7.35 -20.14
N LEU B 62 -1.70 7.82 -20.75
CA LEU B 62 -1.90 7.57 -22.17
C LEU B 62 -1.43 8.79 -22.90
N THR B 63 -0.17 9.16 -22.73
CA THR B 63 0.34 10.42 -23.33
C THR B 63 0.17 10.59 -24.88
N PRO B 64 0.31 9.50 -25.69
CA PRO B 64 0.14 9.68 -27.16
C PRO B 64 -1.28 10.08 -27.59
N LEU B 65 -2.28 9.81 -26.75
CA LEU B 65 -3.65 10.21 -26.92
C LEU B 65 -4.09 11.37 -25.97
N ALA B 66 -3.15 12.01 -25.26
CA ALA B 66 -3.52 12.98 -24.21
C ALA B 66 -4.31 14.16 -24.76
N HIS B 67 -3.99 14.57 -25.99
CA HIS B 67 -4.65 15.71 -26.66
C HIS B 67 -6.07 15.40 -27.16
N ARG B 68 -6.50 14.13 -27.20
CA ARG B 68 -7.82 13.81 -27.77
C ARG B 68 -8.93 14.42 -26.94
N VAL B 69 -9.91 15.02 -27.60
CA VAL B 69 -11.05 15.57 -26.91
C VAL B 69 -12.07 14.42 -26.73
N VAL B 70 -12.66 14.34 -25.53
CA VAL B 70 -13.73 13.43 -25.19
C VAL B 70 -15.03 14.04 -25.73
N GLU B 71 -15.87 13.20 -26.33
CA GLU B 71 -17.09 13.60 -26.99
C GLU B 71 -18.20 12.95 -26.22
N PRO B 72 -19.43 13.47 -26.33
CA PRO B 72 -20.40 12.81 -25.48
C PRO B 72 -20.72 11.43 -26.00
N THR B 73 -21.19 10.57 -25.12
CA THR B 73 -21.64 9.23 -25.45
C THR B 73 -23.03 9.28 -26.07
N GLU B 74 -23.06 9.02 -27.39
CA GLU B 74 -24.25 9.17 -28.23
C GLU B 74 -24.08 8.24 -29.44
N ALA B 75 -25.17 7.58 -29.84
CA ALA B 75 -25.15 6.75 -31.04
C ALA B 75 -24.55 7.44 -32.28
N ALA B 76 -24.97 8.67 -32.59
CA ALA B 76 -24.46 9.43 -33.75
C ALA B 76 -22.94 9.56 -33.76
N VAL B 77 -22.35 9.81 -32.58
CA VAL B 77 -20.90 9.92 -32.40
C VAL B 77 -20.21 8.59 -32.63
N LEU B 78 -20.88 7.51 -32.25
CA LEU B 78 -20.30 6.16 -32.30
C LEU B 78 -20.45 5.51 -33.67
N GLY B 79 -21.15 6.18 -34.59
CA GLY B 79 -21.45 5.60 -35.89
C GLY B 79 -20.29 5.81 -36.84
N GLY B 80 -20.20 5.01 -37.90
CA GLY B 80 -19.05 5.14 -38.80
C GLY B 80 -17.78 4.53 -38.24
N HIS B 81 -17.91 3.69 -37.21
CA HIS B 81 -16.79 2.92 -36.67
C HIS B 81 -17.05 1.46 -36.93
N ASP B 82 -16.01 0.75 -37.38
CA ASP B 82 -16.04 -0.69 -37.56
C ASP B 82 -16.27 -1.48 -36.27
N ALA B 83 -15.69 -1.00 -35.14
CA ALA B 83 -15.85 -1.64 -33.86
C ALA B 83 -16.13 -0.63 -32.76
N VAL B 84 -17.06 -0.97 -31.87
CA VAL B 84 -17.37 -0.12 -30.71
C VAL B 84 -17.22 -0.95 -29.41
N PHE B 85 -16.45 -0.40 -28.49
CA PHE B 85 -16.25 -0.96 -27.15
C PHE B 85 -17.18 -0.19 -26.25
N LEU B 86 -18.09 -0.88 -25.61
CA LEU B 86 -18.89 -0.24 -24.60
C LEU B 86 -18.29 -0.52 -23.23
N ALA B 87 -17.75 0.53 -22.61
CA ALA B 87 -17.25 0.49 -21.22
C ALA B 87 -18.01 1.58 -20.43
N LEU B 88 -19.35 1.50 -20.40
CA LEU B 88 -20.15 2.58 -19.87
C LEU B 88 -20.19 2.61 -18.33
N PRO B 89 -20.26 3.83 -17.73
CA PRO B 89 -20.12 3.95 -16.25
C PRO B 89 -21.23 3.33 -15.40
N HIS B 90 -22.47 3.22 -15.89
CA HIS B 90 -23.53 2.69 -15.06
C HIS B 90 -24.29 1.55 -15.69
N GLY B 91 -23.65 0.82 -16.61
CA GLY B 91 -24.27 -0.28 -17.35
C GLY B 91 -25.23 0.35 -18.35
N HIS B 92 -26.34 -0.36 -18.62
CA HIS B 92 -27.40 0.15 -19.50
C HIS B 92 -26.91 0.22 -20.94
N SER B 93 -26.01 -0.70 -21.31
CA SER B 93 -25.41 -0.65 -22.65
C SER B 93 -26.38 -1.21 -23.71
N ALA B 94 -27.39 -1.96 -23.28
CA ALA B 94 -28.39 -2.52 -24.22
C ALA B 94 -29.10 -1.45 -25.05
N VAL B 95 -29.52 -0.36 -24.40
CA VAL B 95 -30.21 0.74 -25.07
C VAL B 95 -29.30 1.40 -26.10
N LEU B 96 -28.03 1.52 -25.77
CA LEU B 96 -27.09 2.14 -26.68
C LEU B 96 -26.75 1.18 -27.83
N ALA B 97 -26.54 -0.08 -27.50
CA ALA B 97 -26.19 -1.12 -28.46
C ALA B 97 -27.23 -1.20 -29.58
N GLN B 98 -28.52 -1.13 -29.21
CA GLN B 98 -29.60 -1.27 -30.17
C GLN B 98 -29.70 -0.08 -31.12
N GLN B 99 -29.11 1.06 -30.77
CA GLN B 99 -29.05 2.22 -31.66
C GLN B 99 -27.91 2.22 -32.69
N LEU B 100 -27.02 1.23 -32.64
CA LEU B 100 -25.88 1.17 -33.56
C LEU B 100 -26.20 0.30 -34.77
N SER B 101 -25.43 0.46 -35.84
CA SER B 101 -25.55 -0.38 -37.05
C SER B 101 -25.29 -1.85 -36.66
N PRO B 102 -26.14 -2.78 -37.13
CA PRO B 102 -26.01 -4.23 -36.87
C PRO B 102 -24.71 -4.82 -37.35
N GLU B 103 -24.10 -4.15 -38.33
CA GLU B 103 -22.85 -4.53 -38.97
C GLU B 103 -21.62 -4.30 -38.05
N THR B 104 -21.78 -3.41 -37.07
CA THR B 104 -20.69 -3.00 -36.18
C THR B 104 -20.24 -4.17 -35.30
N LEU B 105 -18.94 -4.36 -35.10
CA LEU B 105 -18.44 -5.27 -34.03
C LEU B 105 -18.74 -4.53 -32.72
N ILE B 106 -19.73 -4.97 -31.96
CA ILE B 106 -19.98 -4.36 -30.65
C ILE B 106 -19.35 -5.23 -29.61
N ILE B 107 -18.42 -4.69 -28.85
CA ILE B 107 -17.79 -5.37 -27.75
C ILE B 107 -18.22 -4.76 -26.38
N ASP B 108 -18.99 -5.51 -25.60
CA ASP B 108 -19.59 -4.91 -24.41
C ASP B 108 -18.92 -5.40 -23.14
N CYS B 109 -18.26 -4.49 -22.41
CA CYS B 109 -17.61 -4.81 -21.15
C CYS B 109 -18.61 -4.97 -20.02
N GLY B 110 -19.83 -4.48 -20.21
CA GLY B 110 -20.80 -4.57 -19.16
C GLY B 110 -21.56 -5.90 -19.15
N ALA B 111 -22.65 -5.93 -18.40
CA ALA B 111 -23.25 -7.22 -18.05
C ALA B 111 -24.41 -7.63 -18.94
N ASP B 112 -24.96 -6.67 -19.70
CA ASP B 112 -26.24 -6.82 -20.39
C ASP B 112 -26.47 -8.07 -21.25
N PHE B 113 -25.41 -8.47 -21.94
CA PHE B 113 -25.47 -9.56 -22.90
C PHE B 113 -24.71 -10.79 -22.45
N ARG B 114 -24.41 -10.87 -21.15
CA ARG B 114 -23.63 -11.99 -20.58
C ARG B 114 -24.44 -13.24 -20.31
N LEU B 115 -25.65 -13.07 -19.79
CA LEU B 115 -26.35 -14.16 -19.22
C LEU B 115 -27.33 -14.79 -20.21
N THR B 116 -27.52 -16.10 -20.10
CA THR B 116 -28.40 -16.79 -21.03
C THR B 116 -29.80 -17.09 -20.48
N ASP B 117 -30.05 -16.83 -19.19
CA ASP B 117 -31.35 -17.08 -18.55
C ASP B 117 -31.99 -15.77 -18.13
N ALA B 118 -33.19 -15.52 -18.66
CA ALA B 118 -33.91 -14.25 -18.50
C ALA B 118 -34.39 -14.09 -17.06
N ALA B 119 -34.88 -15.20 -16.49
CA ALA B 119 -35.23 -15.28 -15.05
C ALA B 119 -34.07 -14.92 -14.11
N VAL B 120 -32.90 -15.53 -14.33
CA VAL B 120 -31.68 -15.17 -13.58
C VAL B 120 -31.38 -13.69 -13.71
N TRP B 121 -31.33 -13.17 -14.95
CA TRP B 121 -31.07 -11.75 -15.18
C TRP B 121 -31.98 -10.82 -14.40
N GLU B 122 -33.30 -11.05 -14.42
CA GLU B 122 -34.20 -10.04 -13.81
C GLU B 122 -34.07 -10.09 -12.29
N ARG B 123 -33.86 -11.31 -11.78
CA ARG B 123 -33.64 -11.53 -10.37
C ARG B 123 -32.46 -10.75 -9.80
N PHE B 124 -31.33 -10.73 -10.52
CA PHE B 124 -30.11 -10.12 -10.01
C PHE B 124 -29.92 -8.70 -10.51
N TYR B 125 -30.39 -8.38 -11.71
CA TYR B 125 -30.18 -7.05 -12.26
C TYR B 125 -31.44 -6.20 -12.28
N GLY B 126 -32.58 -6.83 -11.99
CA GLY B 126 -33.86 -6.17 -11.84
C GLY B 126 -34.33 -5.34 -13.03
N SER B 127 -33.90 -5.73 -14.24
CA SER B 127 -34.38 -5.09 -15.45
C SER B 127 -34.89 -6.15 -16.39
N SER B 128 -35.37 -5.70 -17.54
CA SER B 128 -35.75 -6.58 -18.62
C SER B 128 -34.50 -7.15 -19.28
N HIS B 129 -34.49 -8.46 -19.55
CA HIS B 129 -33.32 -9.15 -20.13
C HIS B 129 -33.13 -8.83 -21.61
N ALA B 130 -31.93 -8.39 -21.98
CA ALA B 130 -31.65 -7.99 -23.36
C ALA B 130 -31.20 -9.15 -24.25
N GLY B 131 -31.00 -10.32 -23.65
CA GLY B 131 -30.58 -11.50 -24.40
C GLY B 131 -29.07 -11.69 -24.28
N SER B 132 -28.49 -12.48 -25.17
CA SER B 132 -27.11 -12.85 -24.95
C SER B 132 -26.24 -12.87 -26.19
N TRP B 133 -24.96 -12.64 -25.94
CA TRP B 133 -23.96 -12.57 -26.95
C TRP B 133 -22.87 -13.57 -26.63
N PRO B 134 -22.12 -13.99 -27.65
CA PRO B 134 -20.92 -14.82 -27.43
C PRO B 134 -20.02 -14.30 -26.27
N TYR B 135 -19.74 -15.15 -25.28
CA TYR B 135 -19.09 -14.76 -24.04
C TYR B 135 -17.61 -14.68 -24.30
N GLY B 136 -16.98 -13.58 -23.93
CA GLY B 136 -15.60 -13.33 -24.36
C GLY B 136 -14.49 -13.96 -23.53
N LEU B 137 -14.65 -15.25 -23.21
CA LEU B 137 -13.64 -16.04 -22.51
C LEU B 137 -13.13 -17.16 -23.47
N PRO B 138 -12.20 -16.86 -24.39
CA PRO B 138 -11.87 -17.86 -25.43
C PRO B 138 -11.52 -19.24 -24.87
N GLU B 139 -10.94 -19.28 -23.66
CA GLU B 139 -10.38 -20.51 -23.16
C GLU B 139 -11.44 -21.49 -22.72
N LEU B 140 -12.64 -21.01 -22.43
CA LEU B 140 -13.75 -21.88 -22.07
C LEU B 140 -14.12 -22.77 -23.24
N PRO B 141 -14.37 -24.09 -22.98
CA PRO B 141 -14.77 -25.02 -24.05
C PRO B 141 -15.91 -24.47 -24.90
N GLY B 142 -15.76 -24.57 -26.22
CA GLY B 142 -16.76 -24.09 -27.17
C GLY B 142 -16.81 -22.57 -27.38
N ALA B 143 -16.05 -21.77 -26.59
CA ALA B 143 -16.28 -20.31 -26.62
C ALA B 143 -15.57 -19.68 -27.77
N ARG B 144 -14.36 -20.16 -28.02
CA ARG B 144 -13.52 -19.66 -29.09
C ARG B 144 -14.21 -19.77 -30.51
N ASP B 145 -14.88 -20.89 -30.77
CA ASP B 145 -15.62 -21.08 -32.00
C ASP B 145 -16.70 -20.04 -32.21
N GLN B 146 -17.41 -19.64 -31.15
CA GLN B 146 -18.47 -18.66 -31.30
C GLN B 146 -17.90 -17.24 -31.46
N LEU B 147 -16.62 -17.08 -31.19
CA LEU B 147 -16.03 -15.75 -31.23
C LEU B 147 -15.41 -15.50 -32.59
N ARG B 148 -14.95 -16.56 -33.25
CA ARG B 148 -14.32 -16.44 -34.58
C ARG B 148 -15.33 -15.83 -35.57
N GLY B 149 -14.96 -14.68 -36.14
CA GLY B 149 -15.85 -13.83 -36.92
C GLY B 149 -17.12 -13.21 -36.32
N THR B 150 -17.33 -13.25 -34.99
CA THR B 150 -18.57 -12.67 -34.45
C THR B 150 -18.63 -11.15 -34.66
N ARG B 151 -19.82 -10.56 -34.53
CA ARG B 151 -19.97 -9.10 -34.48
C ARG B 151 -20.48 -8.60 -33.14
N ARG B 152 -20.68 -9.51 -32.18
CA ARG B 152 -21.12 -9.17 -30.84
C ARG B 152 -20.29 -9.97 -29.82
N ILE B 153 -19.81 -9.32 -28.75
CA ILE B 153 -19.02 -9.97 -27.72
C ILE B 153 -19.50 -9.40 -26.39
N ALA B 154 -19.97 -10.28 -25.51
CA ALA B 154 -20.20 -9.97 -24.11
C ALA B 154 -18.89 -10.31 -23.34
N VAL B 155 -18.14 -9.28 -22.92
CA VAL B 155 -16.89 -9.50 -22.11
C VAL B 155 -17.28 -10.10 -20.72
N PRO B 156 -16.62 -11.22 -20.27
CA PRO B 156 -16.97 -11.80 -18.92
C PRO B 156 -16.74 -10.75 -17.80
N GLY B 157 -17.34 -10.92 -16.63
CA GLY B 157 -16.95 -10.13 -15.47
C GLY B 157 -15.60 -10.63 -15.01
N CYS B 158 -14.95 -9.89 -14.14
CA CYS B 158 -13.57 -10.19 -13.70
C CYS B 158 -13.39 -11.38 -12.74
N TYR B 159 -14.31 -11.51 -11.79
CA TYR B 159 -14.24 -12.61 -10.86
C TYR B 159 -14.62 -13.93 -11.56
N PRO B 160 -15.69 -13.93 -12.43
CA PRO B 160 -15.99 -15.14 -13.26
C PRO B 160 -14.81 -15.64 -14.05
N THR B 161 -14.03 -14.75 -14.62
CA THR B 161 -12.86 -15.15 -15.35
C THR B 161 -11.87 -15.91 -14.51
N ALA B 162 -11.54 -15.41 -13.33
CA ALA B 162 -10.60 -16.09 -12.44
C ALA B 162 -11.16 -17.42 -12.01
N ALA B 163 -12.41 -17.43 -11.55
CA ALA B 163 -13.06 -18.60 -11.00
C ALA B 163 -13.27 -19.73 -12.05
N LEU B 164 -13.71 -19.36 -13.25
CA LEU B 164 -13.94 -20.35 -14.33
C LEU B 164 -12.62 -21.00 -14.79
N LEU B 165 -11.55 -20.22 -14.84
CA LEU B 165 -10.24 -20.76 -15.25
C LEU B 165 -9.71 -21.68 -14.18
N ALA B 166 -10.03 -21.37 -12.93
CA ALA B 166 -9.50 -22.17 -11.85
C ALA B 166 -10.23 -23.51 -11.81
N LEU B 167 -11.54 -23.48 -12.04
CA LEU B 167 -12.43 -24.59 -11.77
C LEU B 167 -12.86 -25.42 -12.99
N PHE B 168 -12.99 -24.83 -14.19
CA PHE B 168 -13.68 -25.59 -15.27
C PHE B 168 -12.98 -26.93 -15.59
N PRO B 169 -11.64 -26.98 -15.63
CA PRO B 169 -11.09 -28.27 -16.05
C PRO B 169 -11.34 -29.44 -15.10
N ALA B 170 -11.32 -29.19 -13.78
CA ALA B 170 -11.67 -30.22 -12.81
C ALA B 170 -13.17 -30.59 -12.97
N LEU B 171 -14.00 -29.59 -13.20
CA LEU B 171 -15.42 -29.86 -13.26
C LEU B 171 -15.83 -30.54 -14.55
N ALA B 172 -15.28 -30.11 -15.70
CA ALA B 172 -15.56 -30.80 -16.97
C ALA B 172 -15.13 -32.27 -16.93
N ALA B 173 -14.01 -32.58 -16.30
CA ALA B 173 -13.55 -33.97 -16.18
C ALA B 173 -14.28 -34.73 -15.08
N ASP B 174 -15.27 -34.11 -14.46
CA ASP B 174 -16.06 -34.71 -13.36
C ASP B 174 -15.18 -35.12 -12.15
N LEU B 175 -14.10 -34.37 -11.92
CA LEU B 175 -13.15 -34.74 -10.90
C LEU B 175 -13.40 -34.09 -9.53
N ILE B 176 -14.44 -33.27 -9.45
CA ILE B 176 -14.77 -32.55 -8.22
C ILE B 176 -16.29 -32.49 -8.19
N GLU B 177 -16.88 -32.26 -7.02
CA GLU B 177 -18.33 -32.06 -6.95
C GLU B 177 -18.64 -30.68 -7.44
N PRO B 178 -19.89 -30.48 -7.88
CA PRO B 178 -20.23 -29.21 -8.49
C PRO B 178 -20.82 -28.15 -7.55
N ALA B 179 -20.82 -28.40 -6.23
CA ALA B 179 -20.93 -27.32 -5.24
C ALA B 179 -19.56 -26.69 -4.96
N VAL B 180 -19.28 -25.53 -5.54
CA VAL B 180 -17.96 -24.93 -5.42
C VAL B 180 -18.02 -23.71 -4.43
N THR B 181 -16.87 -23.36 -3.85
CA THR B 181 -16.71 -22.19 -2.96
C THR B 181 -15.60 -21.35 -3.61
N VAL B 182 -15.86 -20.07 -3.81
CA VAL B 182 -14.88 -19.15 -4.34
C VAL B 182 -14.76 -17.99 -3.32
N VAL B 183 -13.54 -17.76 -2.83
CA VAL B 183 -13.28 -16.52 -2.11
C VAL B 183 -12.21 -15.81 -2.90
N ALA B 184 -12.54 -14.64 -3.47
CA ALA B 184 -11.62 -13.92 -4.39
C ALA B 184 -11.24 -12.54 -3.85
N VAL B 185 -9.94 -12.25 -3.79
CA VAL B 185 -9.48 -10.94 -3.35
C VAL B 185 -9.28 -10.05 -4.57
N SER B 186 -9.77 -8.82 -4.49
CA SER B 186 -9.57 -7.96 -5.62
C SER B 186 -8.94 -6.62 -5.22
N GLY B 187 -8.00 -6.14 -6.05
CA GLY B 187 -7.66 -4.71 -6.10
C GLY B 187 -8.86 -3.80 -6.32
N THR B 188 -8.69 -2.53 -6.05
CA THR B 188 -9.87 -1.66 -6.05
C THR B 188 -10.28 -1.06 -7.41
N SER B 189 -9.43 -1.18 -8.42
CA SER B 189 -9.83 -0.70 -9.74
C SER B 189 -11.04 -1.47 -10.29
N GLY B 190 -11.34 -2.65 -9.76
CA GLY B 190 -12.50 -3.43 -10.22
C GLY B 190 -13.84 -2.93 -9.72
N ALA B 191 -13.81 -1.97 -8.79
CA ALA B 191 -15.02 -1.35 -8.17
C ALA B 191 -15.51 -0.13 -8.96
N GLY B 192 -14.74 0.25 -9.97
CA GLY B 192 -15.08 1.36 -10.83
C GLY B 192 -14.35 2.62 -10.40
N ARG B 193 -14.55 3.67 -11.16
CA ARG B 193 -13.91 4.94 -10.94
C ARG B 193 -14.88 6.02 -10.45
N ALA B 194 -16.02 5.64 -9.91
CA ALA B 194 -16.97 6.61 -9.38
C ALA B 194 -16.58 6.92 -7.94
N ALA B 195 -16.55 8.21 -7.58
CA ALA B 195 -16.05 8.68 -6.27
C ALA B 195 -16.99 8.46 -5.07
N THR B 196 -16.93 7.28 -4.44
CA THR B 196 -17.66 7.08 -3.18
C THR B 196 -16.64 7.11 -2.00
N THR B 197 -17.14 7.46 -0.80
CA THR B 197 -16.35 7.42 0.44
C THR B 197 -15.62 6.08 0.72
N ASP B 198 -16.29 4.93 0.56
CA ASP B 198 -15.63 3.67 0.95
C ASP B 198 -14.56 3.13 -0.03
N LEU B 199 -14.41 3.83 -1.16
CA LEU B 199 -13.36 3.61 -2.15
C LEU B 199 -12.20 4.62 -2.08
N LEU B 200 -12.30 5.60 -1.19
CA LEU B 200 -11.19 6.55 -0.98
C LEU B 200 -9.92 5.83 -0.57
N GLY B 201 -8.79 6.31 -1.05
CA GLY B 201 -7.51 5.78 -0.65
C GLY B 201 -7.31 5.62 0.86
N ALA B 202 -7.58 6.67 1.66
CA ALA B 202 -7.35 6.59 3.12
C ALA B 202 -8.13 5.46 3.75
N GLU B 203 -9.32 5.18 3.18
CA GLU B 203 -10.21 4.07 3.61
C GLU B 203 -9.78 2.68 3.20
N VAL B 204 -9.34 2.51 1.96
CA VAL B 204 -9.01 1.18 1.46
C VAL B 204 -7.60 0.79 1.87
N ILE B 205 -6.68 1.75 1.90
CA ILE B 205 -5.29 1.47 2.27
C ILE B 205 -5.18 0.83 3.67
N GLY B 206 -4.38 -0.22 3.79
CA GLY B 206 -4.17 -0.89 5.06
C GLY B 206 -5.37 -1.66 5.57
N SER B 207 -6.42 -1.80 4.74
CA SER B 207 -7.66 -2.43 5.16
C SER B 207 -8.20 -3.51 4.16
N ALA B 208 -8.79 -4.61 4.65
CA ALA B 208 -9.50 -5.52 3.76
C ALA B 208 -10.93 -5.73 4.23
N ARG B 209 -11.86 -5.97 3.30
CA ARG B 209 -13.28 -6.18 3.60
C ARG B 209 -13.97 -7.07 2.56
N ALA B 210 -14.72 -8.07 3.03
CA ALA B 210 -15.64 -8.79 2.12
C ALA B 210 -16.79 -7.85 1.83
N TYR B 211 -17.43 -7.98 0.67
CA TYR B 211 -18.72 -7.25 0.42
C TYR B 211 -19.65 -8.06 -0.48
N ASN B 212 -20.91 -7.63 -0.62
CA ASN B 212 -21.89 -8.32 -1.44
C ASN B 212 -21.77 -9.84 -1.25
N ILE B 213 -21.92 -10.31 -0.01
CA ILE B 213 -21.65 -11.70 0.39
C ILE B 213 -22.90 -12.52 0.37
N ALA B 214 -22.73 -13.84 0.53
CA ALA B 214 -23.84 -14.75 0.67
C ALA B 214 -24.78 -14.79 -0.57
N GLY B 215 -24.21 -14.63 -1.77
CA GLY B 215 -24.97 -14.81 -2.99
C GLY B 215 -25.52 -13.56 -3.64
N VAL B 216 -25.34 -12.40 -3.03
CA VAL B 216 -25.97 -11.21 -3.58
C VAL B 216 -25.15 -10.59 -4.70
N HIS B 217 -23.86 -10.91 -4.74
CA HIS B 217 -22.99 -10.40 -5.79
C HIS B 217 -23.39 -10.94 -7.18
N ARG B 218 -23.49 -10.03 -8.14
CA ARG B 218 -24.08 -10.32 -9.47
C ARG B 218 -23.22 -11.23 -10.36
N HIS B 219 -21.97 -11.38 -9.98
CA HIS B 219 -21.09 -12.31 -10.65
C HIS B 219 -21.35 -13.74 -10.26
N THR B 220 -22.09 -13.97 -9.16
CA THR B 220 -22.39 -15.32 -8.69
C THR B 220 -23.12 -16.22 -9.77
N PRO B 221 -24.27 -15.76 -10.31
CA PRO B 221 -24.95 -16.54 -11.34
C PRO B 221 -24.14 -16.64 -12.63
N GLU B 222 -23.13 -15.79 -12.79
CA GLU B 222 -22.28 -15.81 -13.97
C GLU B 222 -21.23 -16.89 -13.90
N ILE B 223 -20.64 -17.03 -12.73
CA ILE B 223 -19.86 -18.24 -12.36
C ILE B 223 -20.68 -19.56 -12.53
N ALA B 224 -21.88 -19.58 -11.96
CA ALA B 224 -22.78 -20.75 -12.10
C ALA B 224 -22.99 -21.03 -13.57
N GLN B 225 -23.19 -19.99 -14.36
CA GLN B 225 -23.43 -20.18 -15.80
C GLN B 225 -22.30 -20.85 -16.56
N GLY B 226 -21.06 -20.34 -16.46
CA GLY B 226 -19.92 -20.96 -17.16
C GLY B 226 -19.62 -22.36 -16.67
N LEU B 227 -19.82 -22.62 -15.38
CA LEU B 227 -19.71 -23.96 -14.81
C LEU B 227 -20.79 -24.94 -15.29
N ARG B 228 -22.07 -24.55 -15.28
CA ARG B 228 -23.11 -25.40 -15.87
C ARG B 228 -22.85 -25.81 -17.35
N ALA B 229 -22.20 -24.94 -18.11
CA ALA B 229 -21.78 -25.21 -19.48
C ALA B 229 -20.82 -26.38 -19.69
N VAL B 230 -20.07 -26.82 -18.67
CA VAL B 230 -19.13 -27.92 -18.89
C VAL B 230 -19.52 -29.18 -18.18
N THR B 231 -20.67 -29.21 -17.53
CA THR B 231 -21.04 -30.40 -16.80
C THR B 231 -22.54 -30.65 -16.96
N ASP B 232 -22.92 -31.92 -16.76
CA ASP B 232 -24.33 -32.40 -16.67
C ASP B 232 -24.94 -32.27 -15.25
N ARG B 233 -24.07 -32.21 -14.26
CA ARG B 233 -24.46 -32.04 -12.88
C ARG B 233 -25.05 -30.66 -12.59
N ASP B 234 -25.84 -30.59 -11.54
CA ASP B 234 -26.39 -29.34 -11.12
C ASP B 234 -25.35 -28.58 -10.25
N VAL B 235 -25.08 -27.34 -10.62
CA VAL B 235 -24.06 -26.55 -10.00
C VAL B 235 -24.61 -25.64 -8.91
N SER B 236 -23.84 -25.46 -7.82
CA SER B 236 -24.05 -24.30 -6.92
C SER B 236 -22.74 -23.58 -6.60
N VAL B 237 -22.83 -22.32 -6.22
CA VAL B 237 -21.67 -21.43 -6.05
C VAL B 237 -21.84 -20.63 -4.77
N SER B 238 -20.89 -20.78 -3.86
CA SER B 238 -20.69 -19.79 -2.76
C SER B 238 -19.52 -18.86 -3.14
N PHE B 239 -19.86 -17.61 -3.42
CA PHE B 239 -18.87 -16.63 -3.88
C PHE B 239 -18.79 -15.46 -2.89
N THR B 240 -17.58 -15.17 -2.41
CA THR B 240 -17.32 -14.01 -1.53
C THR B 240 -16.19 -13.18 -2.13
N PRO B 241 -16.49 -11.96 -2.60
CA PRO B 241 -15.42 -11.05 -3.07
C PRO B 241 -14.83 -10.26 -1.86
N VAL B 242 -13.52 -9.98 -1.86
CA VAL B 242 -12.89 -9.25 -0.74
C VAL B 242 -12.05 -8.13 -1.35
N LEU B 243 -12.35 -6.86 -1.03
CA LEU B 243 -11.49 -5.72 -1.43
C LEU B 243 -10.22 -5.63 -0.60
N ILE B 244 -9.09 -5.51 -1.27
CA ILE B 244 -7.79 -5.43 -0.64
C ILE B 244 -7.06 -4.16 -1.15
N PRO B 245 -6.01 -3.72 -0.42
CA PRO B 245 -5.27 -2.49 -0.72
C PRO B 245 -4.27 -2.65 -1.88
N ALA B 246 -4.76 -3.00 -3.06
CA ALA B 246 -3.93 -2.99 -4.25
C ALA B 246 -4.78 -2.28 -5.28
N SER B 247 -4.21 -1.71 -6.34
CA SER B 247 -5.16 -1.19 -7.37
C SER B 247 -5.61 -2.26 -8.37
N ARG B 248 -4.73 -3.19 -8.69
CA ARG B 248 -5.04 -4.29 -9.65
C ARG B 248 -4.83 -5.70 -9.05
N GLY B 249 -5.45 -6.72 -9.64
CA GLY B 249 -5.14 -8.10 -9.26
C GLY B 249 -6.41 -8.75 -8.72
N ILE B 250 -6.70 -9.97 -9.18
CA ILE B 250 -7.59 -10.89 -8.50
C ILE B 250 -6.84 -12.17 -8.15
N LEU B 251 -6.97 -12.59 -6.90
CA LEU B 251 -6.49 -13.89 -6.47
C LEU B 251 -7.71 -14.69 -6.02
N ALA B 252 -8.15 -15.63 -6.85
CA ALA B 252 -9.35 -16.40 -6.50
C ALA B 252 -8.91 -17.70 -5.85
N THR B 253 -9.40 -17.94 -4.65
CA THR B 253 -9.21 -19.26 -4.02
C THR B 253 -10.49 -20.05 -4.22
N CYS B 254 -10.37 -21.22 -4.87
CA CYS B 254 -11.53 -21.97 -5.40
C CYS B 254 -11.47 -23.42 -4.91
N THR B 255 -12.49 -23.82 -4.16
CA THR B 255 -12.54 -25.11 -3.52
C THR B 255 -13.83 -25.86 -3.83
N ALA B 256 -13.74 -27.21 -3.79
CA ALA B 256 -14.91 -28.09 -3.84
C ALA B 256 -14.46 -29.45 -3.31
N ARG B 257 -15.40 -30.28 -2.85
CA ARG B 257 -15.06 -31.72 -2.57
C ARG B 257 -14.44 -32.38 -3.79
N THR B 258 -13.26 -32.95 -3.59
CA THR B 258 -12.60 -33.73 -4.61
C THR B 258 -13.30 -35.12 -4.78
N ARG B 259 -13.33 -35.62 -6.02
CA ARG B 259 -13.70 -37.01 -6.35
C ARG B 259 -12.47 -37.65 -7.00
N SER B 260 -11.29 -37.14 -6.65
CA SER B 260 -10.10 -37.48 -7.38
C SER B 260 -8.81 -37.26 -6.59
N PRO B 261 -7.83 -38.14 -6.81
CA PRO B 261 -6.45 -37.82 -6.43
C PRO B 261 -5.90 -36.65 -7.26
N LEU B 262 -4.84 -36.05 -6.71
CA LEU B 262 -4.15 -34.93 -7.32
C LEU B 262 -3.59 -35.28 -8.72
N SER B 263 -2.98 -36.47 -8.88
CA SER B 263 -2.42 -36.85 -10.18
C SER B 263 -3.42 -36.68 -11.37
N GLN B 264 -4.67 -37.13 -11.21
CA GLN B 264 -5.65 -37.03 -12.31
C GLN B 264 -6.01 -35.58 -12.54
N LEU B 265 -6.15 -34.81 -11.45
CA LEU B 265 -6.45 -33.38 -11.52
C LEU B 265 -5.40 -32.61 -12.30
N ARG B 266 -4.13 -32.78 -11.92
CA ARG B 266 -3.04 -32.10 -12.58
C ARG B 266 -3.08 -32.44 -14.05
N ALA B 267 -3.38 -33.71 -14.36
CA ALA B 267 -3.45 -34.22 -15.73
C ALA B 267 -4.50 -33.50 -16.51
N ALA B 268 -5.67 -33.28 -15.92
CA ALA B 268 -6.80 -32.64 -16.60
C ALA B 268 -6.49 -31.19 -16.83
N TYR B 269 -5.71 -30.58 -15.92
CA TYR B 269 -5.24 -29.20 -16.15
C TYR B 269 -4.14 -29.11 -17.19
N GLU B 270 -3.18 -30.02 -17.17
CA GLU B 270 -2.16 -30.01 -18.21
C GLU B 270 -2.85 -30.14 -19.58
N LYS B 271 -3.81 -31.04 -19.63
CA LYS B 271 -4.48 -31.34 -20.90
C LYS B 271 -5.30 -30.16 -21.43
N ALA B 272 -6.01 -29.48 -20.52
CA ALA B 272 -6.88 -28.36 -20.83
C ALA B 272 -6.12 -27.15 -21.27
N TYR B 273 -4.94 -26.92 -20.66
CA TYR B 273 -4.24 -25.66 -20.84
C TYR B 273 -2.92 -25.75 -21.56
N HIS B 274 -2.46 -26.97 -21.89
CA HIS B 274 -1.13 -27.08 -22.56
C HIS B 274 -1.00 -26.20 -23.85
N ALA B 275 -2.05 -26.05 -24.65
CA ALA B 275 -1.92 -25.14 -25.82
C ALA B 275 -2.59 -23.75 -25.67
N GLU B 276 -2.85 -23.32 -24.45
CA GLU B 276 -3.52 -22.04 -24.23
C GLU B 276 -2.42 -21.05 -23.86
N PRO B 277 -2.17 -20.08 -24.77
CA PRO B 277 -1.03 -19.17 -24.66
C PRO B 277 -1.12 -18.26 -23.44
N PHE B 278 -2.31 -17.98 -22.93
CA PHE B 278 -2.44 -17.04 -21.81
C PHE B 278 -2.50 -17.76 -20.45
N ILE B 279 -2.66 -19.08 -20.45
CA ILE B 279 -2.78 -19.78 -19.18
C ILE B 279 -1.45 -20.45 -18.81
N TYR B 280 -0.97 -20.14 -17.61
CA TYR B 280 0.26 -20.73 -17.11
C TYR B 280 -0.06 -21.55 -15.85
N LEU B 281 0.20 -22.84 -15.93
CA LEU B 281 0.04 -23.74 -14.80
C LEU B 281 1.29 -23.72 -14.00
N MET B 282 1.22 -23.40 -12.71
CA MET B 282 2.45 -23.26 -11.96
C MET B 282 3.19 -24.65 -11.95
N PRO B 283 4.52 -24.66 -11.98
CA PRO B 283 5.22 -25.90 -11.62
C PRO B 283 4.87 -26.34 -10.17
N GLU B 284 4.87 -27.65 -9.94
CA GLU B 284 4.57 -28.22 -8.60
C GLU B 284 5.44 -27.58 -7.53
N GLY B 285 4.76 -27.13 -6.48
CA GLY B 285 5.42 -26.39 -5.41
C GLY B 285 5.51 -24.89 -5.63
N GLN B 286 4.99 -24.37 -6.74
CA GLN B 286 4.90 -22.92 -6.95
C GLN B 286 3.43 -22.52 -6.85
N LEU B 287 3.19 -21.31 -6.37
CA LEU B 287 1.82 -20.79 -6.20
C LEU B 287 1.74 -19.44 -6.92
N PRO B 288 0.56 -19.09 -7.48
CA PRO B 288 0.46 -17.78 -8.12
C PRO B 288 0.48 -16.58 -7.15
N ARG B 289 0.84 -15.43 -7.69
CA ARG B 289 0.78 -14.17 -6.97
C ARG B 289 0.28 -13.16 -7.96
N THR B 290 -0.62 -12.28 -7.55
CA THR B 290 -1.16 -11.32 -8.51
C THR B 290 -0.07 -10.40 -9.04
N GLY B 291 0.94 -10.11 -8.19
CA GLY B 291 2.10 -9.31 -8.62
C GLY B 291 2.78 -9.79 -9.93
N ALA B 292 2.71 -11.07 -10.20
CA ALA B 292 3.39 -11.69 -11.34
C ALA B 292 2.65 -11.52 -12.66
N VAL B 293 1.33 -11.26 -12.60
CA VAL B 293 0.51 -11.19 -13.81
C VAL B 293 0.06 -9.75 -14.15
N ILE B 294 0.34 -8.81 -13.25
CA ILE B 294 -0.11 -7.46 -13.39
C ILE B 294 0.40 -6.84 -14.69
N GLY B 295 -0.51 -6.28 -15.48
CA GLY B 295 -0.12 -5.70 -16.77
C GLY B 295 -0.12 -6.71 -17.90
N SER B 296 -0.29 -8.00 -17.59
CA SER B 296 -0.34 -9.02 -18.63
C SER B 296 -1.71 -9.60 -18.76
N ASN B 297 -1.92 -10.29 -19.90
CA ASN B 297 -3.17 -11.00 -20.15
C ASN B 297 -3.11 -12.44 -19.63
N ALA B 298 -2.15 -12.76 -18.78
CA ALA B 298 -1.89 -14.13 -18.25
C ALA B 298 -2.78 -14.45 -17.06
N ALA B 299 -3.08 -15.75 -16.86
CA ALA B 299 -3.65 -16.31 -15.64
C ALA B 299 -2.64 -17.33 -15.14
N HIS B 300 -2.31 -17.25 -13.85
CA HIS B 300 -1.40 -18.22 -13.25
C HIS B 300 -2.22 -19.04 -12.33
N ILE B 301 -2.20 -20.36 -12.52
CA ILE B 301 -3.06 -21.29 -11.81
C ILE B 301 -2.25 -22.33 -11.09
N ALA B 302 -2.60 -22.62 -9.84
CA ALA B 302 -2.05 -23.82 -9.18
C ALA B 302 -3.25 -24.62 -8.66
N VAL B 303 -3.04 -25.95 -8.51
CA VAL B 303 -4.12 -26.85 -8.07
C VAL B 303 -3.46 -27.74 -7.00
N ALA B 304 -4.27 -28.28 -6.07
CA ALA B 304 -3.76 -29.09 -4.98
C ALA B 304 -4.93 -29.83 -4.38
N VAL B 305 -4.65 -30.83 -3.55
CA VAL B 305 -5.67 -31.55 -2.83
C VAL B 305 -5.31 -31.60 -1.36
N ASP B 306 -6.24 -31.11 -0.55
CA ASP B 306 -6.22 -31.22 0.88
C ASP B 306 -6.85 -32.59 1.24
N GLU B 307 -6.04 -33.60 1.51
CA GLU B 307 -6.57 -34.97 1.81
C GLU B 307 -7.41 -35.08 3.08
N ASP B 308 -6.95 -34.55 4.20
CA ASP B 308 -7.77 -34.62 5.41
C ASP B 308 -9.18 -34.00 5.27
N ALA B 309 -9.29 -32.97 4.46
CA ALA B 309 -10.55 -32.26 4.29
C ALA B 309 -11.34 -32.72 3.04
N GLN B 310 -10.73 -33.60 2.25
CA GLN B 310 -11.23 -34.11 0.97
C GLN B 310 -11.57 -32.99 -0.01
N THR B 311 -10.67 -32.04 -0.17
CA THR B 311 -10.98 -30.81 -0.84
C THR B 311 -9.94 -30.52 -1.90
N PHE B 312 -10.43 -30.29 -3.10
CA PHE B 312 -9.62 -29.79 -4.18
C PHE B 312 -9.53 -28.28 -3.98
N VAL B 313 -8.33 -27.77 -4.14
CA VAL B 313 -8.08 -26.33 -4.08
C VAL B 313 -7.44 -25.85 -5.38
N ALA B 314 -8.03 -24.84 -6.02
CA ALA B 314 -7.38 -24.16 -7.20
C ALA B 314 -7.25 -22.68 -6.91
N ILE B 315 -6.04 -22.16 -7.10
CA ILE B 315 -5.73 -20.75 -6.99
C ILE B 315 -5.51 -20.19 -8.38
N ALA B 316 -6.15 -19.10 -8.73
CA ALA B 316 -5.88 -18.41 -10.01
C ALA B 316 -5.58 -16.95 -9.75
N ALA B 317 -4.47 -16.44 -10.35
CA ALA B 317 -4.15 -15.01 -10.36
C ALA B 317 -4.32 -14.45 -11.76
N ILE B 318 -4.99 -13.31 -11.87
CA ILE B 318 -5.12 -12.55 -13.11
C ILE B 318 -5.03 -11.07 -12.78
N ASP B 319 -4.71 -10.24 -13.78
CA ASP B 319 -4.96 -8.77 -13.65
C ASP B 319 -6.44 -8.52 -14.01
N ASN B 320 -7.22 -7.95 -13.06
CA ASN B 320 -8.62 -7.75 -13.23
C ASN B 320 -8.93 -6.80 -14.41
N LEU B 321 -7.98 -5.95 -14.79
CA LEU B 321 -8.22 -4.94 -15.82
C LEU B 321 -7.78 -5.50 -17.16
N VAL B 322 -6.96 -6.56 -17.15
CA VAL B 322 -6.45 -7.15 -18.42
C VAL B 322 -7.21 -8.44 -18.66
N LYS B 323 -6.79 -9.57 -18.11
CA LYS B 323 -7.55 -10.80 -18.43
C LYS B 323 -9.00 -10.74 -17.86
N GLY B 324 -9.27 -10.01 -16.78
CA GLY B 324 -10.64 -9.86 -16.29
C GLY B 324 -11.48 -8.82 -17.04
N THR B 325 -10.88 -8.03 -17.94
CA THR B 325 -11.66 -6.98 -18.60
C THR B 325 -11.18 -6.66 -20.02
N ALA B 326 -10.23 -5.76 -20.11
CA ALA B 326 -9.82 -5.13 -21.36
C ALA B 326 -8.99 -6.03 -22.28
N GLY B 327 -8.19 -6.91 -21.67
CA GLY B 327 -7.37 -7.87 -22.41
C GLY B 327 -8.32 -8.95 -22.98
N ALA B 328 -9.24 -9.44 -22.19
CA ALA B 328 -10.32 -10.31 -22.69
C ALA B 328 -11.10 -9.63 -23.86
N ALA B 329 -11.44 -8.36 -23.70
CA ALA B 329 -12.05 -7.59 -24.82
C ALA B 329 -11.20 -7.58 -26.10
N VAL B 330 -9.91 -7.28 -25.98
CA VAL B 330 -9.00 -7.20 -27.10
C VAL B 330 -8.74 -8.62 -27.70
N GLN B 331 -8.54 -9.63 -26.84
CA GLN B 331 -8.34 -11.03 -27.27
C GLN B 331 -9.51 -11.55 -28.12
N SER B 332 -10.72 -11.33 -27.61
CA SER B 332 -11.98 -11.50 -28.33
C SER B 332 -12.10 -10.69 -29.60
N MET B 333 -11.79 -9.38 -29.56
CA MET B 333 -11.72 -8.57 -30.76
C MET B 333 -10.84 -9.24 -31.86
N ASN B 334 -9.62 -9.61 -31.50
CA ASN B 334 -8.70 -10.21 -32.44
C ASN B 334 -9.41 -11.42 -33.10
N LEU B 335 -10.11 -12.23 -32.33
CA LEU B 335 -10.84 -13.38 -32.86
C LEU B 335 -11.98 -12.92 -33.75
N ALA B 336 -12.79 -11.96 -33.31
CA ALA B 336 -13.78 -11.41 -34.17
C ALA B 336 -13.20 -10.92 -35.52
N LEU B 337 -11.98 -10.43 -35.57
CA LEU B 337 -11.47 -9.81 -36.80
C LEU B 337 -10.60 -10.72 -37.70
N GLY B 338 -10.28 -11.94 -37.24
CA GLY B 338 -9.45 -12.87 -37.95
C GLY B 338 -8.00 -12.60 -37.71
N TRP B 339 -7.69 -11.76 -36.74
CA TRP B 339 -6.27 -11.55 -36.38
C TRP B 339 -5.71 -12.61 -35.37
N PRO B 340 -4.36 -12.81 -35.36
CA PRO B 340 -3.79 -13.68 -34.35
C PRO B 340 -4.29 -13.30 -32.95
N GLU B 341 -4.79 -14.31 -32.22
CA GLU B 341 -5.40 -14.10 -30.93
C GLU B 341 -4.52 -13.36 -29.90
N THR B 342 -3.21 -13.55 -29.96
CA THR B 342 -2.29 -13.02 -28.97
C THR B 342 -1.77 -11.62 -29.37
N ASP B 343 -2.23 -11.07 -30.49
CA ASP B 343 -1.80 -9.72 -30.90
C ASP B 343 -2.15 -8.67 -29.85
N GLY B 344 -1.12 -8.00 -29.38
CA GLY B 344 -1.29 -6.86 -28.47
C GLY B 344 -1.24 -7.26 -27.00
N LEU B 345 -1.14 -8.56 -26.73
CA LEU B 345 -1.44 -9.17 -25.43
C LEU B 345 -0.21 -9.91 -24.90
N SER B 346 0.54 -9.25 -24.03
CA SER B 346 1.62 -9.92 -23.36
C SER B 346 1.22 -10.96 -22.29
N VAL B 347 2.03 -12.00 -22.16
CA VAL B 347 1.91 -12.95 -21.02
C VAL B 347 2.87 -12.55 -19.87
N VAL B 348 3.69 -11.53 -20.08
CA VAL B 348 4.71 -11.21 -19.08
C VAL B 348 4.23 -10.07 -18.18
N GLY B 349 4.21 -10.30 -16.87
CA GLY B 349 3.75 -9.28 -16.00
C GLY B 349 4.78 -8.17 -15.76
N VAL B 350 4.28 -7.07 -15.23
CA VAL B 350 5.14 -5.94 -14.86
C VAL B 350 5.42 -6.06 -13.33
N ALA B 351 6.42 -6.81 -12.94
CA ALA B 351 6.71 -7.07 -11.56
C ALA B 351 8.13 -6.58 -11.30
N PRO B 352 8.46 -6.13 -10.05
CA PRO B 352 7.64 -6.04 -8.86
C PRO B 352 6.79 -4.77 -8.92
N ALA C 9 3.04 -6.09 43.62
CA ALA C 9 4.07 -5.84 42.56
C ALA C 9 4.19 -7.06 41.65
N THR C 10 4.03 -6.85 40.34
CA THR C 10 4.21 -7.92 39.36
C THR C 10 5.30 -7.51 38.42
N LYS C 11 6.41 -8.24 38.40
CA LYS C 11 7.53 -7.95 37.51
C LYS C 11 7.55 -8.92 36.31
N VAL C 12 7.60 -8.33 35.12
CA VAL C 12 7.31 -9.04 33.87
C VAL C 12 8.53 -9.04 32.99
N ALA C 13 8.89 -10.22 32.46
CA ALA C 13 9.91 -10.31 31.46
C ALA C 13 9.25 -10.60 30.13
N VAL C 14 9.89 -10.16 29.05
CA VAL C 14 9.48 -10.50 27.70
C VAL C 14 10.67 -11.11 27.01
N ALA C 15 10.57 -12.41 26.72
CA ALA C 15 11.61 -13.14 25.95
C ALA C 15 11.22 -13.15 24.50
N GLY C 16 12.08 -12.68 23.64
CA GLY C 16 11.66 -12.53 22.24
C GLY C 16 11.20 -11.12 22.00
N ALA C 17 11.84 -10.19 22.73
CA ALA C 17 11.39 -8.79 22.74
C ALA C 17 11.60 -8.05 21.40
N SER C 18 12.47 -8.58 20.52
CA SER C 18 12.78 -7.91 19.23
C SER C 18 11.92 -8.26 18.02
N GLY C 19 11.10 -9.30 18.11
CA GLY C 19 10.18 -9.56 17.03
C GLY C 19 8.89 -8.76 17.16
N TYR C 20 7.94 -8.95 16.26
CA TYR C 20 6.68 -8.23 16.35
C TYR C 20 5.84 -8.56 17.56
N ALA C 21 5.64 -9.84 17.88
CA ALA C 21 4.82 -10.17 19.08
C ALA C 21 5.41 -9.51 20.34
N GLY C 22 6.71 -9.64 20.52
CA GLY C 22 7.39 -9.03 21.66
C GLY C 22 7.13 -7.55 21.72
N GLY C 23 7.27 -6.84 20.58
CA GLY C 23 7.09 -5.39 20.60
C GLY C 23 5.64 -5.00 20.84
N GLU C 24 4.72 -5.78 20.30
CA GLU C 24 3.31 -5.55 20.57
C GLU C 24 3.00 -5.79 22.04
N ILE C 25 3.58 -6.83 22.66
CA ILE C 25 3.33 -7.04 24.10
C ILE C 25 3.80 -5.79 24.85
N LEU C 26 4.97 -5.27 24.50
CA LEU C 26 5.54 -4.13 25.18
C LEU C 26 4.67 -2.88 25.04
N ARG C 27 4.21 -2.58 23.82
CA ARG C 27 3.32 -1.47 23.57
C ARG C 27 2.06 -1.50 24.49
N LEU C 28 1.45 -2.67 24.59
CA LEU C 28 0.27 -2.87 25.41
C LEU C 28 0.64 -2.79 26.90
N LEU C 29 1.82 -3.30 27.28
CA LEU C 29 2.23 -3.20 28.67
C LEU C 29 2.47 -1.73 29.05
N LEU C 30 3.16 -1.00 28.16
CA LEU C 30 3.36 0.44 28.31
C LEU C 30 2.06 1.20 28.60
N GLY C 31 0.97 0.80 27.94
CA GLY C 31 -0.32 1.47 28.20
C GLY C 31 -1.24 0.86 29.24
N HIS C 32 -0.79 -0.18 29.89
CA HIS C 32 -1.65 -0.87 30.86
C HIS C 32 -1.81 0.00 32.16
N PRO C 33 -3.03 0.08 32.76
CA PRO C 33 -3.21 0.82 34.01
C PRO C 33 -2.35 0.29 35.17
N ALA C 34 -2.08 -1.01 35.20
CA ALA C 34 -1.18 -1.53 36.23
C ALA C 34 0.26 -1.00 36.08
N TYR C 35 0.62 -0.56 34.87
CA TYR C 35 1.95 -0.05 34.63
C TYR C 35 2.02 1.44 35.00
N ALA C 36 0.93 2.14 34.75
CA ALA C 36 0.76 3.53 35.19
C ALA C 36 0.76 3.66 36.75
N ASP C 37 0.22 2.67 37.46
CA ASP C 37 0.14 2.81 38.90
C ASP C 37 1.16 2.00 39.65
N GLY C 38 2.14 1.45 38.92
CA GLY C 38 3.32 0.84 39.53
C GLY C 38 3.16 -0.59 39.96
N ARG C 39 1.92 -1.12 39.92
CA ARG C 39 1.64 -2.57 40.19
C ARG C 39 2.28 -3.54 39.21
N LEU C 40 2.45 -3.14 37.97
CA LEU C 40 3.20 -3.91 36.98
C LEU C 40 4.52 -3.19 36.65
N ARG C 41 5.63 -3.95 36.64
CA ARG C 41 6.93 -3.41 36.28
C ARG C 41 7.51 -4.21 35.14
N ILE C 42 8.16 -3.54 34.22
CA ILE C 42 8.75 -4.20 33.08
C ILE C 42 10.23 -4.42 33.36
N GLY C 43 10.63 -5.69 33.50
CA GLY C 43 12.03 -6.00 33.69
C GLY C 43 12.77 -6.38 32.45
N ALA C 44 13.34 -7.57 32.51
CA ALA C 44 14.19 -8.13 31.45
C ALA C 44 13.53 -8.26 30.07
N LEU C 45 14.28 -7.82 29.08
CA LEU C 45 13.85 -7.88 27.69
C LEU C 45 14.96 -8.62 27.02
N THR C 46 14.62 -9.78 26.48
CA THR C 46 15.63 -10.68 25.91
C THR C 46 15.38 -11.06 24.43
N ALA C 47 16.46 -11.46 23.74
CA ALA C 47 16.49 -11.98 22.37
C ALA C 47 17.71 -12.89 22.11
N ALA C 48 17.52 -13.90 21.24
CA ALA C 48 18.60 -14.78 20.76
C ALA C 48 19.80 -13.97 20.24
N THR C 49 19.74 -13.50 18.99
CA THR C 49 20.78 -12.65 18.39
C THR C 49 21.38 -11.58 19.32
N SER C 50 20.52 -10.68 19.77
CA SER C 50 20.92 -9.29 19.89
C SER C 50 21.23 -8.78 21.28
N ALA C 51 21.49 -9.68 22.23
CA ALA C 51 21.97 -9.22 23.54
C ALA C 51 23.04 -8.10 23.39
N GLY C 52 22.86 -7.02 24.17
CA GLY C 52 23.73 -5.84 24.13
C GLY C 52 23.23 -4.67 23.28
N SER C 53 22.30 -4.96 22.38
CA SER C 53 21.69 -3.87 21.64
C SER C 53 20.59 -3.22 22.54
N THR C 54 20.15 -2.02 22.14
CA THR C 54 19.07 -1.37 22.82
C THR C 54 17.74 -1.68 22.12
N LEU C 55 16.66 -1.67 22.90
CA LEU C 55 15.34 -1.93 22.36
C LEU C 55 15.04 -0.98 21.19
N GLY C 56 15.45 0.28 21.28
CA GLY C 56 15.17 1.27 20.22
C GLY C 56 15.69 0.90 18.83
N GLU C 57 16.79 0.15 18.80
CA GLU C 57 17.31 -0.45 17.57
C GLU C 57 16.31 -1.42 16.93
N HIS C 58 15.50 -2.11 17.70
CA HIS C 58 14.54 -3.04 17.10
C HIS C 58 13.19 -2.40 16.92
N HIS C 59 12.81 -1.55 17.89
CA HIS C 59 11.47 -1.06 18.00
C HIS C 59 11.46 0.44 18.19
N PRO C 60 11.68 1.22 17.10
CA PRO C 60 11.78 2.67 17.32
C PRO C 60 10.47 3.38 17.74
N HIS C 61 9.34 2.70 17.68
CA HIS C 61 8.08 3.25 18.15
C HIS C 61 7.97 3.11 19.70
N LEU C 62 8.80 2.26 20.33
CA LEU C 62 8.67 2.01 21.74
C LEU C 62 9.62 2.98 22.48
N THR C 63 9.60 4.29 22.16
CA THR C 63 10.50 5.26 22.75
C THR C 63 10.70 5.27 24.29
N PRO C 64 9.65 5.03 25.12
CA PRO C 64 9.89 5.00 26.58
C PRO C 64 10.84 3.90 27.01
N LEU C 65 11.00 2.85 26.21
CA LEU C 65 11.89 1.76 26.54
C LEU C 65 13.09 1.64 25.62
N ALA C 66 13.35 2.66 24.79
CA ALA C 66 14.34 2.60 23.72
C ALA C 66 15.75 2.38 24.17
N HIS C 67 16.06 2.88 25.36
CA HIS C 67 17.41 2.80 25.96
C HIS C 67 17.60 1.48 26.72
N ARG C 68 16.53 0.68 26.85
CA ARG C 68 16.70 -0.61 27.55
C ARG C 68 17.64 -1.47 26.79
N VAL C 69 18.50 -2.18 27.49
CA VAL C 69 19.49 -3.06 26.90
C VAL C 69 18.88 -4.43 26.82
N VAL C 70 18.90 -4.99 25.62
CA VAL C 70 18.40 -6.34 25.36
C VAL C 70 19.40 -7.36 25.93
N GLU C 71 18.89 -8.31 26.69
CA GLU C 71 19.71 -9.36 27.24
C GLU C 71 19.52 -10.71 26.51
N PRO C 72 20.45 -11.68 26.74
CA PRO C 72 20.32 -13.01 26.18
C PRO C 72 19.11 -13.68 26.72
N THR C 73 18.44 -14.51 25.92
CA THR C 73 17.37 -15.37 26.43
C THR C 73 18.02 -16.58 27.17
N GLU C 74 18.04 -16.53 28.51
CA GLU C 74 18.42 -17.68 29.31
C GLU C 74 17.63 -17.67 30.60
N ALA C 75 17.41 -18.85 31.20
CA ALA C 75 16.65 -18.95 32.44
C ALA C 75 17.17 -18.09 33.60
N ALA C 76 18.49 -17.89 33.65
CA ALA C 76 19.08 -17.06 34.66
C ALA C 76 18.51 -15.65 34.53
N VAL C 77 18.46 -15.15 33.29
CA VAL C 77 18.05 -13.76 33.00
C VAL C 77 16.56 -13.59 33.32
N LEU C 78 15.78 -14.64 33.05
CA LEU C 78 14.35 -14.61 33.17
C LEU C 78 13.85 -14.97 34.58
N GLY C 79 14.77 -15.42 35.42
CA GLY C 79 14.44 -15.76 36.82
C GLY C 79 14.24 -14.45 37.57
N GLY C 80 13.48 -14.48 38.64
CA GLY C 80 13.26 -13.28 39.41
C GLY C 80 12.07 -12.45 38.95
N HIS C 81 11.36 -12.97 37.95
CA HIS C 81 10.13 -12.32 37.41
C HIS C 81 8.92 -13.14 37.72
N ASP C 82 7.85 -12.48 38.13
CA ASP C 82 6.59 -13.15 38.39
C ASP C 82 5.82 -13.64 37.14
N ALA C 83 5.98 -12.95 36.01
CA ALA C 83 5.30 -13.31 34.74
C ALA C 83 6.33 -13.25 33.62
N VAL C 84 6.31 -14.23 32.73
CA VAL C 84 7.26 -14.18 31.63
C VAL C 84 6.46 -14.42 30.35
N PHE C 85 6.53 -13.50 29.41
CA PHE C 85 5.97 -13.72 28.08
C PHE C 85 7.05 -14.31 27.20
N LEU C 86 6.71 -15.38 26.51
CA LEU C 86 7.62 -16.03 25.61
C LEU C 86 7.04 -15.83 24.21
N ALA C 87 7.73 -15.02 23.41
CA ALA C 87 7.37 -14.78 22.03
C ALA C 87 8.54 -15.34 21.22
N LEU C 88 8.75 -16.64 21.29
CA LEU C 88 9.89 -17.30 20.65
C LEU C 88 9.37 -18.33 19.60
N PRO C 89 10.31 -18.96 18.82
CA PRO C 89 9.88 -20.00 17.87
C PRO C 89 9.61 -21.30 18.62
N HIS C 90 8.59 -22.02 18.16
CA HIS C 90 8.25 -23.31 18.75
C HIS C 90 9.52 -24.11 19.10
N GLY C 91 9.43 -24.77 20.25
CA GLY C 91 10.49 -25.62 20.77
C GLY C 91 11.22 -24.86 21.86
N HIS C 92 11.42 -23.57 21.58
CA HIS C 92 12.24 -22.77 22.45
C HIS C 92 11.55 -22.69 23.79
N SER C 93 10.23 -22.50 23.77
CA SER C 93 9.48 -22.27 24.99
C SER C 93 9.32 -23.57 25.75
N ALA C 94 9.24 -24.69 25.01
CA ALA C 94 9.16 -26.01 25.67
C ALA C 94 10.43 -26.22 26.55
N VAL C 95 11.60 -26.08 25.93
CA VAL C 95 12.88 -26.09 26.64
C VAL C 95 12.94 -25.10 27.80
N LEU C 96 12.61 -23.84 27.50
CA LEU C 96 12.74 -22.73 28.44
C LEU C 96 11.78 -22.83 29.59
N ALA C 97 10.54 -23.21 29.29
CA ALA C 97 9.50 -23.32 30.31
C ALA C 97 9.78 -24.32 31.44
N GLN C 98 10.53 -25.38 31.14
CA GLN C 98 10.82 -26.35 32.24
C GLN C 98 11.88 -25.80 33.20
N GLN C 99 12.74 -24.92 32.69
CA GLN C 99 13.75 -24.28 33.53
C GLN C 99 13.29 -23.22 34.54
N LEU C 100 12.19 -22.53 34.24
CA LEU C 100 11.70 -21.41 35.09
C LEU C 100 10.93 -22.00 36.24
N SER C 101 10.61 -21.18 37.24
CA SER C 101 9.85 -21.67 38.39
C SER C 101 8.45 -22.15 38.03
N PRO C 102 7.94 -23.14 38.77
CA PRO C 102 6.54 -23.60 38.81
C PRO C 102 5.43 -22.57 39.04
N GLU C 103 5.77 -21.45 39.65
CA GLU C 103 4.74 -20.47 40.04
C GLU C 103 4.87 -19.13 39.32
N THR C 104 5.94 -18.97 38.52
CA THR C 104 6.01 -17.95 37.50
C THR C 104 4.77 -18.17 36.62
N LEU C 105 4.03 -17.12 36.35
CA LEU C 105 3.05 -17.09 35.27
C LEU C 105 3.77 -17.11 33.91
N ILE C 106 3.72 -18.22 33.19
CA ILE C 106 4.39 -18.26 31.87
C ILE C 106 3.30 -18.10 30.84
N ILE C 107 3.50 -17.14 29.92
CA ILE C 107 2.51 -16.86 28.85
C ILE C 107 3.18 -17.09 27.53
N ASP C 108 2.82 -18.20 26.89
CA ASP C 108 3.59 -18.66 25.73
C ASP C 108 2.86 -18.26 24.46
N CYS C 109 3.46 -17.32 23.77
CA CYS C 109 2.98 -16.93 22.44
C CYS C 109 3.25 -17.96 21.38
N GLY C 110 4.22 -18.86 21.57
CA GLY C 110 4.48 -19.96 20.62
C GLY C 110 3.35 -20.99 20.54
N ALA C 111 3.51 -21.98 19.64
CA ALA C 111 2.58 -23.10 19.48
C ALA C 111 2.77 -24.23 20.49
N ASP C 112 3.89 -24.22 21.22
CA ASP C 112 4.33 -25.44 21.95
C ASP C 112 3.31 -26.10 22.85
N PHE C 113 2.46 -25.27 23.49
CA PHE C 113 1.48 -25.75 24.44
C PHE C 113 0.02 -25.62 24.00
N ARG C 114 -0.19 -25.33 22.72
CA ARG C 114 -1.53 -25.14 22.16
C ARG C 114 -2.29 -26.42 21.91
N LEU C 115 -1.62 -27.47 21.44
CA LEU C 115 -2.36 -28.62 20.89
C LEU C 115 -2.47 -29.73 21.94
N THR C 116 -3.59 -30.44 21.95
CA THR C 116 -3.94 -31.44 22.98
C THR C 116 -3.81 -32.86 22.44
N ASP C 117 -3.38 -33.04 21.20
CA ASP C 117 -3.14 -34.39 20.64
C ASP C 117 -1.67 -34.50 20.22
N ALA C 118 -0.94 -35.46 20.83
CA ALA C 118 0.49 -35.59 20.60
C ALA C 118 0.83 -35.97 19.17
N ALA C 119 0.02 -36.82 18.52
CA ALA C 119 0.32 -37.25 17.15
C ALA C 119 0.12 -36.13 16.10
N VAL C 120 -0.96 -35.38 16.26
CA VAL C 120 -1.21 -34.21 15.43
C VAL C 120 -0.07 -33.20 15.60
N TRP C 121 0.36 -32.99 16.84
CA TRP C 121 1.56 -32.19 17.06
C TRP C 121 2.80 -32.62 16.21
N GLU C 122 3.23 -33.87 16.30
CA GLU C 122 4.48 -34.35 15.63
C GLU C 122 4.35 -34.29 14.13
N ARG C 123 3.16 -34.63 13.65
CA ARG C 123 2.82 -34.52 12.24
C ARG C 123 3.04 -33.12 11.68
N PHE C 124 2.46 -32.09 12.33
CA PHE C 124 2.62 -30.72 11.84
C PHE C 124 3.90 -29.99 12.24
N TYR C 125 4.47 -30.33 13.40
CA TYR C 125 5.67 -29.64 13.84
C TYR C 125 6.97 -30.41 13.78
N GLY C 126 6.90 -31.75 13.74
CA GLY C 126 8.11 -32.55 13.63
C GLY C 126 8.91 -32.82 14.91
N SER C 127 8.45 -32.31 16.03
CA SER C 127 9.14 -32.51 17.30
C SER C 127 8.21 -33.22 18.27
N SER C 128 8.72 -33.63 19.42
CA SER C 128 7.85 -34.29 20.39
C SER C 128 6.92 -33.28 21.04
N HIS C 129 5.75 -33.75 21.44
CA HIS C 129 4.75 -32.94 22.12
C HIS C 129 5.14 -32.62 23.56
N ALA C 130 5.17 -31.31 23.87
CA ALA C 130 5.53 -30.79 25.21
C ALA C 130 4.38 -30.85 26.18
N GLY C 131 3.16 -30.96 25.65
CA GLY C 131 1.94 -30.98 26.46
C GLY C 131 1.00 -29.88 26.01
N SER C 132 -0.04 -29.59 26.76
CA SER C 132 -0.90 -28.43 26.47
C SER C 132 -1.19 -27.60 27.72
N TRP C 133 -1.37 -26.28 27.53
CA TRP C 133 -1.73 -25.36 28.63
C TRP C 133 -3.04 -24.68 28.32
N PRO C 134 -3.74 -24.16 29.36
CA PRO C 134 -4.96 -23.39 29.07
C PRO C 134 -4.84 -22.42 27.86
N TYR C 135 -5.80 -22.53 26.96
CA TYR C 135 -5.75 -21.81 25.69
C TYR C 135 -6.26 -20.39 25.87
N GLY C 136 -5.51 -19.44 25.35
CA GLY C 136 -5.70 -18.02 25.67
C GLY C 136 -6.72 -17.34 24.82
N LEU C 137 -7.85 -18.02 24.61
CA LEU C 137 -9.02 -17.45 23.94
C LEU C 137 -10.22 -17.38 24.90
N PRO C 138 -10.27 -16.34 25.77
CA PRO C 138 -11.34 -16.30 26.81
C PRO C 138 -12.76 -16.49 26.33
N GLU C 139 -13.06 -16.09 25.10
CA GLU C 139 -14.43 -16.13 24.57
C GLU C 139 -14.92 -17.53 24.22
N LEU C 140 -14.01 -18.47 23.99
CA LEU C 140 -14.40 -19.85 23.69
C LEU C 140 -15.10 -20.47 24.90
N PRO C 141 -16.12 -21.32 24.67
CA PRO C 141 -16.83 -21.88 25.84
C PRO C 141 -15.89 -22.66 26.74
N GLY C 142 -15.96 -22.40 28.06
CA GLY C 142 -15.10 -23.04 29.07
C GLY C 142 -13.69 -22.45 29.23
N ALA C 143 -13.29 -21.56 28.30
CA ALA C 143 -11.87 -21.11 28.20
C ALA C 143 -11.49 -20.20 29.33
N ARG C 144 -12.39 -19.27 29.67
CA ARG C 144 -12.16 -18.21 30.65
C ARG C 144 -11.99 -18.77 32.08
N ASP C 145 -12.73 -19.83 32.42
CA ASP C 145 -12.62 -20.47 33.72
C ASP C 145 -11.32 -21.27 33.82
N GLN C 146 -10.81 -21.82 32.72
CA GLN C 146 -9.46 -22.40 32.75
C GLN C 146 -8.32 -21.39 33.03
N LEU C 147 -8.55 -20.12 32.70
CA LEU C 147 -7.56 -19.06 32.71
C LEU C 147 -7.48 -18.26 34.04
N ARG C 148 -8.59 -18.09 34.75
CA ARG C 148 -8.63 -17.40 36.02
C ARG C 148 -7.66 -18.08 36.99
N GLY C 149 -6.70 -17.30 37.52
CA GLY C 149 -5.75 -17.87 38.44
C GLY C 149 -4.71 -18.83 37.86
N THR C 150 -4.79 -19.19 36.56
CA THR C 150 -3.74 -20.07 35.94
C THR C 150 -2.36 -19.48 36.04
N ARG C 151 -1.35 -20.34 36.00
CA ARG C 151 0.06 -19.92 35.94
C ARG C 151 0.67 -20.25 34.57
N ARG C 152 -0.13 -20.79 33.66
CA ARG C 152 0.34 -21.23 32.36
C ARG C 152 -0.68 -20.83 31.31
N ILE C 153 -0.26 -20.14 30.26
CA ILE C 153 -1.17 -19.80 29.13
C ILE C 153 -0.49 -20.11 27.80
N ALA C 154 -1.23 -20.81 26.92
CA ALA C 154 -0.86 -20.97 25.52
C ALA C 154 -1.72 -20.00 24.72
N VAL C 155 -1.08 -19.02 24.10
CA VAL C 155 -1.78 -18.02 23.36
C VAL C 155 -2.17 -18.68 22.03
N PRO C 156 -3.42 -18.45 21.54
CA PRO C 156 -3.79 -18.98 20.22
C PRO C 156 -3.00 -18.39 19.02
N GLY C 157 -2.90 -19.16 17.92
CA GLY C 157 -2.45 -18.56 16.68
C GLY C 157 -3.44 -17.51 16.25
N CYS C 158 -2.97 -16.61 15.41
CA CYS C 158 -3.82 -15.51 14.88
C CYS C 158 -4.99 -15.96 14.01
N TYR C 159 -4.72 -16.81 13.00
CA TYR C 159 -5.84 -17.29 12.17
C TYR C 159 -6.90 -18.10 12.92
N PRO C 160 -6.51 -19.05 13.83
CA PRO C 160 -7.52 -19.76 14.64
C PRO C 160 -8.47 -18.86 15.49
N THR C 161 -7.96 -17.72 15.96
CA THR C 161 -8.72 -16.77 16.73
C THR C 161 -9.86 -16.19 15.88
N ALA C 162 -9.53 -15.72 14.67
CA ALA C 162 -10.53 -15.19 13.74
C ALA C 162 -11.54 -16.26 13.27
N ALA C 163 -11.05 -17.43 12.89
CA ALA C 163 -11.88 -18.52 12.43
C ALA C 163 -12.74 -19.08 13.58
N LEU C 164 -12.22 -19.30 14.78
CA LEU C 164 -13.06 -19.83 15.91
C LEU C 164 -14.19 -18.89 16.32
N LEU C 165 -13.85 -17.60 16.36
CA LEU C 165 -14.85 -16.56 16.65
C LEU C 165 -15.92 -16.45 15.55
N ALA C 166 -15.53 -16.60 14.27
CA ALA C 166 -16.50 -16.58 13.17
C ALA C 166 -17.43 -17.83 13.27
N LEU C 167 -16.90 -18.98 13.72
CA LEU C 167 -17.63 -20.21 13.50
C LEU C 167 -18.20 -20.90 14.72
N PHE C 168 -17.60 -20.71 15.91
CA PHE C 168 -17.98 -21.58 17.03
C PHE C 168 -19.48 -21.47 17.45
N PRO C 169 -20.08 -20.25 17.48
CA PRO C 169 -21.51 -20.19 17.93
C PRO C 169 -22.52 -21.00 17.08
N ALA C 170 -22.36 -20.98 15.75
CA ALA C 170 -23.13 -21.76 14.79
C ALA C 170 -22.85 -23.25 14.95
N LEU C 171 -21.60 -23.66 15.14
CA LEU C 171 -21.31 -25.07 15.25
C LEU C 171 -21.73 -25.62 16.60
N ALA C 172 -21.62 -24.81 17.64
CA ALA C 172 -21.94 -25.31 18.98
C ALA C 172 -23.45 -25.43 19.17
N ALA C 173 -24.20 -24.59 18.45
CA ALA C 173 -25.67 -24.62 18.42
C ALA C 173 -26.25 -25.63 17.42
N ASP C 174 -25.40 -26.49 16.85
CA ASP C 174 -25.77 -27.47 15.81
C ASP C 174 -26.44 -26.89 14.57
N LEU C 175 -26.02 -25.69 14.21
CA LEU C 175 -26.70 -24.95 13.15
C LEU C 175 -25.99 -25.01 11.80
N ILE C 176 -24.84 -25.68 11.75
CA ILE C 176 -24.07 -25.81 10.48
C ILE C 176 -23.43 -27.20 10.43
N GLU C 177 -23.06 -27.65 9.23
CA GLU C 177 -22.30 -28.92 9.09
C GLU C 177 -20.88 -28.74 9.66
N PRO C 178 -20.25 -29.81 10.21
CA PRO C 178 -18.88 -29.66 10.72
C PRO C 178 -17.76 -29.64 9.67
N ALA C 179 -18.10 -29.57 8.40
CA ALA C 179 -17.09 -29.38 7.37
C ALA C 179 -17.03 -27.88 7.08
N VAL C 180 -15.92 -27.23 7.42
CA VAL C 180 -15.78 -25.79 7.19
C VAL C 180 -14.61 -25.49 6.25
N THR C 181 -14.79 -24.36 5.55
CA THR C 181 -13.85 -23.75 4.69
C THR C 181 -13.54 -22.38 5.35
N VAL C 182 -12.26 -22.05 5.46
CA VAL C 182 -11.81 -20.78 5.94
C VAL C 182 -10.85 -20.28 4.88
N VAL C 183 -11.16 -19.12 4.32
CA VAL C 183 -10.16 -18.43 3.51
C VAL C 183 -9.82 -17.08 4.20
N ALA C 184 -8.57 -16.87 4.60
CA ALA C 184 -8.29 -15.63 5.40
C ALA C 184 -7.17 -14.83 4.81
N VAL C 185 -7.42 -13.56 4.60
CA VAL C 185 -6.38 -12.64 4.17
C VAL C 185 -5.73 -12.05 5.45
N SER C 186 -4.41 -11.96 5.44
CA SER C 186 -3.62 -11.45 6.55
C SER C 186 -2.64 -10.42 5.99
N GLY C 187 -2.41 -9.34 6.74
CA GLY C 187 -1.28 -8.47 6.52
C GLY C 187 -0.02 -9.22 6.87
N THR C 188 1.13 -8.70 6.48
CA THR C 188 2.34 -9.48 6.45
C THR C 188 3.07 -9.54 7.81
N SER C 189 2.64 -8.75 8.83
CA SER C 189 3.30 -8.89 10.17
C SER C 189 3.06 -10.28 10.68
N GLY C 190 1.97 -10.88 10.25
CA GLY C 190 1.66 -12.25 10.63
C GLY C 190 2.82 -13.20 10.38
N ALA C 191 3.37 -13.14 9.16
CA ALA C 191 4.58 -13.93 8.77
C ALA C 191 5.82 -13.69 9.59
N GLY C 192 5.78 -12.72 10.50
CA GLY C 192 6.91 -12.47 11.38
C GLY C 192 7.97 -11.60 10.77
N ARG C 193 9.09 -11.52 11.48
CA ARG C 193 10.09 -10.52 11.19
C ARG C 193 11.40 -11.04 10.58
N ALA C 194 11.48 -12.35 10.38
CA ALA C 194 12.60 -12.96 9.70
C ALA C 194 12.55 -12.52 8.22
N ALA C 195 13.64 -11.98 7.72
CA ALA C 195 13.68 -11.45 6.37
C ALA C 195 13.95 -12.53 5.33
N THR C 196 12.98 -12.69 4.44
CA THR C 196 13.13 -13.45 3.21
C THR C 196 12.73 -12.56 2.01
N THR C 197 13.21 -12.97 0.83
CA THR C 197 12.90 -12.42 -0.46
C THR C 197 11.37 -12.30 -0.71
N ASP C 198 10.63 -13.33 -0.27
CA ASP C 198 9.17 -13.44 -0.30
C ASP C 198 8.38 -12.38 0.47
N LEU C 199 9.05 -11.83 1.48
CA LEU C 199 8.47 -10.87 2.40
C LEU C 199 8.90 -9.41 2.18
N LEU C 200 9.84 -9.16 1.29
CA LEU C 200 10.24 -7.76 0.92
C LEU C 200 9.07 -6.91 0.47
N GLY C 201 9.07 -5.63 0.88
CA GLY C 201 8.01 -4.70 0.48
C GLY C 201 7.80 -4.69 -1.04
N ALA C 202 8.87 -4.79 -1.82
CA ALA C 202 8.74 -4.63 -3.27
C ALA C 202 7.99 -5.83 -3.85
N GLU C 203 8.17 -7.01 -3.25
CA GLU C 203 7.35 -8.20 -3.61
C GLU C 203 5.93 -8.20 -3.08
N VAL C 204 5.71 -7.77 -1.82
CA VAL C 204 4.37 -7.89 -1.24
C VAL C 204 3.43 -6.72 -1.57
N ILE C 205 4.00 -5.53 -1.71
CA ILE C 205 3.23 -4.37 -2.15
C ILE C 205 2.57 -4.59 -3.49
N GLY C 206 1.27 -4.32 -3.57
CA GLY C 206 0.53 -4.46 -4.79
C GLY C 206 0.25 -5.90 -5.19
N SER C 207 0.52 -6.86 -4.32
CA SER C 207 0.36 -8.25 -4.66
C SER C 207 -0.34 -9.04 -3.52
N ALA C 208 -1.03 -10.12 -3.94
CA ALA C 208 -1.68 -11.09 -3.03
C ALA C 208 -1.27 -12.50 -3.44
N ARG C 209 -1.10 -13.38 -2.45
CA ARG C 209 -0.84 -14.76 -2.69
C ARG C 209 -1.30 -15.63 -1.53
N ALA C 210 -1.86 -16.77 -1.91
CA ALA C 210 -2.16 -17.86 -1.00
C ALA C 210 -0.84 -18.57 -0.77
N TYR C 211 -0.68 -19.19 0.40
CA TYR C 211 0.59 -19.89 0.70
C TYR C 211 0.20 -21.02 1.64
N ASN C 212 1.03 -22.06 1.74
CA ASN C 212 0.76 -23.16 2.72
C ASN C 212 -0.70 -23.62 2.62
N ILE C 213 -1.12 -23.83 1.38
CA ILE C 213 -2.49 -24.18 1.05
C ILE C 213 -2.76 -25.72 1.23
N ALA C 214 -4.06 -26.10 1.21
CA ALA C 214 -4.47 -27.52 1.20
C ALA C 214 -4.06 -28.34 2.44
N GLY C 215 -4.10 -27.67 3.60
CA GLY C 215 -4.08 -28.39 4.86
C GLY C 215 -2.70 -28.38 5.48
N VAL C 216 -1.72 -27.82 4.77
CA VAL C 216 -0.35 -27.85 5.26
C VAL C 216 -0.04 -26.72 6.28
N HIS C 217 -0.82 -25.62 6.30
CA HIS C 217 -0.58 -24.59 7.32
C HIS C 217 -0.82 -25.20 8.74
N ARG C 218 0.09 -24.91 9.66
CA ARG C 218 0.03 -25.44 11.02
C ARG C 218 -1.12 -24.95 11.90
N HIS C 219 -1.79 -23.91 11.43
CA HIS C 219 -2.95 -23.45 12.14
C HIS C 219 -4.20 -24.24 11.79
N THR C 220 -4.16 -25.01 10.69
CA THR C 220 -5.29 -25.90 10.36
C THR C 220 -5.71 -26.79 11.52
N PRO C 221 -4.78 -27.59 12.08
CA PRO C 221 -5.21 -28.48 13.20
C PRO C 221 -5.67 -27.71 14.47
N GLU C 222 -5.20 -26.49 14.60
CA GLU C 222 -5.62 -25.67 15.73
C GLU C 222 -7.09 -25.20 15.58
N ILE C 223 -7.48 -24.83 14.35
CA ILE C 223 -8.84 -24.45 14.11
C ILE C 223 -9.72 -25.70 14.35
N ALA C 224 -9.32 -26.84 13.78
CA ALA C 224 -10.09 -28.09 13.94
C ALA C 224 -10.22 -28.43 15.42
N GLN C 225 -9.13 -28.29 16.18
CA GLN C 225 -9.20 -28.58 17.63
C GLN C 225 -10.18 -27.67 18.36
N GLY C 226 -10.12 -26.34 18.18
CA GLY C 226 -11.09 -25.50 18.85
C GLY C 226 -12.53 -25.82 18.44
N LEU C 227 -12.75 -26.25 17.20
CA LEU C 227 -14.09 -26.53 16.77
C LEU C 227 -14.58 -27.88 17.29
N ARG C 228 -13.70 -28.88 17.36
CA ARG C 228 -14.06 -30.16 17.96
C ARG C 228 -14.44 -30.00 19.44
N ALA C 229 -13.91 -28.98 20.10
CA ALA C 229 -14.26 -28.76 21.47
C ALA C 229 -15.74 -28.33 21.66
N VAL C 230 -16.44 -27.83 20.62
CA VAL C 230 -17.86 -27.38 20.81
C VAL C 230 -18.92 -28.31 20.16
N THR C 231 -18.44 -29.47 19.71
CA THR C 231 -19.26 -30.43 19.00
C THR C 231 -18.69 -31.88 19.02
N ASP C 232 -19.60 -32.84 18.97
CA ASP C 232 -19.32 -34.30 18.94
C ASP C 232 -19.11 -34.83 17.52
N ARG C 233 -19.55 -34.10 16.50
CA ARG C 233 -19.38 -34.49 15.10
C ARG C 233 -17.93 -34.47 14.61
N ASP C 234 -17.71 -35.12 13.46
CA ASP C 234 -16.37 -35.19 12.79
C ASP C 234 -16.18 -33.87 12.06
N VAL C 235 -15.31 -33.01 12.61
CA VAL C 235 -14.93 -31.68 12.04
C VAL C 235 -13.84 -31.83 10.98
N SER C 236 -13.98 -31.16 9.85
CA SER C 236 -12.87 -31.11 8.89
C SER C 236 -12.73 -29.67 8.51
N VAL C 237 -11.50 -29.28 8.21
CA VAL C 237 -11.19 -27.87 7.99
C VAL C 237 -10.41 -27.70 6.73
N SER C 238 -10.97 -26.99 5.76
CA SER C 238 -10.21 -26.53 4.61
C SER C 238 -9.78 -25.06 4.89
N PHE C 239 -8.50 -24.83 5.09
CA PHE C 239 -7.97 -23.50 5.49
C PHE C 239 -6.97 -22.97 4.46
N THR C 240 -7.21 -21.78 3.95
CA THR C 240 -6.35 -21.14 2.95
C THR C 240 -6.01 -19.74 3.44
N PRO C 241 -4.73 -19.53 3.81
CA PRO C 241 -4.27 -18.18 4.20
C PRO C 241 -3.78 -17.44 2.94
N VAL C 242 -4.06 -16.13 2.84
CA VAL C 242 -3.64 -15.26 1.69
C VAL C 242 -2.90 -14.02 2.27
N LEU C 243 -1.66 -13.77 1.85
CA LEU C 243 -0.99 -12.54 2.17
C LEU C 243 -1.44 -11.43 1.29
N ILE C 244 -1.81 -10.31 1.91
CA ILE C 244 -2.19 -9.09 1.15
C ILE C 244 -1.25 -7.96 1.56
N PRO C 245 -1.19 -6.88 0.72
CA PRO C 245 -0.30 -5.73 0.99
C PRO C 245 -0.80 -4.80 2.18
N ALA C 246 -0.82 -5.34 3.40
CA ALA C 246 -1.11 -4.60 4.60
C ALA C 246 -0.14 -5.15 5.64
N SER C 247 0.22 -4.35 6.65
CA SER C 247 1.06 -4.86 7.71
C SER C 247 0.27 -5.59 8.76
N ARG C 248 -0.97 -5.17 9.01
CA ARG C 248 -1.71 -5.83 10.03
C ARG C 248 -3.07 -6.20 9.55
N GLY C 249 -3.69 -7.18 10.21
CA GLY C 249 -5.11 -7.39 10.05
C GLY C 249 -5.41 -8.78 9.52
N ILE C 250 -6.53 -9.37 9.95
CA ILE C 250 -6.96 -10.64 9.39
C ILE C 250 -8.42 -10.49 9.14
N LEU C 251 -8.81 -10.88 7.95
CA LEU C 251 -10.20 -10.90 7.51
C LEU C 251 -10.44 -12.37 7.12
N ALA C 252 -11.11 -13.09 8.03
CA ALA C 252 -11.51 -14.48 7.81
C ALA C 252 -12.93 -14.56 7.22
N THR C 253 -13.04 -15.14 6.03
CA THR C 253 -14.31 -15.58 5.48
C THR C 253 -14.44 -17.09 5.70
N CYS C 254 -15.50 -17.46 6.45
CA CYS C 254 -15.69 -18.81 6.96
C CYS C 254 -17.02 -19.31 6.47
N THR C 255 -17.07 -20.51 5.89
CA THR C 255 -18.35 -20.98 5.33
C THR C 255 -18.61 -22.40 5.71
N ALA C 256 -19.88 -22.78 5.71
CA ALA C 256 -20.30 -24.17 5.97
C ALA C 256 -21.72 -24.39 5.52
N ARG C 257 -21.99 -25.59 5.00
CA ARG C 257 -23.38 -25.96 4.65
C ARG C 257 -24.29 -25.76 5.83
N THR C 258 -25.49 -25.32 5.55
CA THR C 258 -26.51 -25.17 6.60
C THR C 258 -27.88 -25.40 6.01
N ARG C 259 -28.78 -25.95 6.83
CA ARG C 259 -30.23 -25.90 6.52
C ARG C 259 -30.96 -25.06 7.53
N SER C 260 -30.22 -24.35 8.40
CA SER C 260 -30.87 -23.46 9.38
C SER C 260 -31.25 -22.05 8.86
N PRO C 261 -32.35 -21.48 9.39
CA PRO C 261 -32.71 -20.16 8.94
C PRO C 261 -31.75 -19.19 9.56
N LEU C 262 -31.57 -18.06 8.87
CA LEU C 262 -30.75 -16.92 9.26
C LEU C 262 -31.09 -16.37 10.64
N SER C 263 -32.39 -16.18 10.91
CA SER C 263 -32.89 -15.77 12.23
C SER C 263 -32.34 -16.62 13.37
N GLN C 264 -32.30 -17.93 13.20
CA GLN C 264 -31.79 -18.82 14.23
C GLN C 264 -30.23 -18.67 14.38
N LEU C 265 -29.54 -18.43 13.27
CA LEU C 265 -28.08 -18.27 13.31
C LEU C 265 -27.80 -16.92 13.98
N ARG C 266 -28.47 -15.85 13.55
CA ARG C 266 -28.34 -14.54 14.23
C ARG C 266 -28.49 -14.67 15.73
N ALA C 267 -29.56 -15.32 16.20
CA ALA C 267 -29.76 -15.52 17.64
C ALA C 267 -28.62 -16.23 18.37
N ALA C 268 -28.06 -17.27 17.77
CA ALA C 268 -26.92 -18.02 18.36
C ALA C 268 -25.75 -17.08 18.64
N TYR C 269 -25.43 -16.27 17.64
CA TYR C 269 -24.38 -15.24 17.74
C TYR C 269 -24.69 -14.15 18.83
N GLU C 270 -25.92 -13.61 18.86
CA GLU C 270 -26.30 -12.60 19.84
C GLU C 270 -26.18 -13.18 21.22
N LYS C 271 -26.63 -14.43 21.37
CA LYS C 271 -26.53 -15.11 22.65
C LYS C 271 -25.10 -15.37 23.07
N ALA C 272 -24.28 -15.88 22.15
CA ALA C 272 -22.85 -16.13 22.47
C ALA C 272 -22.12 -14.88 22.88
N TYR C 273 -22.45 -13.74 22.27
CA TYR C 273 -21.57 -12.58 22.32
C TYR C 273 -22.11 -11.30 22.96
N HIS C 274 -23.38 -11.29 23.37
CA HIS C 274 -24.02 -10.01 23.75
C HIS C 274 -23.25 -9.32 24.88
N ALA C 275 -22.76 -10.11 25.82
CA ALA C 275 -21.99 -9.58 26.95
C ALA C 275 -20.44 -9.79 26.85
N GLU C 276 -19.89 -10.12 25.67
CA GLU C 276 -18.44 -10.20 25.48
C GLU C 276 -17.90 -8.80 25.11
N PRO C 277 -17.02 -8.23 25.95
CA PRO C 277 -16.63 -6.83 25.64
C PRO C 277 -15.79 -6.62 24.36
N PHE C 278 -15.09 -7.64 23.89
CA PHE C 278 -14.28 -7.45 22.68
C PHE C 278 -14.96 -7.88 21.41
N ILE C 279 -16.15 -8.46 21.49
CA ILE C 279 -16.75 -9.01 20.27
C ILE C 279 -17.84 -8.04 19.86
N TYR C 280 -17.75 -7.54 18.63
CA TYR C 280 -18.73 -6.63 18.10
C TYR C 280 -19.43 -7.23 16.89
N LEU C 281 -20.74 -7.44 17.06
CA LEU C 281 -21.57 -7.98 16.00
C LEU C 281 -22.06 -6.80 15.18
N MET C 282 -21.65 -6.73 13.92
CA MET C 282 -22.04 -5.67 13.03
C MET C 282 -23.60 -5.46 13.04
N PRO C 283 -24.05 -4.21 13.01
CA PRO C 283 -25.46 -3.95 12.75
C PRO C 283 -25.90 -4.46 11.34
N GLU C 284 -27.20 -4.81 11.20
CA GLU C 284 -27.84 -5.12 9.91
C GLU C 284 -27.33 -4.27 8.75
N GLY C 285 -26.85 -4.95 7.71
CA GLY C 285 -26.34 -4.25 6.52
C GLY C 285 -24.96 -3.64 6.69
N GLN C 286 -24.26 -4.01 7.77
CA GLN C 286 -22.86 -3.66 7.87
C GLN C 286 -22.00 -4.93 7.91
N LEU C 287 -20.76 -4.80 7.45
CA LEU C 287 -19.78 -5.85 7.37
C LEU C 287 -18.44 -5.40 7.96
N PRO C 288 -17.66 -6.36 8.52
CA PRO C 288 -16.32 -6.02 9.07
C PRO C 288 -15.31 -5.55 8.04
N ARG C 289 -14.44 -4.69 8.51
CA ARG C 289 -13.22 -4.36 7.79
C ARG C 289 -12.00 -4.38 8.75
N THR C 290 -10.86 -4.87 8.30
CA THR C 290 -9.70 -4.98 9.21
C THR C 290 -9.27 -3.59 9.65
N GLY C 291 -9.48 -2.58 8.80
CA GLY C 291 -9.17 -1.20 9.12
C GLY C 291 -9.77 -0.70 10.44
N ALA C 292 -11.00 -1.12 10.71
CA ALA C 292 -11.76 -0.71 11.88
C ALA C 292 -11.25 -1.34 13.16
N VAL C 293 -10.43 -2.40 13.11
CA VAL C 293 -10.02 -3.11 14.34
C VAL C 293 -8.52 -2.95 14.60
N ILE C 294 -7.83 -2.31 13.67
CA ILE C 294 -6.38 -2.18 13.81
C ILE C 294 -6.00 -1.39 15.07
N GLY C 295 -5.07 -1.98 15.81
CA GLY C 295 -4.60 -1.45 17.08
C GLY C 295 -5.53 -1.68 18.25
N SER C 296 -6.66 -2.37 18.03
CA SER C 296 -7.56 -2.66 19.13
C SER C 296 -7.55 -4.16 19.37
N ASN C 297 -8.19 -4.57 20.46
CA ASN C 297 -8.34 -5.99 20.82
C ASN C 297 -9.72 -6.53 20.42
N ALA C 298 -10.41 -5.81 19.53
CA ALA C 298 -11.75 -6.15 19.03
C ALA C 298 -11.71 -7.20 17.90
N ALA C 299 -12.82 -7.95 17.80
CA ALA C 299 -13.12 -8.84 16.64
C ALA C 299 -14.45 -8.33 16.20
N HIS C 300 -14.57 -7.92 14.93
CA HIS C 300 -15.85 -7.50 14.34
C HIS C 300 -16.34 -8.61 13.44
N ILE C 301 -17.62 -8.96 13.64
CA ILE C 301 -18.18 -10.22 13.12
C ILE C 301 -19.55 -10.00 12.49
N ALA C 302 -19.72 -10.48 11.26
CA ALA C 302 -21.04 -10.52 10.64
C ALA C 302 -21.38 -11.91 10.12
N VAL C 303 -22.67 -12.24 10.19
CA VAL C 303 -23.13 -13.52 9.62
C VAL C 303 -24.18 -13.34 8.55
N ALA C 304 -24.31 -14.37 7.70
CA ALA C 304 -25.28 -14.37 6.60
C ALA C 304 -25.51 -15.81 6.16
N VAL C 305 -26.55 -16.02 5.35
CA VAL C 305 -26.85 -17.31 4.78
C VAL C 305 -27.09 -17.10 3.27
N ASP C 306 -26.32 -17.83 2.46
CA ASP C 306 -26.49 -17.88 1.04
C ASP C 306 -27.50 -19.03 0.82
N GLU C 307 -28.74 -18.67 0.54
CA GLU C 307 -29.81 -19.65 0.33
C GLU C 307 -29.65 -20.51 -0.93
N ASP C 308 -29.39 -19.89 -2.08
CA ASP C 308 -29.08 -20.68 -3.27
C ASP C 308 -28.01 -21.73 -3.05
N ALA C 309 -26.98 -21.42 -2.26
CA ALA C 309 -25.84 -22.34 -2.13
C ALA C 309 -25.95 -23.18 -0.86
N GLN C 310 -26.99 -22.92 -0.06
CA GLN C 310 -27.26 -23.58 1.23
C GLN C 310 -26.03 -23.44 2.11
N THR C 311 -25.56 -22.21 2.24
CA THR C 311 -24.26 -21.98 2.80
C THR C 311 -24.32 -20.84 3.79
N PHE C 312 -23.84 -21.17 5.00
CA PHE C 312 -23.59 -20.21 6.05
C PHE C 312 -22.28 -19.48 5.80
N VAL C 313 -22.31 -18.15 5.97
CA VAL C 313 -21.08 -17.28 5.77
C VAL C 313 -20.88 -16.46 7.04
N ALA C 314 -19.68 -16.55 7.61
CA ALA C 314 -19.29 -15.71 8.75
C ALA C 314 -18.00 -15.00 8.39
N ILE C 315 -17.97 -13.68 8.65
CA ILE C 315 -16.77 -12.89 8.43
C ILE C 315 -16.31 -12.30 9.77
N ALA C 316 -15.00 -12.40 10.02
CA ALA C 316 -14.40 -11.83 11.21
C ALA C 316 -13.16 -11.03 10.83
N ALA C 317 -13.08 -9.80 11.30
CA ALA C 317 -11.88 -8.99 11.29
C ALA C 317 -11.30 -8.89 12.68
N ILE C 318 -9.98 -9.05 12.78
CA ILE C 318 -9.21 -8.79 14.03
C ILE C 318 -7.90 -8.18 13.58
N ASP C 319 -7.19 -7.53 14.49
CA ASP C 319 -5.79 -7.18 14.29
C ASP C 319 -4.99 -8.48 14.68
N ASN C 320 -4.24 -9.06 13.74
CA ASN C 320 -3.45 -10.23 14.03
C ASN C 320 -2.43 -10.07 15.18
N LEU C 321 -1.93 -8.86 15.39
CA LEU C 321 -0.93 -8.59 16.43
C LEU C 321 -1.58 -8.28 17.75
N VAL C 322 -2.88 -7.98 17.79
CA VAL C 322 -3.52 -7.65 19.08
C VAL C 322 -4.43 -8.78 19.44
N LYS C 323 -5.68 -8.80 19.00
CA LYS C 323 -6.56 -9.93 19.35
C LYS C 323 -5.93 -11.28 18.92
N GLY C 324 -5.20 -11.34 17.81
CA GLY C 324 -4.67 -12.66 17.45
C GLY C 324 -3.30 -13.02 18.05
N THR C 325 -2.73 -12.12 18.86
CA THR C 325 -1.42 -12.37 19.48
C THR C 325 -1.26 -11.67 20.84
N ALA C 326 -0.78 -10.43 20.83
CA ALA C 326 -0.32 -9.83 22.07
C ALA C 326 -1.49 -9.33 22.90
N GLY C 327 -2.58 -9.00 22.25
CA GLY C 327 -3.78 -8.62 22.99
C GLY C 327 -4.41 -9.81 23.67
N ALA C 328 -4.48 -10.96 22.94
CA ALA C 328 -4.86 -12.22 23.52
C ALA C 328 -4.01 -12.54 24.79
N ALA C 329 -2.68 -12.50 24.62
CA ALA C 329 -1.73 -12.67 25.70
C ALA C 329 -2.00 -11.80 26.94
N VAL C 330 -2.20 -10.50 26.76
CA VAL C 330 -2.45 -9.57 27.86
C VAL C 330 -3.85 -9.76 28.50
N GLN C 331 -4.89 -10.01 27.69
CA GLN C 331 -6.19 -10.38 28.16
C GLN C 331 -6.13 -11.59 29.08
N SER C 332 -5.42 -12.63 28.65
CA SER C 332 -5.23 -13.83 29.48
C SER C 332 -4.43 -13.57 30.77
N MET C 333 -3.39 -12.74 30.67
CA MET C 333 -2.57 -12.27 31.78
C MET C 333 -3.47 -11.64 32.83
N ASN C 334 -4.36 -10.78 32.40
CA ASN C 334 -5.30 -10.09 33.32
C ASN C 334 -6.11 -11.13 34.11
N LEU C 335 -6.76 -12.06 33.42
CA LEU C 335 -7.48 -13.16 34.09
C LEU C 335 -6.61 -13.98 35.06
N ALA C 336 -5.40 -14.33 34.64
CA ALA C 336 -4.50 -15.10 35.44
C ALA C 336 -4.16 -14.39 36.74
N LEU C 337 -4.02 -13.07 36.62
CA LEU C 337 -3.67 -12.23 37.74
C LEU C 337 -4.87 -11.82 38.61
N GLY C 338 -6.08 -12.06 38.13
CA GLY C 338 -7.25 -11.55 38.84
C GLY C 338 -7.50 -10.07 38.66
N TRP C 339 -7.06 -9.50 37.54
CA TRP C 339 -7.30 -8.07 37.22
C TRP C 339 -8.43 -7.96 36.22
N PRO C 340 -9.09 -6.79 36.13
CA PRO C 340 -10.11 -6.66 35.11
C PRO C 340 -9.64 -7.08 33.71
N GLU C 341 -10.44 -7.93 33.08
CA GLU C 341 -10.05 -8.58 31.84
C GLU C 341 -9.71 -7.57 30.72
N THR C 342 -10.45 -6.47 30.68
CA THR C 342 -10.26 -5.42 29.67
C THR C 342 -9.14 -4.42 29.96
N ASP C 343 -8.39 -4.60 31.04
CA ASP C 343 -7.30 -3.65 31.40
C ASP C 343 -6.20 -3.59 30.35
N GLY C 344 -5.89 -2.38 29.90
CA GLY C 344 -4.86 -2.16 28.91
C GLY C 344 -5.36 -2.43 27.49
N LEU C 345 -6.65 -2.74 27.35
CA LEU C 345 -7.13 -3.31 26.05
C LEU C 345 -8.32 -2.54 25.52
N SER C 346 -8.04 -1.73 24.51
CA SER C 346 -9.08 -0.96 23.88
C SER C 346 -9.84 -1.74 22.77
N VAL C 347 -11.14 -1.46 22.65
CA VAL C 347 -11.95 -1.99 21.56
C VAL C 347 -12.03 -1.01 20.40
N VAL C 348 -11.31 0.11 20.49
CA VAL C 348 -11.36 1.21 19.50
C VAL C 348 -10.19 1.12 18.56
N GLY C 349 -10.47 1.05 17.25
CA GLY C 349 -9.43 0.82 16.28
C GLY C 349 -8.85 2.16 15.92
N VAL C 350 -7.66 2.12 15.34
CA VAL C 350 -6.93 3.29 14.87
C VAL C 350 -7.07 3.39 13.35
N ALA C 351 -8.09 4.08 12.91
CA ALA C 351 -8.43 4.15 11.51
C ALA C 351 -8.60 5.64 11.20
N PRO C 352 -8.41 6.07 9.93
CA PRO C 352 -7.98 5.27 8.80
C PRO C 352 -6.49 4.89 8.92
N VAL D 6 -7.29 22.42 37.40
CA VAL D 6 -8.38 23.44 37.35
C VAL D 6 -9.78 22.84 36.96
N ALA D 7 -10.11 22.68 35.67
CA ALA D 7 -11.52 22.37 35.30
C ALA D 7 -11.97 21.05 35.93
N ASN D 8 -13.09 21.08 36.65
CA ASN D 8 -13.50 19.84 37.31
C ASN D 8 -14.51 19.01 36.50
N ALA D 9 -14.71 19.41 35.26
CA ALA D 9 -15.69 18.76 34.39
C ALA D 9 -15.84 19.47 33.04
N THR D 10 -15.99 18.66 31.98
CA THR D 10 -16.30 19.13 30.65
C THR D 10 -17.28 18.25 29.83
N LYS D 11 -18.31 18.93 29.35
CA LYS D 11 -19.25 18.44 28.40
C LYS D 11 -18.70 18.93 27.04
N VAL D 12 -18.41 17.99 26.11
CA VAL D 12 -17.69 18.30 24.87
C VAL D 12 -18.57 17.98 23.67
N ALA D 13 -18.66 18.91 22.71
CA ALA D 13 -19.29 18.68 21.39
C ALA D 13 -18.21 18.62 20.28
N VAL D 14 -18.46 17.82 19.24
CA VAL D 14 -17.57 17.75 18.11
C VAL D 14 -18.38 18.02 16.84
N ALA D 15 -18.05 19.13 16.16
CA ALA D 15 -18.71 19.55 14.87
C ALA D 15 -17.76 19.18 13.72
N GLY D 16 -18.30 18.46 12.74
CA GLY D 16 -17.49 17.89 11.66
C GLY D 16 -17.08 16.50 12.12
N ALA D 17 -17.97 15.81 12.84
CA ALA D 17 -17.67 14.54 13.48
C ALA D 17 -17.49 13.37 12.50
N SER D 18 -17.97 13.51 11.28
CA SER D 18 -17.94 12.46 10.28
C SER D 18 -16.68 12.53 9.37
N GLY D 19 -15.88 13.58 9.51
CA GLY D 19 -14.60 13.65 8.86
C GLY D 19 -13.46 12.90 9.55
N TYR D 20 -12.30 12.90 8.92
CA TYR D 20 -11.13 12.21 9.50
C TYR D 20 -10.67 12.79 10.84
N ALA D 21 -10.58 14.13 10.91
CA ALA D 21 -10.08 14.83 12.10
C ALA D 21 -11.09 14.69 13.21
N GLY D 22 -12.36 14.80 12.85
CA GLY D 22 -13.44 14.66 13.78
C GLY D 22 -13.49 13.26 14.36
N GLY D 23 -13.22 12.23 13.54
CA GLY D 23 -13.25 10.89 14.03
C GLY D 23 -12.01 10.63 14.89
N GLU D 24 -10.88 11.29 14.58
CA GLU D 24 -9.68 11.09 15.40
C GLU D 24 -9.78 11.81 16.76
N ILE D 25 -10.50 12.94 16.79
CA ILE D 25 -10.74 13.62 18.05
C ILE D 25 -11.54 12.69 18.93
N LEU D 26 -12.58 12.07 18.37
CA LEU D 26 -13.44 11.14 19.11
C LEU D 26 -12.70 9.92 19.66
N ARG D 27 -11.80 9.34 18.85
CA ARG D 27 -10.94 8.24 19.28
C ARG D 27 -10.11 8.65 20.50
N LEU D 28 -9.51 9.83 20.42
CA LEU D 28 -8.64 10.27 21.51
C LEU D 28 -9.50 10.60 22.74
N LEU D 29 -10.66 11.19 22.56
CA LEU D 29 -11.50 11.48 23.71
C LEU D 29 -11.98 10.20 24.42
N LEU D 30 -12.27 9.13 23.62
CA LEU D 30 -12.73 7.87 24.18
C LEU D 30 -11.70 7.23 25.08
N GLY D 31 -10.41 7.44 24.79
CA GLY D 31 -9.28 6.85 25.50
C GLY D 31 -8.65 7.84 26.53
N HIS D 32 -9.29 9.00 26.71
CA HIS D 32 -8.75 10.07 27.54
C HIS D 32 -9.09 9.70 28.98
N PRO D 33 -8.14 9.90 29.94
CA PRO D 33 -8.50 9.48 31.36
C PRO D 33 -9.69 10.18 31.96
N ALA D 34 -9.99 11.42 31.53
CA ALA D 34 -11.16 12.14 32.07
C ALA D 34 -12.44 11.52 31.55
N TYR D 35 -12.36 10.91 30.38
CA TYR D 35 -13.49 10.16 29.89
C TYR D 35 -13.69 8.92 30.76
N ALA D 36 -12.61 8.18 31.04
CA ALA D 36 -12.69 7.01 31.91
C ALA D 36 -13.27 7.29 33.32
N ASP D 37 -12.89 8.37 33.98
CA ASP D 37 -13.42 8.65 35.33
C ASP D 37 -14.62 9.60 35.33
N GLY D 38 -15.19 9.87 34.14
CA GLY D 38 -16.46 10.56 34.00
C GLY D 38 -16.45 12.07 34.16
N ARG D 39 -15.26 12.68 34.23
CA ARG D 39 -15.05 14.15 34.16
C ARG D 39 -15.22 14.73 32.76
N LEU D 40 -15.17 13.89 31.72
CA LEU D 40 -15.40 14.35 30.38
C LEU D 40 -16.52 13.52 29.82
N ARG D 41 -17.56 14.22 29.33
CA ARG D 41 -18.73 13.64 28.69
C ARG D 41 -18.71 14.08 27.24
N ILE D 42 -18.94 13.12 26.36
CA ILE D 42 -18.99 13.42 24.96
C ILE D 42 -20.45 13.72 24.59
N GLY D 43 -20.73 14.96 24.21
CA GLY D 43 -22.09 15.42 23.95
C GLY D 43 -22.42 15.34 22.48
N ALA D 44 -22.80 16.47 21.92
CA ALA D 44 -23.33 16.52 20.54
C ALA D 44 -22.24 16.25 19.49
N LEU D 45 -22.59 15.44 18.50
CA LEU D 45 -21.72 15.10 17.38
C LEU D 45 -22.42 15.60 16.13
N THR D 46 -21.82 16.57 15.43
CA THR D 46 -22.51 17.14 14.28
C THR D 46 -21.74 17.04 12.93
N ALA D 47 -22.50 16.98 11.86
CA ALA D 47 -21.90 17.16 10.51
C ALA D 47 -23.04 17.71 9.68
N ALA D 48 -22.74 18.75 8.89
CA ALA D 48 -23.72 19.38 7.97
C ALA D 48 -24.23 18.32 7.01
N THR D 49 -23.28 17.56 6.45
CA THR D 49 -23.59 16.40 5.60
C THR D 49 -24.19 15.25 6.41
N SER D 50 -24.85 14.30 5.76
CA SER D 50 -25.32 13.11 6.45
C SER D 50 -25.71 13.33 7.94
N ALA D 51 -26.55 14.32 8.19
CA ALA D 51 -27.18 14.52 9.51
C ALA D 51 -28.40 13.57 9.61
N GLY D 52 -28.47 12.73 10.66
CA GLY D 52 -29.53 11.71 10.80
C GLY D 52 -29.01 10.26 10.82
N SER D 53 -27.90 10.04 10.12
CA SER D 53 -27.18 8.78 10.23
C SER D 53 -26.64 8.58 11.64
N THR D 54 -26.20 7.36 11.92
CA THR D 54 -25.53 7.05 13.18
C THR D 54 -24.04 7.19 12.97
N LEU D 55 -23.29 7.44 14.04
CA LEU D 55 -21.83 7.57 13.93
C LEU D 55 -21.14 6.33 13.33
N GLY D 56 -21.60 5.13 13.69
CA GLY D 56 -21.09 3.87 13.14
C GLY D 56 -21.05 3.76 11.61
N GLU D 57 -21.87 4.53 10.92
CA GLU D 57 -21.91 4.51 9.46
C GLU D 57 -20.73 5.24 8.85
N HIS D 58 -20.15 6.16 9.60
CA HIS D 58 -19.04 6.94 9.13
C HIS D 58 -17.75 6.44 9.69
N HIS D 59 -17.75 6.05 10.97
CA HIS D 59 -16.53 5.65 11.66
C HIS D 59 -16.73 4.30 12.36
N PRO D 60 -16.67 3.17 11.61
CA PRO D 60 -16.84 1.83 12.23
C PRO D 60 -15.81 1.43 13.33
N HIS D 61 -14.68 2.11 13.43
CA HIS D 61 -13.75 1.84 14.50
C HIS D 61 -14.17 2.34 15.88
N LEU D 62 -15.09 3.29 15.93
CA LEU D 62 -15.43 3.94 17.18
C LEU D 62 -16.65 3.23 17.69
N THR D 63 -16.55 1.93 17.98
CA THR D 63 -17.74 1.19 18.29
C THR D 63 -18.53 1.71 19.55
N PRO D 64 -17.82 2.23 20.57
CA PRO D 64 -18.59 2.70 21.75
C PRO D 64 -19.58 3.85 21.47
N LEU D 65 -19.37 4.57 20.38
CA LEU D 65 -20.24 5.63 19.93
C LEU D 65 -21.05 5.30 18.66
N ALA D 66 -20.99 4.06 18.20
CA ALA D 66 -21.55 3.69 16.88
C ALA D 66 -23.06 3.99 16.70
N HIS D 67 -23.79 3.91 17.81
CA HIS D 67 -25.22 4.23 17.91
C HIS D 67 -25.59 5.72 17.98
N ARG D 68 -24.62 6.63 18.09
CA ARG D 68 -24.95 8.01 18.32
C ARG D 68 -25.45 8.58 17.00
N VAL D 69 -26.50 9.36 17.07
CA VAL D 69 -27.05 9.98 15.87
C VAL D 69 -26.30 11.27 15.65
N VAL D 70 -25.79 11.47 14.45
CA VAL D 70 -25.18 12.70 14.01
C VAL D 70 -26.21 13.81 13.74
N GLU D 71 -26.04 14.96 14.35
CA GLU D 71 -27.01 16.00 14.25
C GLU D 71 -26.58 17.09 13.24
N PRO D 72 -27.50 17.99 12.88
CA PRO D 72 -27.05 19.08 12.00
C PRO D 72 -26.07 20.03 12.74
N THR D 73 -25.12 20.59 12.02
CA THR D 73 -24.17 21.53 12.61
C THR D 73 -24.82 22.91 12.61
N GLU D 74 -25.28 23.30 13.79
CA GLU D 74 -26.09 24.48 14.01
C GLU D 74 -25.70 24.91 15.42
N ALA D 75 -25.69 26.21 15.66
CA ALA D 75 -25.21 26.68 16.95
C ALA D 75 -26.11 26.23 18.08
N ALA D 76 -27.42 26.08 17.84
CA ALA D 76 -28.35 25.56 18.87
C ALA D 76 -28.07 24.10 19.30
N VAL D 77 -27.69 23.25 18.37
CA VAL D 77 -27.24 21.88 18.70
C VAL D 77 -25.92 21.91 19.51
N LEU D 78 -25.00 22.78 19.11
CA LEU D 78 -23.70 22.92 19.75
C LEU D 78 -23.69 23.68 21.09
N GLY D 79 -24.69 24.54 21.36
CA GLY D 79 -24.73 25.29 22.63
C GLY D 79 -24.84 24.33 23.83
N GLY D 80 -24.70 24.83 25.05
CA GLY D 80 -24.78 23.98 26.24
C GLY D 80 -23.58 23.06 26.51
N HIS D 81 -22.45 23.31 25.83
CA HIS D 81 -21.23 22.52 26.04
C HIS D 81 -20.12 23.41 26.59
N ASP D 82 -19.28 22.86 27.44
CA ASP D 82 -18.13 23.62 27.95
C ASP D 82 -17.03 23.75 26.89
N ALA D 83 -16.99 22.80 25.95
CA ALA D 83 -15.91 22.77 24.95
C ALA D 83 -16.47 22.27 23.65
N VAL D 84 -16.08 22.94 22.59
CA VAL D 84 -16.62 22.59 21.28
C VAL D 84 -15.40 22.46 20.32
N PHE D 85 -15.23 21.27 19.76
CA PHE D 85 -14.24 21.10 18.66
C PHE D 85 -14.95 21.38 17.31
N LEU D 86 -14.30 22.20 16.49
CA LEU D 86 -14.78 22.49 15.13
C LEU D 86 -13.78 21.95 14.11
N ALA D 87 -14.22 20.98 13.31
CA ALA D 87 -13.36 20.39 12.26
C ALA D 87 -14.10 20.60 10.95
N LEU D 88 -14.09 21.82 10.49
CA LEU D 88 -14.95 22.25 9.41
C LEU D 88 -14.19 22.98 8.32
N PRO D 89 -14.83 23.09 7.13
CA PRO D 89 -14.14 23.82 6.06
C PRO D 89 -13.92 25.30 6.44
N HIS D 90 -12.99 25.96 5.79
CA HIS D 90 -12.72 27.34 6.17
C HIS D 90 -13.93 28.30 5.99
N GLY D 91 -14.02 29.29 6.86
CA GLY D 91 -15.14 30.22 6.91
C GLY D 91 -16.25 29.83 7.90
N HIS D 92 -16.37 28.53 8.19
CA HIS D 92 -17.50 28.00 8.95
C HIS D 92 -17.36 28.29 10.42
N SER D 93 -16.15 28.11 10.93
CA SER D 93 -15.90 28.39 12.30
C SER D 93 -15.96 29.90 12.61
N ALA D 94 -15.53 30.74 11.66
CA ALA D 94 -15.68 32.19 11.81
C ALA D 94 -17.13 32.54 12.19
N VAL D 95 -18.10 31.96 11.45
CA VAL D 95 -19.52 32.16 11.70
C VAL D 95 -19.97 31.51 13.02
N LEU D 96 -19.56 30.26 13.22
CA LEU D 96 -19.94 29.56 14.41
C LEU D 96 -19.43 30.21 15.70
N ALA D 97 -18.22 30.80 15.66
CA ALA D 97 -17.62 31.41 16.84
C ALA D 97 -18.41 32.61 17.35
N GLN D 98 -19.04 33.32 16.43
CA GLN D 98 -19.92 34.41 16.78
C GLN D 98 -21.16 33.90 17.52
N GLN D 99 -21.67 32.76 17.08
CA GLN D 99 -22.97 32.26 17.54
C GLN D 99 -22.96 31.48 18.84
N LEU D 100 -21.80 30.94 19.22
CA LEU D 100 -21.67 30.16 20.46
C LEU D 100 -21.36 31.13 21.59
N SER D 101 -21.73 30.76 22.83
CA SER D 101 -21.34 31.53 24.02
C SER D 101 -19.90 31.93 23.95
N PRO D 102 -19.61 33.18 24.32
CA PRO D 102 -18.20 33.62 24.33
C PRO D 102 -17.32 32.86 25.35
N GLU D 103 -17.94 32.23 26.35
CA GLU D 103 -17.21 31.51 27.45
C GLU D 103 -16.88 30.01 27.17
N THR D 104 -17.52 29.45 26.14
CA THR D 104 -17.18 28.12 25.61
C THR D 104 -15.71 28.09 25.21
N LEU D 105 -15.00 27.04 25.58
CA LEU D 105 -13.73 26.65 24.93
C LEU D 105 -13.95 26.16 23.48
N ILE D 106 -13.51 26.92 22.49
CA ILE D 106 -13.61 26.56 21.09
C ILE D 106 -12.20 26.18 20.61
N ILE D 107 -12.08 24.94 20.16
CA ILE D 107 -10.85 24.40 19.63
C ILE D 107 -11.13 24.25 18.13
N ASP D 108 -10.50 25.11 17.34
CA ASP D 108 -10.77 25.15 15.92
C ASP D 108 -9.66 24.40 15.14
N CYS D 109 -10.02 23.23 14.61
CA CYS D 109 -9.18 22.49 13.69
C CYS D 109 -9.11 23.12 12.30
N GLY D 110 -10.01 24.03 12.00
CA GLY D 110 -9.95 24.71 10.70
C GLY D 110 -8.91 25.80 10.70
N ALA D 111 -8.85 26.57 9.60
CA ALA D 111 -7.78 27.56 9.35
C ALA D 111 -8.13 28.96 9.76
N ASP D 112 -9.41 29.22 10.03
CA ASP D 112 -9.97 30.58 10.22
C ASP D 112 -9.20 31.52 11.16
N PHE D 113 -8.71 30.95 12.28
CA PHE D 113 -8.09 31.77 13.30
C PHE D 113 -6.59 31.59 13.41
N ARG D 114 -5.98 30.94 12.43
CA ARG D 114 -4.56 30.63 12.44
C ARG D 114 -3.60 31.77 12.16
N LEU D 115 -3.97 32.60 11.19
CA LEU D 115 -3.07 33.58 10.61
C LEU D 115 -3.25 34.92 11.32
N THR D 116 -2.13 35.56 11.59
CA THR D 116 -2.14 36.82 12.27
C THR D 116 -2.11 38.05 11.31
N ASP D 117 -1.87 37.88 10.02
CA ASP D 117 -1.86 38.96 9.00
C ASP D 117 -3.10 38.87 8.10
N ALA D 118 -3.90 39.91 8.09
CA ALA D 118 -5.15 39.90 7.40
C ALA D 118 -4.95 39.92 5.89
N ALA D 119 -3.87 40.57 5.42
CA ALA D 119 -3.55 40.67 3.99
C ALA D 119 -3.10 39.32 3.45
N VAL D 120 -2.35 38.60 4.26
CA VAL D 120 -1.90 37.26 3.91
C VAL D 120 -3.14 36.34 3.84
N TRP D 121 -4.00 36.38 4.88
CA TRP D 121 -5.27 35.62 4.86
C TRP D 121 -6.10 35.85 3.58
N GLU D 122 -6.53 37.11 3.36
CA GLU D 122 -7.28 37.49 2.15
C GLU D 122 -6.62 36.98 0.86
N ARG D 123 -5.30 37.07 0.79
CA ARG D 123 -4.56 36.60 -0.35
C ARG D 123 -4.74 35.09 -0.65
N PHE D 124 -4.68 34.25 0.39
CA PHE D 124 -4.72 32.79 0.21
C PHE D 124 -6.09 32.15 0.34
N TYR D 125 -7.06 32.88 0.86
CA TYR D 125 -8.38 32.36 1.18
C TYR D 125 -9.50 33.12 0.54
N GLY D 126 -9.23 34.38 0.15
CA GLY D 126 -10.21 35.20 -0.57
C GLY D 126 -11.44 35.58 0.25
N SER D 127 -11.25 35.73 1.56
CA SER D 127 -12.35 36.14 2.40
C SER D 127 -11.85 37.09 3.45
N SER D 128 -12.76 37.71 4.20
CA SER D 128 -12.35 38.55 5.36
C SER D 128 -11.58 37.76 6.40
N HIS D 129 -10.48 38.31 6.86
CA HIS D 129 -9.79 37.77 8.03
C HIS D 129 -10.74 37.79 9.27
N ALA D 130 -10.97 36.63 9.88
CA ALA D 130 -11.79 36.50 11.10
C ALA D 130 -11.07 36.95 12.38
N GLY D 131 -9.75 36.89 12.38
CA GLY D 131 -9.01 37.17 13.56
C GLY D 131 -7.98 36.11 13.72
N SER D 132 -7.43 36.02 14.93
CA SER D 132 -6.40 35.03 15.22
C SER D 132 -6.48 34.62 16.69
N TRP D 133 -6.40 33.31 16.90
CA TRP D 133 -6.49 32.70 18.25
C TRP D 133 -5.14 32.10 18.53
N PRO D 134 -4.87 31.81 19.82
CA PRO D 134 -3.66 31.05 20.18
C PRO D 134 -3.47 29.73 19.35
N TYR D 135 -2.29 29.65 18.78
CA TYR D 135 -1.93 28.61 17.87
C TYR D 135 -1.64 27.37 18.68
N GLY D 136 -2.39 26.28 18.41
CA GLY D 136 -2.32 25.08 19.27
C GLY D 136 -1.10 24.18 19.01
N LEU D 137 0.08 24.77 18.95
CA LEU D 137 1.39 24.00 18.92
C LEU D 137 2.20 24.34 20.19
N PRO D 138 1.91 23.62 21.32
CA PRO D 138 2.45 23.99 22.61
C PRO D 138 3.99 24.16 22.65
N GLU D 139 4.71 23.38 21.82
CA GLU D 139 6.18 23.34 21.77
C GLU D 139 6.87 24.54 21.15
N LEU D 140 6.16 25.35 20.39
CA LEU D 140 6.76 26.56 19.84
C LEU D 140 7.06 27.57 20.97
N PRO D 141 8.16 28.38 20.87
CA PRO D 141 8.41 29.35 21.97
C PRO D 141 7.24 30.29 22.23
N GLY D 142 6.90 30.45 23.51
CA GLY D 142 5.76 31.28 23.93
C GLY D 142 4.36 30.72 23.78
N ALA D 143 4.19 29.59 23.07
CA ALA D 143 2.86 29.09 22.78
C ALA D 143 2.16 28.54 24.03
N ARG D 144 2.85 27.74 24.81
CA ARG D 144 2.30 27.20 26.04
C ARG D 144 1.71 28.28 27.01
N ASP D 145 2.41 29.40 27.18
CA ASP D 145 1.86 30.53 27.89
C ASP D 145 0.56 31.13 27.29
N GLN D 146 0.33 30.99 25.98
CA GLN D 146 -0.95 31.48 25.43
C GLN D 146 -2.12 30.48 25.61
N LEU D 147 -1.79 29.19 25.74
CA LEU D 147 -2.80 28.12 25.78
C LEU D 147 -3.24 27.76 27.18
N ARG D 148 -2.37 27.90 28.18
CA ARG D 148 -2.79 27.68 29.57
C ARG D 148 -4.02 28.52 29.90
N GLY D 149 -5.12 27.85 30.18
CA GLY D 149 -6.40 28.50 30.48
C GLY D 149 -7.11 29.25 29.35
N THR D 150 -6.71 29.03 28.11
CA THR D 150 -7.35 29.76 27.01
C THR D 150 -8.80 29.29 26.79
N ARG D 151 -9.63 30.13 26.22
CA ARG D 151 -10.93 29.63 25.76
C ARG D 151 -10.95 29.56 24.22
N ARG D 152 -9.81 29.78 23.58
CA ARG D 152 -9.74 29.84 22.13
C ARG D 152 -8.46 29.16 21.66
N ILE D 153 -8.62 28.23 20.70
CA ILE D 153 -7.45 27.53 20.15
C ILE D 153 -7.61 27.42 18.63
N ALA D 154 -6.59 27.88 17.94
CA ALA D 154 -6.44 27.61 16.52
C ALA D 154 -5.42 26.44 16.36
N VAL D 155 -5.93 25.25 16.08
CA VAL D 155 -5.08 24.09 15.78
C VAL D 155 -4.25 24.27 14.50
N PRO D 156 -2.93 24.01 14.57
CA PRO D 156 -2.05 24.16 13.38
C PRO D 156 -2.46 23.23 12.22
N GLY D 157 -2.14 23.59 11.00
CA GLY D 157 -2.20 22.65 9.89
C GLY D 157 -1.16 21.57 10.15
N CYS D 158 -1.35 20.42 9.51
CA CYS D 158 -0.48 19.23 9.72
C CYS D 158 0.93 19.43 9.15
N TYR D 159 1.06 20.03 7.97
CA TYR D 159 2.39 20.20 7.42
C TYR D 159 3.21 21.27 8.19
N PRO D 160 2.60 22.45 8.52
CA PRO D 160 3.38 23.41 9.37
C PRO D 160 3.85 22.80 10.71
N THR D 161 3.06 21.95 11.32
CA THR D 161 3.47 21.21 12.52
C THR D 161 4.83 20.54 12.35
N ALA D 162 4.93 19.64 11.37
CA ALA D 162 6.17 18.98 10.98
C ALA D 162 7.28 19.96 10.62
N ALA D 163 7.03 20.89 9.69
CA ALA D 163 8.07 21.85 9.26
C ALA D 163 8.46 22.79 10.38
N LEU D 164 7.49 23.26 11.14
CA LEU D 164 7.85 24.10 12.32
C LEU D 164 8.71 23.37 13.38
N LEU D 165 8.34 22.16 13.76
CA LEU D 165 9.14 21.40 14.70
C LEU D 165 10.56 21.00 14.13
N ALA D 166 10.62 20.67 12.82
CA ALA D 166 11.96 20.46 12.26
C ALA D 166 12.87 21.71 12.26
N LEU D 167 12.33 22.89 12.01
CA LEU D 167 13.18 24.05 11.67
C LEU D 167 13.29 25.19 12.73
N PHE D 168 12.27 25.40 13.56
CA PHE D 168 12.36 26.50 14.51
C PHE D 168 13.63 26.53 15.37
N PRO D 169 14.09 25.41 15.97
CA PRO D 169 15.27 25.53 16.85
C PRO D 169 16.54 26.07 16.18
N ALA D 170 16.78 25.64 14.95
CA ALA D 170 17.93 26.13 14.18
C ALA D 170 17.78 27.62 13.87
N LEU D 171 16.56 28.03 13.52
CA LEU D 171 16.33 29.42 13.17
C LEU D 171 16.30 30.33 14.40
N ALA D 172 15.63 29.91 15.48
CA ALA D 172 15.63 30.66 16.75
C ALA D 172 17.02 30.92 17.29
N ALA D 173 17.94 29.95 17.13
CA ALA D 173 19.33 30.07 17.55
C ALA D 173 20.17 30.80 16.51
N ASP D 174 19.54 31.27 15.42
CA ASP D 174 20.25 31.98 14.38
C ASP D 174 21.37 31.14 13.72
N LEU D 175 21.14 29.85 13.54
CA LEU D 175 22.20 28.94 13.02
C LEU D 175 21.96 28.55 11.58
N ILE D 176 20.84 29.00 11.04
CA ILE D 176 20.57 28.74 9.65
C ILE D 176 20.11 30.05 9.00
N GLU D 177 20.23 30.14 7.70
CA GLU D 177 19.65 31.26 6.95
C GLU D 177 18.11 31.23 7.00
N PRO D 178 17.48 32.42 6.99
CA PRO D 178 16.02 32.45 7.00
C PRO D 178 15.29 32.12 5.65
N ALA D 179 15.93 31.40 4.75
CA ALA D 179 15.28 30.95 3.52
C ALA D 179 15.32 29.42 3.57
N VAL D 180 14.14 28.81 3.67
CA VAL D 180 14.01 27.36 3.91
C VAL D 180 13.28 26.65 2.80
N THR D 181 13.64 25.39 2.52
CA THR D 181 12.90 24.53 1.59
C THR D 181 12.34 23.36 2.38
N VAL D 182 11.06 23.05 2.09
CA VAL D 182 10.38 21.96 2.77
C VAL D 182 9.77 21.05 1.68
N VAL D 183 10.20 19.79 1.63
CA VAL D 183 9.49 18.78 0.79
C VAL D 183 8.89 17.75 1.76
N ALA D 184 7.58 17.69 1.84
CA ALA D 184 6.95 16.87 2.84
C ALA D 184 6.00 15.87 2.14
N VAL D 185 6.22 14.59 2.42
CA VAL D 185 5.36 13.54 1.91
C VAL D 185 4.29 13.28 2.95
N SER D 186 3.06 13.05 2.48
CA SER D 186 1.91 12.93 3.37
C SER D 186 1.02 11.75 2.97
N GLY D 187 0.48 11.02 3.93
CA GLY D 187 -0.57 10.07 3.65
C GLY D 187 -1.79 10.76 3.08
N THR D 188 -2.71 10.00 2.52
CA THR D 188 -3.83 10.60 1.87
C THR D 188 -4.92 11.09 2.84
N SER D 189 -4.97 10.59 4.06
CA SER D 189 -5.96 11.16 5.01
C SER D 189 -5.81 12.68 5.20
N GLY D 190 -4.64 13.23 4.88
CA GLY D 190 -4.29 14.64 5.02
C GLY D 190 -5.01 15.53 4.01
N ALA D 191 -5.52 14.89 2.96
CA ALA D 191 -6.30 15.52 1.89
C ALA D 191 -7.77 15.54 2.22
N GLY D 192 -8.17 15.03 3.37
CA GLY D 192 -9.60 15.04 3.75
C GLY D 192 -10.40 13.83 3.28
N ARG D 193 -11.66 13.82 3.68
CA ARG D 193 -12.56 12.71 3.42
C ARG D 193 -13.71 13.06 2.43
N ALA D 194 -13.46 14.05 1.54
CA ALA D 194 -14.43 14.38 0.47
C ALA D 194 -14.03 13.61 -0.77
N ALA D 195 -14.98 12.82 -1.27
CA ALA D 195 -14.75 11.88 -2.36
C ALA D 195 -14.58 12.57 -3.71
N THR D 196 -13.34 12.55 -4.20
CA THR D 196 -13.00 13.03 -5.51
C THR D 196 -12.28 11.89 -6.18
N THR D 197 -12.22 11.94 -7.52
CA THR D 197 -11.51 10.95 -8.34
C THR D 197 -10.01 10.82 -7.96
N ASP D 198 -9.34 11.96 -7.77
CA ASP D 198 -7.92 12.08 -7.38
C ASP D 198 -7.48 11.32 -6.11
N LEU D 199 -8.44 11.02 -5.26
CA LEU D 199 -8.19 10.50 -3.94
C LEU D 199 -8.72 9.06 -3.82
N LEU D 200 -9.19 8.53 -4.97
CA LEU D 200 -9.60 7.14 -5.04
C LEU D 200 -8.43 6.19 -4.77
N GLY D 201 -8.70 5.12 -4.00
CA GLY D 201 -7.71 4.06 -3.79
C GLY D 201 -6.89 3.72 -5.02
N ALA D 202 -7.57 3.41 -6.13
CA ALA D 202 -6.91 2.93 -7.36
C ALA D 202 -5.96 3.96 -7.97
N GLU D 203 -6.26 5.25 -7.83
CA GLU D 203 -5.33 6.33 -8.28
C GLU D 203 -4.17 6.58 -7.29
N VAL D 204 -4.47 6.54 -5.97
CA VAL D 204 -3.42 6.82 -5.00
C VAL D 204 -2.48 5.66 -4.76
N ILE D 205 -3.01 4.44 -4.64
CA ILE D 205 -2.20 3.28 -4.34
C ILE D 205 -1.06 3.12 -5.40
N GLY D 206 0.16 2.92 -4.94
CA GLY D 206 1.25 2.70 -5.85
C GLY D 206 1.78 3.95 -6.57
N SER D 207 1.34 5.14 -6.16
CA SER D 207 1.65 6.39 -6.93
C SER D 207 2.07 7.50 -5.95
N ALA D 208 2.92 8.43 -6.39
CA ALA D 208 3.25 9.62 -5.61
C ALA D 208 3.12 10.85 -6.53
N ARG D 209 2.63 11.98 -6.02
CA ARG D 209 2.55 13.22 -6.79
C ARG D 209 2.69 14.45 -5.89
N ALA D 210 3.50 15.41 -6.37
CA ALA D 210 3.53 16.75 -5.75
C ALA D 210 2.23 17.43 -6.15
N TYR D 211 1.67 18.27 -5.29
CA TYR D 211 0.49 19.01 -5.65
C TYR D 211 0.61 20.43 -5.06
N ASN D 212 -0.16 21.39 -5.59
CA ASN D 212 -0.23 22.74 -5.02
C ASN D 212 1.18 23.21 -4.74
N ILE D 213 2.04 23.13 -5.76
CA ILE D 213 3.46 23.49 -5.66
C ILE D 213 3.74 24.99 -5.88
N ALA D 214 4.98 25.38 -5.70
CA ALA D 214 5.41 26.74 -6.04
C ALA D 214 4.68 27.83 -5.21
N GLY D 215 4.27 27.49 -3.99
CA GLY D 215 3.89 28.52 -3.03
C GLY D 215 2.42 28.71 -2.93
N VAL D 216 1.64 27.98 -3.73
CA VAL D 216 0.17 28.10 -3.72
C VAL D 216 -0.55 27.32 -2.58
N HIS D 217 0.12 26.32 -1.99
CA HIS D 217 -0.49 25.58 -0.87
C HIS D 217 -0.72 26.54 0.31
N ARG D 218 -1.94 26.50 0.83
CA ARG D 218 -2.36 27.37 1.93
C ARG D 218 -1.57 27.22 3.23
N HIS D 219 -0.80 26.12 3.37
CA HIS D 219 -0.03 25.91 4.61
C HIS D 219 1.27 26.67 4.54
N THR D 220 1.58 27.19 3.37
CA THR D 220 2.86 27.86 3.14
C THR D 220 3.01 29.12 4.03
N PRO D 221 2.00 30.05 4.00
CA PRO D 221 2.07 31.21 4.91
C PRO D 221 2.09 30.84 6.39
N GLU D 222 1.49 29.71 6.77
CA GLU D 222 1.55 29.26 8.17
C GLU D 222 2.94 28.86 8.61
N ILE D 223 3.71 28.26 7.69
CA ILE D 223 5.10 27.91 7.99
C ILE D 223 5.87 29.23 8.10
N ALA D 224 5.73 30.13 7.13
CA ALA D 224 6.42 31.41 7.18
C ALA D 224 6.09 32.15 8.52
N GLN D 225 4.82 32.18 8.90
CA GLN D 225 4.44 32.84 10.12
C GLN D 225 5.07 32.26 11.35
N GLY D 226 5.10 30.93 11.50
CA GLY D 226 5.65 30.33 12.69
C GLY D 226 7.15 30.54 12.71
N LEU D 227 7.77 30.59 11.54
CA LEU D 227 9.23 30.82 11.50
C LEU D 227 9.56 32.31 11.83
N ARG D 228 8.77 33.23 11.29
CA ARG D 228 8.99 34.66 11.55
C ARG D 228 8.87 34.98 13.05
N ALA D 229 8.05 34.23 13.81
CA ALA D 229 7.88 34.41 15.24
C ALA D 229 9.11 34.06 16.10
N VAL D 230 10.07 33.33 15.55
CA VAL D 230 11.30 33.04 16.29
C VAL D 230 12.58 33.77 15.83
N THR D 231 12.46 34.69 14.89
CA THR D 231 13.64 35.39 14.31
C THR D 231 13.24 36.85 14.04
N ASP D 232 14.19 37.74 13.80
CA ASP D 232 13.87 39.12 13.43
C ASP D 232 14.12 39.33 11.93
N ARG D 233 14.73 38.31 11.31
CA ARG D 233 14.96 38.26 9.88
C ARG D 233 13.66 38.01 9.11
N ASP D 234 13.78 38.27 7.83
CA ASP D 234 12.75 38.06 6.82
C ASP D 234 12.78 36.60 6.36
N VAL D 235 11.70 35.84 6.54
CA VAL D 235 11.71 34.42 6.15
C VAL D 235 11.03 34.11 4.78
N SER D 236 11.67 33.29 3.95
CA SER D 236 11.02 32.76 2.73
C SER D 236 10.89 31.25 2.87
N VAL D 237 9.85 30.68 2.26
CA VAL D 237 9.53 29.25 2.40
C VAL D 237 9.22 28.77 1.02
N SER D 238 10.00 27.80 0.54
CA SER D 238 9.63 27.00 -0.64
C SER D 238 9.03 25.72 -0.06
N PHE D 239 7.73 25.53 -0.19
CA PHE D 239 7.11 24.35 0.39
C PHE D 239 6.51 23.48 -0.72
N THR D 240 6.91 22.20 -0.81
CA THR D 240 6.31 21.26 -1.76
C THR D 240 5.67 20.06 -1.04
N PRO D 241 4.33 19.95 -1.07
CA PRO D 241 3.71 18.78 -0.44
C PRO D 241 3.57 17.60 -1.47
N VAL D 242 3.77 16.36 -1.02
CA VAL D 242 3.80 15.18 -1.91
C VAL D 242 2.85 14.14 -1.32
N LEU D 243 1.78 13.79 -2.05
CA LEU D 243 0.90 12.71 -1.59
C LEU D 243 1.50 11.34 -1.87
N ILE D 244 1.41 10.47 -0.87
CA ILE D 244 1.93 9.11 -1.01
C ILE D 244 0.90 8.06 -0.63
N PRO D 245 1.16 6.81 -1.04
CA PRO D 245 0.21 5.74 -0.78
C PRO D 245 0.19 5.16 0.67
N ALA D 246 -0.05 6.00 1.68
CA ALA D 246 -0.20 5.54 3.07
C ALA D 246 -1.46 6.27 3.49
N SER D 247 -2.16 5.81 4.51
CA SER D 247 -3.27 6.68 4.88
C SER D 247 -2.92 7.83 5.85
N ARG D 248 -1.86 7.66 6.68
CA ARG D 248 -1.41 8.59 7.75
C ARG D 248 0.08 8.82 7.61
N GLY D 249 0.56 9.98 8.07
CA GLY D 249 2.01 10.19 8.30
C GLY D 249 2.46 11.37 7.48
N ILE D 250 3.27 12.23 8.08
CA ILE D 250 3.98 13.24 7.32
C ILE D 250 5.45 13.01 7.59
N LEU D 251 6.27 12.93 6.55
CA LEU D 251 7.73 12.97 6.69
C LEU D 251 8.23 14.27 6.01
N ALA D 252 8.66 15.26 6.81
CA ALA D 252 9.03 16.56 6.26
C ALA D 252 10.53 16.58 6.16
N THR D 253 11.05 16.77 4.95
CA THR D 253 12.46 17.03 4.74
C THR D 253 12.65 18.56 4.58
N CYS D 254 13.44 19.14 5.49
CA CYS D 254 13.52 20.62 5.63
C CYS D 254 14.99 21.02 5.59
N THR D 255 15.32 21.96 4.73
CA THR D 255 16.70 22.36 4.52
C THR D 255 16.81 23.91 4.55
N ALA D 256 17.97 24.42 4.95
CA ALA D 256 18.29 25.85 4.89
C ALA D 256 19.78 25.82 4.82
N ARG D 257 20.39 26.84 4.22
CA ARG D 257 21.84 27.02 4.24
C ARG D 257 22.39 27.33 5.65
N THR D 258 23.56 26.78 5.94
CA THR D 258 24.22 26.99 7.23
C THR D 258 25.74 27.04 7.10
N ARG D 259 26.39 27.65 8.08
CA ARG D 259 27.84 27.57 8.17
C ARG D 259 28.22 27.13 9.58
N SER D 260 27.19 26.74 10.36
CA SER D 260 27.35 26.32 11.72
C SER D 260 27.78 24.87 11.76
N PRO D 261 28.66 24.52 12.74
CA PRO D 261 29.00 23.12 12.90
C PRO D 261 27.77 22.35 13.42
N LEU D 262 27.73 21.08 13.10
CA LEU D 262 26.64 20.23 13.51
C LEU D 262 26.45 20.19 15.03
N SER D 263 27.57 20.17 15.76
CA SER D 263 27.58 20.09 17.23
C SER D 263 26.83 21.25 17.85
N GLN D 264 26.93 22.42 17.24
CA GLN D 264 26.15 23.61 17.63
C GLN D 264 24.61 23.55 17.30
N LEU D 265 24.28 23.08 16.10
CA LEU D 265 22.90 22.73 15.72
C LEU D 265 22.25 21.70 16.63
N ARG D 266 22.95 20.61 16.87
CA ARG D 266 22.47 19.53 17.76
C ARG D 266 22.14 20.07 19.12
N ALA D 267 23.04 20.88 19.66
CA ALA D 267 22.89 21.46 20.99
C ALA D 267 21.63 22.32 21.11
N ALA D 268 21.30 23.06 20.05
CA ALA D 268 20.07 23.89 19.98
C ALA D 268 18.78 23.09 19.98
N TYR D 269 18.80 21.95 19.30
CA TYR D 269 17.68 21.00 19.33
C TYR D 269 17.52 20.31 20.69
N GLU D 270 18.63 19.92 21.29
CA GLU D 270 18.59 19.31 22.63
C GLU D 270 18.06 20.30 23.61
N LYS D 271 18.59 21.51 23.57
CA LYS D 271 18.04 22.58 24.37
C LYS D 271 16.52 22.77 24.13
N ALA D 272 16.06 22.73 22.88
CA ALA D 272 14.65 22.93 22.59
C ALA D 272 13.80 21.76 23.05
N TYR D 273 14.27 20.55 22.83
CA TYR D 273 13.34 19.42 22.93
C TYR D 273 13.62 18.39 24.02
N HIS D 274 14.70 18.61 24.78
CA HIS D 274 15.23 17.58 25.69
C HIS D 274 14.23 17.22 26.78
N ALA D 275 13.37 18.16 27.10
CA ALA D 275 12.34 17.93 28.11
C ALA D 275 10.95 18.13 27.48
N GLU D 276 10.83 17.85 26.18
CA GLU D 276 9.51 17.89 25.53
C GLU D 276 9.00 16.44 25.38
N PRO D 277 7.90 16.08 26.08
CA PRO D 277 7.41 14.69 26.11
C PRO D 277 7.05 14.17 24.72
N PHE D 278 6.63 15.04 23.80
CA PHE D 278 6.21 14.58 22.48
C PHE D 278 7.26 14.73 21.42
N ILE D 279 8.43 15.28 21.73
CA ILE D 279 9.49 15.37 20.75
C ILE D 279 10.62 14.40 21.04
N TYR D 280 10.90 13.53 20.09
CA TYR D 280 12.01 12.63 20.25
C TYR D 280 13.09 13.02 19.23
N LEU D 281 14.15 13.63 19.72
CA LEU D 281 15.29 13.96 18.87
C LEU D 281 16.08 12.68 18.71
N MET D 282 16.19 12.17 17.48
CA MET D 282 16.80 10.84 17.22
C MET D 282 18.25 10.88 17.69
N PRO D 283 18.74 9.76 18.26
CA PRO D 283 20.15 9.60 18.54
C PRO D 283 20.92 9.71 17.24
N GLU D 284 22.10 10.35 17.27
CA GLU D 284 22.89 10.61 16.08
C GLU D 284 23.08 9.32 15.30
N GLY D 285 22.90 9.41 13.97
CA GLY D 285 22.86 8.23 13.13
C GLY D 285 21.52 7.50 12.97
N GLN D 286 20.51 7.86 13.76
CA GLN D 286 19.17 7.35 13.54
C GLN D 286 18.32 8.38 12.82
N LEU D 287 17.40 7.88 11.99
CA LEU D 287 16.50 8.70 11.22
C LEU D 287 15.06 8.29 11.51
N PRO D 288 14.14 9.26 11.45
CA PRO D 288 12.68 9.07 11.68
C PRO D 288 11.95 8.26 10.59
N ARG D 289 10.89 7.59 10.97
CA ARG D 289 10.02 6.95 9.99
C ARG D 289 8.59 7.18 10.47
N THR D 290 7.69 7.49 9.55
CA THR D 290 6.32 7.77 9.96
C THR D 290 5.68 6.55 10.61
N GLY D 291 6.07 5.34 10.19
CA GLY D 291 5.56 4.13 10.83
C GLY D 291 5.80 4.08 12.35
N ALA D 292 6.87 4.70 12.84
CA ALA D 292 7.19 4.70 14.27
C ALA D 292 6.28 5.65 15.08
N VAL D 293 5.65 6.64 14.43
CA VAL D 293 4.85 7.64 15.17
C VAL D 293 3.36 7.46 14.99
N ILE D 294 3.00 6.58 14.07
CA ILE D 294 1.62 6.40 13.73
C ILE D 294 0.70 6.04 14.88
N GLY D 295 -0.42 6.76 15.03
CA GLY D 295 -1.28 6.50 16.16
C GLY D 295 -0.77 7.13 17.48
N SER D 296 0.32 7.90 17.46
CA SER D 296 0.77 8.55 18.67
C SER D 296 0.82 10.05 18.46
N ASN D 297 0.98 10.79 19.55
CA ASN D 297 1.09 12.25 19.48
C ASN D 297 2.52 12.77 19.41
N ALA D 298 3.45 11.90 19.04
CA ALA D 298 4.90 12.26 18.92
C ALA D 298 5.38 12.73 17.54
N ALA D 299 6.49 13.46 17.55
CA ALA D 299 7.23 13.91 16.39
C ALA D 299 8.60 13.31 16.60
N HIS D 300 9.10 12.53 15.64
CA HIS D 300 10.54 12.15 15.59
C HIS D 300 11.36 12.99 14.62
N ILE D 301 12.44 13.56 15.15
CA ILE D 301 13.28 14.52 14.47
C ILE D 301 14.76 14.07 14.47
N ALA D 302 15.40 14.20 13.32
CA ALA D 302 16.86 14.06 13.18
C ALA D 302 17.36 15.34 12.47
N VAL D 303 18.60 15.72 12.73
CA VAL D 303 19.19 16.83 12.07
C VAL D 303 20.55 16.39 11.61
N ALA D 304 21.09 17.08 10.58
CA ALA D 304 22.43 16.78 10.09
C ALA D 304 22.89 18.01 9.30
N VAL D 305 24.17 18.04 8.96
CA VAL D 305 24.72 19.08 8.08
C VAL D 305 25.36 18.44 6.85
N ASP D 306 25.04 18.94 5.66
CA ASP D 306 25.67 18.50 4.43
C ASP D 306 26.77 19.53 4.20
N GLU D 307 27.99 19.21 4.60
CA GLU D 307 29.11 20.15 4.49
C GLU D 307 29.39 20.63 3.07
N ASP D 308 29.43 19.72 2.10
CA ASP D 308 29.71 20.07 0.70
C ASP D 308 28.69 21.04 0.12
N ALA D 309 27.41 20.89 0.49
CA ALA D 309 26.38 21.76 0.06
C ALA D 309 26.13 22.93 1.02
N GLN D 310 26.85 23.01 2.15
CA GLN D 310 26.58 24.07 3.17
C GLN D 310 25.10 24.14 3.54
N THR D 311 24.50 22.97 3.75
CA THR D 311 23.05 22.84 3.98
C THR D 311 22.73 22.07 5.28
N PHE D 312 21.90 22.67 6.10
CA PHE D 312 21.31 22.02 7.25
C PHE D 312 20.10 21.23 6.80
N VAL D 313 19.98 19.99 7.27
CA VAL D 313 18.90 19.11 6.92
C VAL D 313 18.26 18.66 8.22
N ALA D 314 16.95 18.77 8.29
CA ALA D 314 16.19 18.35 9.45
C ALA D 314 15.07 17.46 8.89
N ILE D 315 14.87 16.29 9.50
CA ILE D 315 13.80 15.38 9.10
C ILE D 315 12.78 15.26 10.25
N ALA D 316 11.51 15.50 9.97
CA ALA D 316 10.53 15.31 11.02
C ALA D 316 9.46 14.33 10.58
N ALA D 317 9.11 13.38 11.45
CA ALA D 317 8.01 12.48 11.22
C ALA D 317 6.91 12.66 12.29
N ILE D 318 5.64 12.76 11.84
CA ILE D 318 4.45 12.87 12.75
C ILE D 318 3.36 12.03 12.16
N ASP D 319 2.36 11.66 12.95
CA ASP D 319 1.06 11.26 12.44
C ASP D 319 0.26 12.53 12.11
N ASN D 320 -0.07 12.78 10.81
CA ASN D 320 -0.83 13.96 10.36
C ASN D 320 -2.17 14.13 11.06
N LEU D 321 -2.75 13.00 11.51
CA LEU D 321 -4.04 13.02 12.18
C LEU D 321 -3.88 13.13 13.71
N VAL D 322 -2.71 12.93 14.26
CA VAL D 322 -2.58 12.95 15.72
C VAL D 322 -1.82 14.24 16.06
N LYS D 323 -0.49 14.28 15.97
CA LYS D 323 0.23 15.50 16.37
C LYS D 323 -0.02 16.59 15.33
N GLY D 324 -0.34 16.19 14.10
CA GLY D 324 -0.62 17.15 13.05
C GLY D 324 -2.03 17.71 13.07
N THR D 325 -2.93 17.13 13.91
CA THR D 325 -4.38 17.54 13.91
C THR D 325 -5.11 17.33 15.25
N ALA D 326 -5.66 16.15 15.49
CA ALA D 326 -6.57 15.90 16.61
C ALA D 326 -5.81 15.74 17.92
N GLY D 327 -4.54 15.29 17.83
CA GLY D 327 -3.70 15.20 19.01
C GLY D 327 -3.28 16.57 19.52
N ALA D 328 -2.90 17.41 18.54
CA ALA D 328 -2.61 18.82 18.77
C ALA D 328 -3.82 19.46 19.44
N ALA D 329 -5.03 19.18 18.95
CA ALA D 329 -6.25 19.75 19.52
C ALA D 329 -6.52 19.33 20.96
N VAL D 330 -6.33 18.04 21.25
CA VAL D 330 -6.60 17.50 22.55
C VAL D 330 -5.50 17.91 23.54
N GLN D 331 -4.27 18.04 23.04
CA GLN D 331 -3.17 18.50 23.86
C GLN D 331 -3.38 19.96 24.32
N SER D 332 -3.87 20.78 23.40
CA SER D 332 -4.15 22.16 23.67
C SER D 332 -5.41 22.27 24.56
N MET D 333 -6.40 21.40 24.36
CA MET D 333 -7.59 21.32 25.20
C MET D 333 -7.19 21.04 26.67
N ASN D 334 -6.27 20.10 26.89
CA ASN D 334 -5.79 19.79 28.23
C ASN D 334 -5.18 21.07 28.89
N LEU D 335 -4.28 21.77 28.17
CA LEU D 335 -3.68 23.03 28.64
C LEU D 335 -4.75 24.07 28.98
N ALA D 336 -5.72 24.20 28.09
CA ALA D 336 -6.82 25.13 28.24
C ALA D 336 -7.64 24.80 29.46
N LEU D 337 -7.76 23.53 29.78
CA LEU D 337 -8.56 23.07 30.90
C LEU D 337 -7.80 22.95 32.24
N GLY D 338 -6.48 23.08 32.20
CA GLY D 338 -5.63 22.87 33.37
C GLY D 338 -5.40 21.41 33.76
N TRP D 339 -5.69 20.47 32.85
CA TRP D 339 -5.38 19.04 33.01
C TRP D 339 -3.92 18.71 32.54
N PRO D 340 -3.28 17.65 33.07
CA PRO D 340 -1.93 17.29 32.57
C PRO D 340 -1.87 17.29 31.03
N GLU D 341 -0.91 18.03 30.47
CA GLU D 341 -0.78 18.21 29.03
C GLU D 341 -0.83 16.88 28.19
N THR D 342 -0.31 15.78 28.75
CA THR D 342 -0.13 14.51 28.04
C THR D 342 -1.34 13.58 28.23
N ASP D 343 -2.37 14.02 28.98
CA ASP D 343 -3.54 13.15 29.15
C ASP D 343 -4.19 12.72 27.84
N GLY D 344 -4.43 11.43 27.71
CA GLY D 344 -5.07 10.91 26.49
C GLY D 344 -4.08 10.79 25.33
N LEU D 345 -2.80 11.09 25.55
CA LEU D 345 -1.90 11.21 24.41
C LEU D 345 -0.65 10.40 24.51
N SER D 346 -0.63 9.31 23.75
CA SER D 346 0.52 8.43 23.73
C SER D 346 1.70 8.94 22.91
N VAL D 347 2.89 8.63 23.41
CA VAL D 347 4.11 8.83 22.60
C VAL D 347 4.51 7.54 21.86
N VAL D 348 3.72 6.48 22.11
CA VAL D 348 4.00 5.18 21.56
C VAL D 348 3.21 4.89 20.26
N GLY D 349 3.95 4.77 19.16
CA GLY D 349 3.31 4.53 17.89
C GLY D 349 2.84 3.10 17.75
N VAL D 350 1.80 2.92 16.94
CA VAL D 350 1.25 1.60 16.69
C VAL D 350 1.98 1.01 15.47
N ALA D 351 3.14 0.39 15.67
CA ALA D 351 3.93 -0.12 14.53
C ALA D 351 4.03 -1.62 14.70
N PRO D 352 4.18 -2.42 13.59
CA PRO D 352 4.21 -2.04 12.19
C PRO D 352 2.80 -1.73 11.66
C1 BTB E . 14.27 -5.69 -35.41
O1 BTB E . 15.44 -6.51 -35.59
C2 BTB E . 14.70 -4.25 -35.64
C3 BTB E . 13.45 -3.38 -35.44
O3 BTB E . 13.68 -2.01 -35.83
C4 BTB E . 15.82 -3.94 -34.62
O4 BTB E . 15.38 -3.71 -33.28
N BTB E . 15.26 -4.20 -37.07
C5 BTB E . 14.32 -4.67 -38.13
C6 BTB E . 15.04 -5.51 -39.19
O6 BTB E . 15.37 -6.81 -38.70
C7 BTB E . 15.81 -2.88 -37.51
C8 BTB E . 17.33 -2.92 -37.62
O8 BTB E . 17.70 -4.29 -37.44
C1 BTB F . -1.32 -6.17 -37.75
O1 BTB F . -2.18 -5.45 -38.63
C2 BTB F . -1.72 -7.63 -37.84
C3 BTB F . -0.62 -8.41 -37.10
O3 BTB F . -0.99 -9.79 -36.94
C4 BTB F . -3.10 -7.75 -37.16
O4 BTB F . -2.95 -7.41 -35.78
N BTB F . -1.73 -7.94 -39.33
C5 BTB F . -0.39 -8.19 -39.94
C6 BTB F . -0.28 -7.76 -41.43
O6 BTB F . -1.01 -6.52 -41.69
C7 BTB F . -2.78 -8.90 -39.78
C8 BTB F . -3.78 -7.99 -40.46
O8 BTB F . -4.84 -8.78 -40.97
C1 BTB G . -4.04 -1.51 38.35
O1 BTB G . -3.13 -2.07 39.30
C2 BTB G . -5.38 -2.27 38.33
C3 BTB G . -6.31 -1.38 37.48
O3 BTB G . -7.66 -1.87 37.38
C4 BTB G . -5.20 -3.67 37.72
O4 BTB G . -4.53 -3.69 36.45
N BTB G . -5.87 -2.48 39.77
C5 BTB G . -6.48 -1.28 40.44
C6 BTB G . -5.54 -0.51 41.37
O6 BTB G . -4.85 -1.40 42.26
C7 BTB G . -6.89 -3.58 39.88
C8 BTB G . -6.35 -4.81 40.62
O8 BTB G . -5.05 -4.47 41.12
C1 BTB H . -8.98 12.71 34.82
O1 BTB H . -10.21 13.37 35.17
C2 BTB H . -7.81 13.62 35.12
C3 BTB H . -6.57 12.69 35.03
O3 BTB H . -5.34 13.45 35.04
C4 BTB H . -7.86 14.78 34.09
O4 BTB H . -7.59 14.37 32.71
N BTB H . -7.95 14.11 36.56
C5 BTB H . -7.84 13.00 37.55
C6 BTB H . -8.67 13.28 38.79
O6 BTB H . -10.09 13.21 38.53
C7 BTB H . -6.99 15.16 37.05
C8 BTB H . -7.55 16.59 37.02
O8 BTB H . -8.97 16.43 37.12
#